data_3D00
# 
_entry.id   3D00 
# 
_audit_conform.dict_name       mmcif_pdbx.dic 
_audit_conform.dict_version    5.398 
_audit_conform.dict_location   http://mmcif.pdb.org/dictionaries/ascii/mmcif_pdbx.dic 
# 
loop_
_database_2.database_id 
_database_2.database_code 
_database_2.pdbx_database_accession 
_database_2.pdbx_DOI 
PDB   3D00         pdb_00003d00 10.2210/pdb3d00/pdb 
RCSB  RCSB047419   ?            ?                   
WWPDB D_1000047419 ?            ?                   
# 
loop_
_pdbx_audit_revision_history.ordinal 
_pdbx_audit_revision_history.data_content_type 
_pdbx_audit_revision_history.major_revision 
_pdbx_audit_revision_history.minor_revision 
_pdbx_audit_revision_history.revision_date 
1 'Structure model' 1 0 2008-05-20 
2 'Structure model' 1 1 2011-07-13 
3 'Structure model' 1 2 2012-10-24 
4 'Structure model' 1 3 2017-10-25 
5 'Structure model' 1 4 2019-07-24 
6 'Structure model' 1 5 2023-02-01 
7 'Structure model' 1 6 2024-11-06 
# 
_pdbx_audit_revision_details.ordinal             1 
_pdbx_audit_revision_details.revision_ordinal    1 
_pdbx_audit_revision_details.data_content_type   'Structure model' 
_pdbx_audit_revision_details.provider            repository 
_pdbx_audit_revision_details.type                'Initial release' 
_pdbx_audit_revision_details.description         ? 
_pdbx_audit_revision_details.details             ? 
# 
loop_
_pdbx_audit_revision_group.ordinal 
_pdbx_audit_revision_group.revision_ordinal 
_pdbx_audit_revision_group.data_content_type 
_pdbx_audit_revision_group.group 
1  2 'Structure model' Advisory                     
2  2 'Structure model' 'Version format compliance'  
3  3 'Structure model' 'Database references'        
4  4 'Structure model' 'Author supporting evidence' 
5  4 'Structure model' 'Refinement description'     
6  5 'Structure model' 'Data collection'            
7  5 'Structure model' 'Derived calculations'       
8  5 'Structure model' 'Refinement description'     
9  6 'Structure model' 'Database references'        
10 6 'Structure model' 'Derived calculations'       
11 7 'Structure model' 'Data collection'            
12 7 'Structure model' 'Structure summary'          
# 
loop_
_pdbx_audit_revision_category.ordinal 
_pdbx_audit_revision_category.revision_ordinal 
_pdbx_audit_revision_category.data_content_type 
_pdbx_audit_revision_category.category 
1  4 'Structure model' pdbx_struct_assembly_auth_evidence 
2  4 'Structure model' software                           
3  5 'Structure model' software                           
4  5 'Structure model' struct_conn                        
5  6 'Structure model' database_2                         
6  6 'Structure model' struct_ref_seq_dif                 
7  6 'Structure model' struct_site                        
8  7 'Structure model' chem_comp_atom                     
9  7 'Structure model' chem_comp_bond                     
10 7 'Structure model' pdbx_entry_details                 
11 7 'Structure model' pdbx_modification_feature          
# 
loop_
_pdbx_audit_revision_item.ordinal 
_pdbx_audit_revision_item.revision_ordinal 
_pdbx_audit_revision_item.data_content_type 
_pdbx_audit_revision_item.item 
1  4 'Structure model' '_software.classification'                     
2  4 'Structure model' '_software.name'                               
3  5 'Structure model' '_software.classification'                     
4  5 'Structure model' '_software.contact_author'                     
5  5 'Structure model' '_software.contact_author_email'               
6  5 'Structure model' '_software.language'                           
7  5 'Structure model' '_software.location'                           
8  5 'Structure model' '_software.name'                               
9  5 'Structure model' '_software.type'                               
10 5 'Structure model' '_software.version'                            
11 5 'Structure model' '_struct_conn.pdbx_leaving_atom_flag'          
12 6 'Structure model' '_database_2.pdbx_DOI'                         
13 6 'Structure model' '_database_2.pdbx_database_accession'          
14 6 'Structure model' '_struct_ref_seq_dif.details'                  
15 6 'Structure model' '_struct_site.pdbx_auth_asym_id'               
16 6 'Structure model' '_struct_site.pdbx_auth_comp_id'               
17 6 'Structure model' '_struct_site.pdbx_auth_seq_id'                
18 7 'Structure model' '_pdbx_entry_details.has_protein_modification' 
# 
_pdbx_database_status.SG_entry                        Y 
_pdbx_database_status.entry_id                        3D00 
_pdbx_database_status.deposit_site                    RCSB 
_pdbx_database_status.process_site                    RCSB 
_pdbx_database_status.recvd_initial_deposition_date   2008-04-30 
_pdbx_database_status.status_code                     REL 
_pdbx_database_status.status_code_sf                  REL 
_pdbx_database_status.status_code_mr                  ? 
_pdbx_database_status.status_code_cs                  ? 
_pdbx_database_status.pdb_format_compatible           Y 
_pdbx_database_status.methods_development_category    ? 
_pdbx_database_status.status_code_nmr_data            ? 
# 
_pdbx_database_related.db_name        TargetDB 
_pdbx_database_related.db_id          383639 
_pdbx_database_related.details        . 
_pdbx_database_related.content_type   unspecified 
# 
_audit_author.name           'Joint Center for Structural Genomics (JCSG)' 
_audit_author.pdbx_ordinal   1 
# 
_citation.id                        primary 
_citation.title                     
;Structures of three members of Pfam PF02663 (FmdE) implicated in microbial methanogenesis reveal a conserved alpha+beta core domain and an auxiliary C-terminal treble-clef zinc finger.
;
_citation.journal_abbrev            'Acta Crystallogr.,Sect.F' 
_citation.journal_volume            66 
_citation.page_first                1335 
_citation.page_last                 1346 
_citation.year                      2010 
_citation.journal_id_ASTM           ? 
_citation.country                   DK 
_citation.journal_id_ISSN           1744-3091 
_citation.journal_id_CSD            ? 
_citation.book_publisher            ? 
_citation.pdbx_database_id_PubMed   20944230 
_citation.pdbx_database_id_DOI      10.1107/S1744309110020166 
# 
loop_
_citation_author.citation_id 
_citation_author.name 
_citation_author.ordinal 
_citation_author.identifier_ORCID 
primary 'Axelrod, H.L.'     1  ? 
primary 'Das, D.'           2  ? 
primary 'Abdubek, P.'       3  ? 
primary 'Astakhova, T.'     4  ? 
primary 'Bakolitsa, C.'     5  ? 
primary 'Carlton, D.'       6  ? 
primary 'Chen, C.'          7  ? 
primary 'Chiu, H.J.'        8  ? 
primary 'Clayton, T.'       9  ? 
primary 'Deller, M.C.'      10 ? 
primary 'Duan, L.'          11 ? 
primary 'Ellrott, K.'       12 ? 
primary 'Farr, C.L.'        13 ? 
primary 'Feuerhelm, J.'     14 ? 
primary 'Grant, J.C.'       15 ? 
primary 'Grzechnik, A.'     16 ? 
primary 'Han, G.W.'         17 ? 
primary 'Jaroszewski, L.'   18 ? 
primary 'Jin, K.K.'         19 ? 
primary 'Klock, H.E.'       20 ? 
primary 'Knuth, M.W.'       21 ? 
primary 'Kozbial, P.'       22 ? 
primary 'Krishna, S.S.'     23 ? 
primary 'Kumar, A.'         24 ? 
primary 'Lam, W.W.'         25 ? 
primary 'Marciano, D.'      26 ? 
primary 'McMullan, D.'      27 ? 
primary 'Miller, M.D.'      28 ? 
primary 'Morse, A.T.'       29 ? 
primary 'Nigoghossian, E.'  30 ? 
primary 'Nopakun, A.'       31 ? 
primary 'Okach, L.'         32 ? 
primary 'Puckett, C.'       33 ? 
primary 'Reyes, R.'         34 ? 
primary 'Sefcovic, N.'      35 ? 
primary 'Tien, H.J.'        36 ? 
primary 'Trame, C.B.'       37 ? 
primary 'van den Bedem, H.' 38 ? 
primary 'Weekes, D.'        39 ? 
primary 'Wooten, T.'        40 ? 
primary 'Xu, Q.'            41 ? 
primary 'Hodgson, K.O.'     42 ? 
primary 'Wooley, J.'        43 ? 
primary 'Elsliger, M.A.'    44 ? 
primary 'Deacon, A.M.'      45 ? 
primary 'Godzik, A.'        46 ? 
primary 'Lesley, S.A.'      47 ? 
primary 'Wilson, I.A.'      48 ? 
# 
loop_
_entity.id 
_entity.type 
_entity.src_method 
_entity.pdbx_description 
_entity.formula_weight 
_entity.pdbx_number_of_molecules 
_entity.pdbx_ec 
_entity.pdbx_mutation 
_entity.pdbx_fragment 
_entity.details 
1 polymer     man 'Tungsten formylmethanofuran dehydrogenase subunit E' 21697.605 1  ? ? ? ? 
2 non-polymer syn 'ZINC ION'                                            65.409    1  ? ? ? ? 
3 non-polymer syn 'CHLORIDE ION'                                        35.453    1  ? ? ? ? 
4 water       nat water                                                 18.015    42 ? ? ? ? 
# 
_entity_poly.entity_id                      1 
_entity_poly.type                           'polypeptide(L)' 
_entity_poly.nstd_linkage                   no 
_entity_poly.nstd_monomer                   yes 
_entity_poly.pdbx_seq_one_letter_code       
;G(MSE)TARNILSYSYEEYVEKITAFHGYPAPGVLIGGF(MSE)VDLAVKNLPEGILYDAICETRTCLPDAVQLLTPCTF
GNGWLTVLP(MSE)GLFAVSLYDKFTGEGVRVFLDVEK(MSE)GPWQEIRNWFLKLKTKKEQDSERLFKEIREAGPDILE
LRNVKLKPGFLEKKHKGKIVLCPQCREAYPAQDGELCLSCQGGSPYL
;
_entity_poly.pdbx_seq_one_letter_code_can   
;GMTARNILSYSYEEYVEKITAFHGYPAPGVLIGGFMVDLAVKNLPEGILYDAICETRTCLPDAVQLLTPCTFGNGWLTVL
PMGLFAVSLYDKFTGEGVRVFLDVEKMGPWQEIRNWFLKLKTKKEQDSERLFKEIREAGPDILELRNVKLKPGFLEKKHK
GKIVLCPQCREAYPAQDGELCLSCQGGSPYL
;
_entity_poly.pdbx_strand_id                 A 
_entity_poly.pdbx_target_identifier         383639 
# 
loop_
_pdbx_entity_nonpoly.entity_id 
_pdbx_entity_nonpoly.name 
_pdbx_entity_nonpoly.comp_id 
2 'ZINC ION'     ZN  
3 'CHLORIDE ION' CL  
4 water          HOH 
# 
loop_
_entity_poly_seq.entity_id 
_entity_poly_seq.num 
_entity_poly_seq.mon_id 
_entity_poly_seq.hetero 
1 1   GLY n 
1 2   MSE n 
1 3   THR n 
1 4   ALA n 
1 5   ARG n 
1 6   ASN n 
1 7   ILE n 
1 8   LEU n 
1 9   SER n 
1 10  TYR n 
1 11  SER n 
1 12  TYR n 
1 13  GLU n 
1 14  GLU n 
1 15  TYR n 
1 16  VAL n 
1 17  GLU n 
1 18  LYS n 
1 19  ILE n 
1 20  THR n 
1 21  ALA n 
1 22  PHE n 
1 23  HIS n 
1 24  GLY n 
1 25  TYR n 
1 26  PRO n 
1 27  ALA n 
1 28  PRO n 
1 29  GLY n 
1 30  VAL n 
1 31  LEU n 
1 32  ILE n 
1 33  GLY n 
1 34  GLY n 
1 35  PHE n 
1 36  MSE n 
1 37  VAL n 
1 38  ASP n 
1 39  LEU n 
1 40  ALA n 
1 41  VAL n 
1 42  LYS n 
1 43  ASN n 
1 44  LEU n 
1 45  PRO n 
1 46  GLU n 
1 47  GLY n 
1 48  ILE n 
1 49  LEU n 
1 50  TYR n 
1 51  ASP n 
1 52  ALA n 
1 53  ILE n 
1 54  CYS n 
1 55  GLU n 
1 56  THR n 
1 57  ARG n 
1 58  THR n 
1 59  CYS n 
1 60  LEU n 
1 61  PRO n 
1 62  ASP n 
1 63  ALA n 
1 64  VAL n 
1 65  GLN n 
1 66  LEU n 
1 67  LEU n 
1 68  THR n 
1 69  PRO n 
1 70  CYS n 
1 71  THR n 
1 72  PHE n 
1 73  GLY n 
1 74  ASN n 
1 75  GLY n 
1 76  TRP n 
1 77  LEU n 
1 78  THR n 
1 79  VAL n 
1 80  LEU n 
1 81  PRO n 
1 82  MSE n 
1 83  GLY n 
1 84  LEU n 
1 85  PHE n 
1 86  ALA n 
1 87  VAL n 
1 88  SER n 
1 89  LEU n 
1 90  TYR n 
1 91  ASP n 
1 92  LYS n 
1 93  PHE n 
1 94  THR n 
1 95  GLY n 
1 96  GLU n 
1 97  GLY n 
1 98  VAL n 
1 99  ARG n 
1 100 VAL n 
1 101 PHE n 
1 102 LEU n 
1 103 ASP n 
1 104 VAL n 
1 105 GLU n 
1 106 LYS n 
1 107 MSE n 
1 108 GLY n 
1 109 PRO n 
1 110 TRP n 
1 111 GLN n 
1 112 GLU n 
1 113 ILE n 
1 114 ARG n 
1 115 ASN n 
1 116 TRP n 
1 117 PHE n 
1 118 LEU n 
1 119 LYS n 
1 120 LEU n 
1 121 LYS n 
1 122 THR n 
1 123 LYS n 
1 124 LYS n 
1 125 GLU n 
1 126 GLN n 
1 127 ASP n 
1 128 SER n 
1 129 GLU n 
1 130 ARG n 
1 131 LEU n 
1 132 PHE n 
1 133 LYS n 
1 134 GLU n 
1 135 ILE n 
1 136 ARG n 
1 137 GLU n 
1 138 ALA n 
1 139 GLY n 
1 140 PRO n 
1 141 ASP n 
1 142 ILE n 
1 143 LEU n 
1 144 GLU n 
1 145 LEU n 
1 146 ARG n 
1 147 ASN n 
1 148 VAL n 
1 149 LYS n 
1 150 LEU n 
1 151 LYS n 
1 152 PRO n 
1 153 GLY n 
1 154 PHE n 
1 155 LEU n 
1 156 GLU n 
1 157 LYS n 
1 158 LYS n 
1 159 HIS n 
1 160 LYS n 
1 161 GLY n 
1 162 LYS n 
1 163 ILE n 
1 164 VAL n 
1 165 LEU n 
1 166 CYS n 
1 167 PRO n 
1 168 GLN n 
1 169 CYS n 
1 170 ARG n 
1 171 GLU n 
1 172 ALA n 
1 173 TYR n 
1 174 PRO n 
1 175 ALA n 
1 176 GLN n 
1 177 ASP n 
1 178 GLY n 
1 179 GLU n 
1 180 LEU n 
1 181 CYS n 
1 182 LEU n 
1 183 SER n 
1 184 CYS n 
1 185 GLN n 
1 186 GLY n 
1 187 GLY n 
1 188 SER n 
1 189 PRO n 
1 190 TYR n 
1 191 LEU n 
# 
_entity_src_gen.entity_id                          1 
_entity_src_gen.pdbx_src_id                        1 
_entity_src_gen.pdbx_alt_source_flag               sample 
_entity_src_gen.pdbx_seq_type                      ? 
_entity_src_gen.pdbx_beg_seq_num                   ? 
_entity_src_gen.pdbx_end_seq_num                   ? 
_entity_src_gen.gene_src_common_name               ? 
_entity_src_gen.gene_src_genus                     ? 
_entity_src_gen.pdbx_gene_src_gene                 'YP_460196.1, SYNAS_01490, SYN_00638' 
_entity_src_gen.gene_src_species                   ? 
_entity_src_gen.gene_src_strain                    SB 
_entity_src_gen.gene_src_tissue                    ? 
_entity_src_gen.gene_src_tissue_fraction           ? 
_entity_src_gen.gene_src_details                   ? 
_entity_src_gen.pdbx_gene_src_fragment             ? 
_entity_src_gen.pdbx_gene_src_scientific_name      'Syntrophus aciditrophicus' 
_entity_src_gen.pdbx_gene_src_ncbi_taxonomy_id     56780 
_entity_src_gen.pdbx_gene_src_variant              ? 
_entity_src_gen.pdbx_gene_src_cell_line            ? 
_entity_src_gen.pdbx_gene_src_atcc                 ? 
_entity_src_gen.pdbx_gene_src_organ                ? 
_entity_src_gen.pdbx_gene_src_organelle            ? 
_entity_src_gen.pdbx_gene_src_cell                 ? 
_entity_src_gen.pdbx_gene_src_cellular_location    ? 
_entity_src_gen.host_org_common_name               ? 
_entity_src_gen.pdbx_host_org_scientific_name      'Escherichia coli' 
_entity_src_gen.pdbx_host_org_ncbi_taxonomy_id     562 
_entity_src_gen.host_org_genus                     ? 
_entity_src_gen.pdbx_host_org_gene                 ? 
_entity_src_gen.pdbx_host_org_organ                ? 
_entity_src_gen.host_org_species                   ? 
_entity_src_gen.pdbx_host_org_tissue               ? 
_entity_src_gen.pdbx_host_org_tissue_fraction      ? 
_entity_src_gen.pdbx_host_org_strain               HK100 
_entity_src_gen.pdbx_host_org_variant              ? 
_entity_src_gen.pdbx_host_org_cell_line            ? 
_entity_src_gen.pdbx_host_org_atcc                 ? 
_entity_src_gen.pdbx_host_org_culture_collection   ? 
_entity_src_gen.pdbx_host_org_cell                 ? 
_entity_src_gen.pdbx_host_org_organelle            ? 
_entity_src_gen.pdbx_host_org_cellular_location    ? 
_entity_src_gen.pdbx_host_org_vector_type          Plasmid 
_entity_src_gen.pdbx_host_org_vector               ? 
_entity_src_gen.host_org_details                   ? 
_entity_src_gen.expression_system_id               ? 
_entity_src_gen.plasmid_name                       SpeedET 
_entity_src_gen.plasmid_details                    ? 
_entity_src_gen.pdbx_description                   ? 
# 
loop_
_chem_comp.id 
_chem_comp.type 
_chem_comp.mon_nstd_flag 
_chem_comp.name 
_chem_comp.pdbx_synonyms 
_chem_comp.formula 
_chem_comp.formula_weight 
ALA 'L-peptide linking' y ALANINE          ? 'C3 H7 N O2'     89.093  
ARG 'L-peptide linking' y ARGININE         ? 'C6 H15 N4 O2 1' 175.209 
ASN 'L-peptide linking' y ASPARAGINE       ? 'C4 H8 N2 O3'    132.118 
ASP 'L-peptide linking' y 'ASPARTIC ACID'  ? 'C4 H7 N O4'     133.103 
CL  non-polymer         . 'CHLORIDE ION'   ? 'Cl -1'          35.453  
CYS 'L-peptide linking' y CYSTEINE         ? 'C3 H7 N O2 S'   121.158 
GLN 'L-peptide linking' y GLUTAMINE        ? 'C5 H10 N2 O3'   146.144 
GLU 'L-peptide linking' y 'GLUTAMIC ACID'  ? 'C5 H9 N O4'     147.129 
GLY 'peptide linking'   y GLYCINE          ? 'C2 H5 N O2'     75.067  
HIS 'L-peptide linking' y HISTIDINE        ? 'C6 H10 N3 O2 1' 156.162 
HOH non-polymer         . WATER            ? 'H2 O'           18.015  
ILE 'L-peptide linking' y ISOLEUCINE       ? 'C6 H13 N O2'    131.173 
LEU 'L-peptide linking' y LEUCINE          ? 'C6 H13 N O2'    131.173 
LYS 'L-peptide linking' y LYSINE           ? 'C6 H15 N2 O2 1' 147.195 
MSE 'L-peptide linking' n SELENOMETHIONINE ? 'C5 H11 N O2 Se' 196.106 
PHE 'L-peptide linking' y PHENYLALANINE    ? 'C9 H11 N O2'    165.189 
PRO 'L-peptide linking' y PROLINE          ? 'C5 H9 N O2'     115.130 
SER 'L-peptide linking' y SERINE           ? 'C3 H7 N O3'     105.093 
THR 'L-peptide linking' y THREONINE        ? 'C4 H9 N O3'     119.119 
TRP 'L-peptide linking' y TRYPTOPHAN       ? 'C11 H12 N2 O2'  204.225 
TYR 'L-peptide linking' y TYROSINE         ? 'C9 H11 N O3'    181.189 
VAL 'L-peptide linking' y VALINE           ? 'C5 H11 N O2'    117.146 
ZN  non-polymer         . 'ZINC ION'       ? 'Zn 2'           65.409  
# 
loop_
_pdbx_poly_seq_scheme.asym_id 
_pdbx_poly_seq_scheme.entity_id 
_pdbx_poly_seq_scheme.seq_id 
_pdbx_poly_seq_scheme.mon_id 
_pdbx_poly_seq_scheme.ndb_seq_num 
_pdbx_poly_seq_scheme.pdb_seq_num 
_pdbx_poly_seq_scheme.auth_seq_num 
_pdbx_poly_seq_scheme.pdb_mon_id 
_pdbx_poly_seq_scheme.auth_mon_id 
_pdbx_poly_seq_scheme.pdb_strand_id 
_pdbx_poly_seq_scheme.pdb_ins_code 
_pdbx_poly_seq_scheme.hetero 
A 1 1   GLY 1   0   ?   ?   ?   A . n 
A 1 2   MSE 2   1   1   MSE MSE A . n 
A 1 3   THR 3   2   2   THR THR A . n 
A 1 4   ALA 4   3   3   ALA ALA A . n 
A 1 5   ARG 5   4   4   ARG ARG A . n 
A 1 6   ASN 6   5   5   ASN ASN A . n 
A 1 7   ILE 7   6   6   ILE ILE A . n 
A 1 8   LEU 8   7   7   LEU LEU A . n 
A 1 9   SER 9   8   8   SER SER A . n 
A 1 10  TYR 10  9   9   TYR TYR A . n 
A 1 11  SER 11  10  10  SER SER A . n 
A 1 12  TYR 12  11  11  TYR TYR A . n 
A 1 13  GLU 13  12  12  GLU GLU A . n 
A 1 14  GLU 14  13  13  GLU GLU A . n 
A 1 15  TYR 15  14  14  TYR TYR A . n 
A 1 16  VAL 16  15  15  VAL VAL A . n 
A 1 17  GLU 17  16  16  GLU GLU A . n 
A 1 18  LYS 18  17  17  LYS LYS A . n 
A 1 19  ILE 19  18  18  ILE ILE A . n 
A 1 20  THR 20  19  19  THR THR A . n 
A 1 21  ALA 21  20  20  ALA ALA A . n 
A 1 22  PHE 22  21  21  PHE PHE A . n 
A 1 23  HIS 23  22  22  HIS HIS A . n 
A 1 24  GLY 24  23  23  GLY GLY A . n 
A 1 25  TYR 25  24  24  TYR TYR A . n 
A 1 26  PRO 26  25  25  PRO PRO A . n 
A 1 27  ALA 27  26  26  ALA ALA A . n 
A 1 28  PRO 28  27  27  PRO PRO A . n 
A 1 29  GLY 29  28  28  GLY GLY A . n 
A 1 30  VAL 30  29  29  VAL VAL A . n 
A 1 31  LEU 31  30  30  LEU LEU A . n 
A 1 32  ILE 32  31  31  ILE ILE A . n 
A 1 33  GLY 33  32  32  GLY GLY A . n 
A 1 34  GLY 34  33  33  GLY GLY A . n 
A 1 35  PHE 35  34  34  PHE PHE A . n 
A 1 36  MSE 36  35  35  MSE MSE A . n 
A 1 37  VAL 37  36  36  VAL VAL A . n 
A 1 38  ASP 38  37  37  ASP ASP A . n 
A 1 39  LEU 39  38  38  LEU LEU A . n 
A 1 40  ALA 40  39  39  ALA ALA A . n 
A 1 41  VAL 41  40  40  VAL VAL A . n 
A 1 42  LYS 42  41  41  LYS LYS A . n 
A 1 43  ASN 43  42  42  ASN ASN A . n 
A 1 44  LEU 44  43  43  LEU LEU A . n 
A 1 45  PRO 45  44  44  PRO PRO A . n 
A 1 46  GLU 46  45  45  GLU GLU A . n 
A 1 47  GLY 47  46  46  GLY GLY A . n 
A 1 48  ILE 48  47  47  ILE ILE A . n 
A 1 49  LEU 49  48  48  LEU LEU A . n 
A 1 50  TYR 50  49  49  TYR TYR A . n 
A 1 51  ASP 51  50  50  ASP ASP A . n 
A 1 52  ALA 52  51  51  ALA ALA A . n 
A 1 53  ILE 53  52  52  ILE ILE A . n 
A 1 54  CYS 54  53  53  CYS CYS A . n 
A 1 55  GLU 55  54  54  GLU GLU A . n 
A 1 56  THR 56  55  55  THR THR A . n 
A 1 57  ARG 57  56  56  ARG ARG A . n 
A 1 58  THR 58  57  57  THR THR A . n 
A 1 59  CYS 59  58  58  CYS CYS A . n 
A 1 60  LEU 60  59  59  LEU LEU A . n 
A 1 61  PRO 61  60  60  PRO PRO A . n 
A 1 62  ASP 62  61  61  ASP ASP A . n 
A 1 63  ALA 63  62  62  ALA ALA A . n 
A 1 64  VAL 64  63  63  VAL VAL A . n 
A 1 65  GLN 65  64  64  GLN GLN A . n 
A 1 66  LEU 66  65  65  LEU LEU A . n 
A 1 67  LEU 67  66  66  LEU LEU A . n 
A 1 68  THR 68  67  67  THR THR A . n 
A 1 69  PRO 69  68  68  PRO PRO A . n 
A 1 70  CYS 70  69  69  CYS CYS A . n 
A 1 71  THR 71  70  70  THR THR A . n 
A 1 72  PHE 72  71  71  PHE PHE A . n 
A 1 73  GLY 73  72  72  GLY GLY A . n 
A 1 74  ASN 74  73  73  ASN ASN A . n 
A 1 75  GLY 75  74  74  GLY GLY A . n 
A 1 76  TRP 76  75  75  TRP TRP A . n 
A 1 77  LEU 77  76  76  LEU LEU A . n 
A 1 78  THR 78  77  77  THR THR A . n 
A 1 79  VAL 79  78  78  VAL VAL A . n 
A 1 80  LEU 80  79  79  LEU LEU A . n 
A 1 81  PRO 81  80  80  PRO PRO A . n 
A 1 82  MSE 82  81  81  MSE MSE A . n 
A 1 83  GLY 83  82  82  GLY GLY A . n 
A 1 84  LEU 84  83  83  LEU LEU A . n 
A 1 85  PHE 85  84  84  PHE PHE A . n 
A 1 86  ALA 86  85  85  ALA ALA A . n 
A 1 87  VAL 87  86  86  VAL VAL A . n 
A 1 88  SER 88  87  87  SER SER A . n 
A 1 89  LEU 89  88  88  LEU LEU A . n 
A 1 90  TYR 90  89  89  TYR TYR A . n 
A 1 91  ASP 91  90  90  ASP ASP A . n 
A 1 92  LYS 92  91  91  LYS LYS A . n 
A 1 93  PHE 93  92  92  PHE PHE A . n 
A 1 94  THR 94  93  93  THR THR A . n 
A 1 95  GLY 95  94  94  GLY GLY A . n 
A 1 96  GLU 96  95  95  GLU GLU A . n 
A 1 97  GLY 97  96  96  GLY GLY A . n 
A 1 98  VAL 98  97  97  VAL VAL A . n 
A 1 99  ARG 99  98  98  ARG ARG A . n 
A 1 100 VAL 100 99  99  VAL VAL A . n 
A 1 101 PHE 101 100 100 PHE PHE A . n 
A 1 102 LEU 102 101 101 LEU LEU A . n 
A 1 103 ASP 103 102 102 ASP ASP A . n 
A 1 104 VAL 104 103 103 VAL VAL A . n 
A 1 105 GLU 105 104 104 GLU GLU A . n 
A 1 106 LYS 106 105 105 LYS LYS A . n 
A 1 107 MSE 107 106 106 MSE MSE A . n 
A 1 108 GLY 108 107 107 GLY GLY A . n 
A 1 109 PRO 109 108 108 PRO PRO A . n 
A 1 110 TRP 110 109 109 TRP TRP A . n 
A 1 111 GLN 111 110 110 GLN GLN A . n 
A 1 112 GLU 112 111 111 GLU GLU A . n 
A 1 113 ILE 113 112 112 ILE ILE A . n 
A 1 114 ARG 114 113 113 ARG ARG A . n 
A 1 115 ASN 115 114 114 ASN ASN A . n 
A 1 116 TRP 116 115 115 TRP TRP A . n 
A 1 117 PHE 117 116 116 PHE PHE A . n 
A 1 118 LEU 118 117 117 LEU LEU A . n 
A 1 119 LYS 119 118 118 LYS LYS A . n 
A 1 120 LEU 120 119 119 LEU LEU A . n 
A 1 121 LYS 121 120 120 LYS LYS A . n 
A 1 122 THR 122 121 ?   ?   ?   A . n 
A 1 123 LYS 123 122 ?   ?   ?   A . n 
A 1 124 LYS 124 123 ?   ?   ?   A . n 
A 1 125 GLU 125 124 ?   ?   ?   A . n 
A 1 126 GLN 126 125 ?   ?   ?   A . n 
A 1 127 ASP 127 126 ?   ?   ?   A . n 
A 1 128 SER 128 127 127 SER SER A . n 
A 1 129 GLU 129 128 128 GLU GLU A . n 
A 1 130 ARG 130 129 129 ARG ARG A . n 
A 1 131 LEU 131 130 130 LEU LEU A . n 
A 1 132 PHE 132 131 131 PHE PHE A . n 
A 1 133 LYS 133 132 132 LYS LYS A . n 
A 1 134 GLU 134 133 133 GLU GLU A . n 
A 1 135 ILE 135 134 134 ILE ILE A . n 
A 1 136 ARG 136 135 135 ARG ARG A . n 
A 1 137 GLU 137 136 136 GLU GLU A . n 
A 1 138 ALA 138 137 137 ALA ALA A . n 
A 1 139 GLY 139 138 138 GLY GLY A . n 
A 1 140 PRO 140 139 139 PRO PRO A . n 
A 1 141 ASP 141 140 140 ASP ASP A . n 
A 1 142 ILE 142 141 141 ILE ILE A . n 
A 1 143 LEU 143 142 142 LEU LEU A . n 
A 1 144 GLU 144 143 143 GLU GLU A . n 
A 1 145 LEU 145 144 144 LEU LEU A . n 
A 1 146 ARG 146 145 145 ARG ARG A . n 
A 1 147 ASN 147 146 146 ASN ASN A . n 
A 1 148 VAL 148 147 147 VAL VAL A . n 
A 1 149 LYS 149 148 148 LYS LYS A . n 
A 1 150 LEU 150 149 149 LEU LEU A . n 
A 1 151 LYS 151 150 150 LYS LYS A . n 
A 1 152 PRO 152 151 151 PRO PRO A . n 
A 1 153 GLY 153 152 152 GLY GLY A . n 
A 1 154 PHE 154 153 153 PHE PHE A . n 
A 1 155 LEU 155 154 154 LEU LEU A . n 
A 1 156 GLU 156 155 155 GLU GLU A . n 
A 1 157 LYS 157 156 156 LYS LYS A . n 
A 1 158 LYS 158 157 157 LYS LYS A . n 
A 1 159 HIS 159 158 158 HIS HIS A . n 
A 1 160 LYS 160 159 159 LYS LYS A . n 
A 1 161 GLY 161 160 160 GLY GLY A . n 
A 1 162 LYS 162 161 161 LYS LYS A . n 
A 1 163 ILE 163 162 162 ILE ILE A . n 
A 1 164 VAL 164 163 163 VAL VAL A . n 
A 1 165 LEU 165 164 164 LEU LEU A . n 
A 1 166 CYS 166 165 165 CYS CYS A . n 
A 1 167 PRO 167 166 166 PRO PRO A . n 
A 1 168 GLN 168 167 167 GLN GLN A . n 
A 1 169 CYS 169 168 168 CYS CYS A . n 
A 1 170 ARG 170 169 169 ARG ARG A . n 
A 1 171 GLU 171 170 170 GLU GLU A . n 
A 1 172 ALA 172 171 171 ALA ALA A . n 
A 1 173 TYR 173 172 172 TYR TYR A . n 
A 1 174 PRO 174 173 173 PRO PRO A . n 
A 1 175 ALA 175 174 174 ALA ALA A . n 
A 1 176 GLN 176 175 175 GLN GLN A . n 
A 1 177 ASP 177 176 176 ASP ASP A . n 
A 1 178 GLY 178 177 177 GLY GLY A . n 
A 1 179 GLU 179 178 178 GLU GLU A . n 
A 1 180 LEU 180 179 179 LEU LEU A . n 
A 1 181 CYS 181 180 180 CYS CYS A . n 
A 1 182 LEU 182 181 181 LEU LEU A . n 
A 1 183 SER 183 182 182 SER SER A . n 
A 1 184 CYS 184 183 183 CYS CYS A . n 
A 1 185 GLN 185 184 184 GLN GLN A . n 
A 1 186 GLY 186 185 185 GLY GLY A . n 
A 1 187 GLY 187 186 186 GLY GLY A . n 
A 1 188 SER 188 187 187 SER SER A . n 
A 1 189 PRO 189 188 188 PRO PRO A . n 
A 1 190 TYR 190 189 189 TYR TYR A . n 
A 1 191 LEU 191 190 190 LEU LEU A . n 
# 
loop_
_pdbx_nonpoly_scheme.asym_id 
_pdbx_nonpoly_scheme.entity_id 
_pdbx_nonpoly_scheme.mon_id 
_pdbx_nonpoly_scheme.ndb_seq_num 
_pdbx_nonpoly_scheme.pdb_seq_num 
_pdbx_nonpoly_scheme.auth_seq_num 
_pdbx_nonpoly_scheme.pdb_mon_id 
_pdbx_nonpoly_scheme.auth_mon_id 
_pdbx_nonpoly_scheme.pdb_strand_id 
_pdbx_nonpoly_scheme.pdb_ins_code 
B 2 ZN  1  200 200 ZN  ZN  A . 
C 3 CL  1  201 1   CL  CL  A . 
D 4 HOH 1  202 2   HOH HOH A . 
D 4 HOH 2  203 3   HOH HOH A . 
D 4 HOH 3  204 4   HOH HOH A . 
D 4 HOH 4  205 5   HOH HOH A . 
D 4 HOH 5  206 6   HOH HOH A . 
D 4 HOH 6  207 7   HOH HOH A . 
D 4 HOH 7  208 8   HOH HOH A . 
D 4 HOH 8  209 9   HOH HOH A . 
D 4 HOH 9  210 10  HOH HOH A . 
D 4 HOH 10 211 11  HOH HOH A . 
D 4 HOH 11 212 12  HOH HOH A . 
D 4 HOH 12 213 13  HOH HOH A . 
D 4 HOH 13 214 14  HOH HOH A . 
D 4 HOH 14 215 15  HOH HOH A . 
D 4 HOH 15 216 16  HOH HOH A . 
D 4 HOH 16 217 17  HOH HOH A . 
D 4 HOH 17 218 18  HOH HOH A . 
D 4 HOH 18 219 19  HOH HOH A . 
D 4 HOH 19 220 20  HOH HOH A . 
D 4 HOH 20 221 21  HOH HOH A . 
D 4 HOH 21 222 22  HOH HOH A . 
D 4 HOH 22 223 23  HOH HOH A . 
D 4 HOH 23 224 24  HOH HOH A . 
D 4 HOH 24 225 25  HOH HOH A . 
D 4 HOH 25 226 26  HOH HOH A . 
D 4 HOH 26 227 27  HOH HOH A . 
D 4 HOH 27 228 28  HOH HOH A . 
D 4 HOH 28 229 29  HOH HOH A . 
D 4 HOH 29 230 30  HOH HOH A . 
D 4 HOH 30 231 31  HOH HOH A . 
D 4 HOH 31 232 32  HOH HOH A . 
D 4 HOH 32 233 33  HOH HOH A . 
D 4 HOH 33 234 34  HOH HOH A . 
D 4 HOH 34 235 35  HOH HOH A . 
D 4 HOH 35 236 36  HOH HOH A . 
D 4 HOH 36 237 37  HOH HOH A . 
D 4 HOH 37 238 38  HOH HOH A . 
D 4 HOH 38 239 39  HOH HOH A . 
D 4 HOH 39 240 40  HOH HOH A . 
D 4 HOH 40 241 41  HOH HOH A . 
D 4 HOH 41 242 42  HOH HOH A . 
D 4 HOH 42 243 43  HOH HOH A . 
# 
loop_
_pdbx_unobs_or_zero_occ_atoms.id 
_pdbx_unobs_or_zero_occ_atoms.PDB_model_num 
_pdbx_unobs_or_zero_occ_atoms.polymer_flag 
_pdbx_unobs_or_zero_occ_atoms.occupancy_flag 
_pdbx_unobs_or_zero_occ_atoms.auth_asym_id 
_pdbx_unobs_or_zero_occ_atoms.auth_comp_id 
_pdbx_unobs_or_zero_occ_atoms.auth_seq_id 
_pdbx_unobs_or_zero_occ_atoms.PDB_ins_code 
_pdbx_unobs_or_zero_occ_atoms.auth_atom_id 
_pdbx_unobs_or_zero_occ_atoms.label_alt_id 
_pdbx_unobs_or_zero_occ_atoms.label_asym_id 
_pdbx_unobs_or_zero_occ_atoms.label_comp_id 
_pdbx_unobs_or_zero_occ_atoms.label_seq_id 
_pdbx_unobs_or_zero_occ_atoms.label_atom_id 
1  1 Y 1 A GLU 16  ? CB  ? A GLU 17  CB  
2  1 Y 1 A GLU 16  ? CG  ? A GLU 17  CG  
3  1 Y 1 A GLU 16  ? CD  ? A GLU 17  CD  
4  1 Y 1 A GLU 16  ? OE1 ? A GLU 17  OE1 
5  1 Y 1 A GLU 16  ? OE2 ? A GLU 17  OE2 
6  1 Y 1 A LYS 17  ? CD  ? A LYS 18  CD  
7  1 Y 1 A LYS 17  ? CE  ? A LYS 18  CE  
8  1 Y 1 A LYS 17  ? NZ  ? A LYS 18  NZ  
9  1 Y 1 A LEU 48  ? CG  ? A LEU 49  CG  
10 1 Y 1 A LEU 48  ? CD1 ? A LEU 49  CD1 
11 1 Y 1 A LEU 48  ? CD2 ? A LEU 49  CD2 
12 1 Y 1 A ARG 56  ? NE  ? A ARG 57  NE  
13 1 Y 1 A ARG 56  ? CZ  ? A ARG 57  CZ  
14 1 Y 1 A ARG 56  ? NH1 ? A ARG 57  NH1 
15 1 Y 1 A ARG 56  ? NH2 ? A ARG 57  NH2 
16 1 Y 1 A GLU 95  ? CD  ? A GLU 96  CD  
17 1 Y 1 A GLU 95  ? OE1 ? A GLU 96  OE1 
18 1 Y 1 A GLU 95  ? OE2 ? A GLU 96  OE2 
19 1 Y 1 A LYS 105 ? CD  ? A LYS 106 CD  
20 1 Y 1 A LYS 105 ? CE  ? A LYS 106 CE  
21 1 Y 1 A LYS 105 ? NZ  ? A LYS 106 NZ  
22 1 Y 1 A GLN 110 ? OE1 ? A GLN 111 OE1 
23 1 Y 1 A GLN 110 ? NE2 ? A GLN 111 NE2 
24 1 Y 1 A LYS 118 ? CE  ? A LYS 119 CE  
25 1 Y 1 A LYS 118 ? NZ  ? A LYS 119 NZ  
26 1 Y 1 A LYS 120 ? CE  ? A LYS 121 CE  
27 1 Y 1 A LYS 120 ? NZ  ? A LYS 121 NZ  
28 1 Y 1 A GLU 128 ? CG  ? A GLU 129 CG  
29 1 Y 1 A GLU 128 ? CD  ? A GLU 129 CD  
30 1 Y 1 A GLU 128 ? OE1 ? A GLU 129 OE1 
31 1 Y 1 A GLU 128 ? OE2 ? A GLU 129 OE2 
32 1 Y 1 A ARG 129 ? CD  ? A ARG 130 CD  
33 1 Y 1 A ARG 129 ? NE  ? A ARG 130 NE  
34 1 Y 1 A ARG 129 ? CZ  ? A ARG 130 CZ  
35 1 Y 1 A ARG 129 ? NH1 ? A ARG 130 NH1 
36 1 Y 1 A ARG 129 ? NH2 ? A ARG 130 NH2 
37 1 Y 1 A LYS 132 ? CG  ? A LYS 133 CG  
38 1 Y 1 A LYS 132 ? CD  ? A LYS 133 CD  
39 1 Y 1 A LYS 132 ? CE  ? A LYS 133 CE  
40 1 Y 1 A LYS 132 ? NZ  ? A LYS 133 NZ  
41 1 Y 1 A GLU 136 ? CG  ? A GLU 137 CG  
42 1 Y 1 A GLU 136 ? CD  ? A GLU 137 CD  
43 1 Y 1 A GLU 136 ? OE1 ? A GLU 137 OE1 
44 1 Y 1 A GLU 136 ? OE2 ? A GLU 137 OE2 
45 1 Y 1 A LYS 148 ? CD  ? A LYS 149 CD  
46 1 Y 1 A LYS 148 ? CE  ? A LYS 149 CE  
47 1 Y 1 A LYS 148 ? NZ  ? A LYS 149 NZ  
48 1 Y 1 A LYS 150 ? NZ  ? A LYS 151 NZ  
49 1 Y 1 A GLU 155 ? CD  ? A GLU 156 CD  
50 1 Y 1 A GLU 155 ? OE1 ? A GLU 156 OE1 
51 1 Y 1 A GLU 155 ? OE2 ? A GLU 156 OE2 
52 1 Y 1 A LYS 156 ? NZ  ? A LYS 157 NZ  
53 1 Y 1 A LYS 157 ? CG  ? A LYS 158 CG  
54 1 Y 1 A LYS 157 ? CD  ? A LYS 158 CD  
55 1 Y 1 A LYS 157 ? CE  ? A LYS 158 CE  
56 1 Y 1 A LYS 157 ? NZ  ? A LYS 158 NZ  
57 1 Y 1 A HIS 158 ? CG  ? A HIS 159 CG  
58 1 Y 1 A HIS 158 ? ND1 ? A HIS 159 ND1 
59 1 Y 1 A HIS 158 ? CD2 ? A HIS 159 CD2 
60 1 Y 1 A HIS 158 ? CE1 ? A HIS 159 CE1 
61 1 Y 1 A HIS 158 ? NE2 ? A HIS 159 NE2 
62 1 Y 1 A LYS 159 ? CG  ? A LYS 160 CG  
63 1 Y 1 A LYS 159 ? CD  ? A LYS 160 CD  
64 1 Y 1 A LYS 159 ? CE  ? A LYS 160 CE  
65 1 Y 1 A LYS 159 ? NZ  ? A LYS 160 NZ  
66 1 Y 1 A LYS 161 ? CE  ? A LYS 162 CE  
67 1 Y 1 A LYS 161 ? NZ  ? A LYS 162 NZ  
# 
loop_
_software.name 
_software.version 
_software.date 
_software.type 
_software.contact_author 
_software.contact_author_email 
_software.classification 
_software.location 
_software.language 
_software.citation_id 
_software.pdbx_ordinal 
REFMAC      5.2.0019 ?                    program 'Murshudov, G.N.'            ccp4@dl.ac.uk                        refinement 
http://www.ccp4.ac.uk/main.html              Fortran_77 ? 1  
PHENIX      .        ?                    package 'P.D. Adams'                 PDAdams@lbl.gov                      refinement 
http://www.phenix-online.org/                C++        ? 2  
SHELX       .        ?                    package 'George Sheldrick'           gsheldr@shelx.uni-ac.gwdg.de         phasing 
http://shelx.uni-ac.gwdg.de/SHELX/           Fortran_77 ? 3  
MolProbity  3beta29  ?                    package 'D.C. & J.S. Richardson lab' molprobity@kinemage.biochem.duke.edu 
'model building'  http://kinemage.biochem.duke.edu/molprobity/ ?          ? 4  
SCALA       .        ?                    other   'Phil Evans'                 pre@mrc-lmb.cam.ac.uk                'data scaling' 
http://www.ccp4.ac.uk/dist/html/INDEX.html   Fortran_77 ? 5  
PDB_EXTRACT 3.004    'September 10, 2007' package PDB                          sw-help@rcsb.rutgers.edu             
'data extraction' http://pdb.rutgers.edu/software/             C++        ? 6  
MAR345      CCD      ?                    ?       ?                            ?                                    
'data collection' ?                                            ?          ? 7  
MOSFLM      .        ?                    ?       ?                            ?                                    
'data reduction'  ?                                            ?          ? 8  
SHELXD      .        ?                    ?       ?                            ?                                    phasing ? ? ? 
9  
autoSHARP   .        ?                    ?       ?                            ?                                    phasing ? ? ? 
10 
# 
_cell.entry_id           3D00 
_cell.length_a           54.356 
_cell.length_b           54.356 
_cell.length_c           136.719 
_cell.angle_alpha        90.000 
_cell.angle_beta         90.000 
_cell.angle_gamma        90.000 
_cell.pdbx_unique_axis   ? 
_cell.Z_PDB              8 
_cell.length_a_esd       ? 
_cell.length_b_esd       ? 
_cell.length_c_esd       ? 
_cell.angle_alpha_esd    ? 
_cell.angle_beta_esd     ? 
_cell.angle_gamma_esd    ? 
# 
_symmetry.entry_id                         3D00 
_symmetry.Int_Tables_number                92 
_symmetry.space_group_name_H-M             'P 41 21 2' 
_symmetry.pdbx_full_space_group_name_H-M   ? 
_symmetry.cell_setting                     ? 
_symmetry.space_group_name_Hall            ? 
# 
_exptl.crystals_number   1 
_exptl.method            'X-RAY DIFFRACTION' 
_exptl.entry_id          3D00 
# 
_exptl_crystal.id                    1 
_exptl_crystal.density_Matthews      2.33 
_exptl_crystal.density_meas          ? 
_exptl_crystal.density_percent_sol   47.14 
_exptl_crystal.description           ? 
_exptl_crystal.F_000                 ? 
_exptl_crystal.preparation           ? 
# 
_exptl_crystal_grow.crystal_id      1 
_exptl_crystal_grow.method          'VAPOR DIFFUSION, SITTING DROP' 
_exptl_crystal_grow.pH              8.5 
_exptl_crystal_grow.temp            277 
_exptl_crystal_grow.pdbx_details    
'0.01M NiCl2, 20.0% PEG MME 2000, 0.1M Tris-HCl pH 8.5, NANODROP, VAPOR DIFFUSION, SITTING DROP, temperature 277K' 
_exptl_crystal_grow.temp_details    ? 
_exptl_crystal_grow.pdbx_pH_range   . 
# 
_diffrn.id                     1 
_diffrn.ambient_temp           100 
_diffrn.ambient_temp_details   ? 
_diffrn.crystal_id             1 
# 
_diffrn_detector.diffrn_id              1 
_diffrn_detector.detector               CCD 
_diffrn_detector.type                   'MARMOSAIC 325 mm CCD' 
_diffrn_detector.details                'Flat mirror (vertical focusing)' 
_diffrn_detector.pdbx_collection_date   2008-04-03 
# 
_diffrn_radiation.diffrn_id                        1 
_diffrn_radiation.pdbx_monochromatic_or_laue_m_l   M 
_diffrn_radiation.monochromator                    'Single crystal Si(111) bent (horizontal focusing)' 
_diffrn_radiation.pdbx_diffrn_protocol             MAD 
_diffrn_radiation.wavelength_id                    1 
_diffrn_radiation.pdbx_scattering_type             x-ray 
# 
loop_
_diffrn_radiation_wavelength.id 
_diffrn_radiation_wavelength.wavelength 
_diffrn_radiation_wavelength.wt 
1 0.91837 1.0 
2 0.97817 1.0 
# 
_diffrn_source.diffrn_id                   1 
_diffrn_source.source                      SYNCHROTRON 
_diffrn_source.pdbx_synchrotron_beamline   BL11-1 
_diffrn_source.type                        'SSRL BEAMLINE BL11-1' 
_diffrn_source.pdbx_wavelength_list        0.91837,0.97817 
_diffrn_source.pdbx_wavelength             ? 
_diffrn_source.pdbx_synchrotron_site       SSRL 
# 
_reflns.entry_id                     3D00 
_reflns.d_resolution_high            1.90 
_reflns.d_resolution_low             29.386 
_reflns.number_obs                   16955 
_reflns.pdbx_Rmerge_I_obs            0.078 
_reflns.pdbx_netI_over_sigmaI        6.800 
_reflns.pdbx_Rsym_value              0.078 
_reflns.pdbx_redundancy              7.000 
_reflns.percent_possible_obs         99.900 
_reflns.observed_criterion_sigma_F   ? 
_reflns.observed_criterion_sigma_I   ? 
_reflns.number_all                   ? 
_reflns.B_iso_Wilson_estimate        30.675 
_reflns.R_free_details               ? 
_reflns.limit_h_max                  ? 
_reflns.limit_h_min                  ? 
_reflns.limit_k_max                  ? 
_reflns.limit_k_min                  ? 
_reflns.limit_l_max                  ? 
_reflns.limit_l_min                  ? 
_reflns.observed_criterion_F_max     ? 
_reflns.observed_criterion_F_min     ? 
_reflns.pdbx_chi_squared             ? 
_reflns.pdbx_scaling_rejects         ? 
_reflns.pdbx_ordinal                 1 
_reflns.pdbx_diffrn_id               1 
# 
loop_
_reflns_shell.d_res_high 
_reflns_shell.d_res_low 
_reflns_shell.number_measured_obs 
_reflns_shell.number_measured_all 
_reflns_shell.number_unique_obs 
_reflns_shell.Rmerge_I_obs 
_reflns_shell.meanI_over_sigI_obs 
_reflns_shell.pdbx_Rsym_value 
_reflns_shell.pdbx_chi_squared 
_reflns_shell.pdbx_redundancy 
_reflns_shell.percent_possible_obs 
_reflns_shell.number_unique_all 
_reflns_shell.percent_possible_all 
_reflns_shell.pdbx_ordinal 
_reflns_shell.pdbx_diffrn_id 
1.90 1.95   ? 8626 ? 0.011 0.7  1.134 ? 7.10 ? 1208 99.90  1  1 
1.95 2.00   ? 8582 ? 0.011 0.9  0.855 ? 7.20 ? 1192 99.90  2  1 
2.00 2.06   ? 8253 ? 0.011 1.2  0.659 ? 7.10 ? 1157 100.00 3  1 
2.06 2.12   ? 8020 ? 0.011 1.6  0.484 ? 7.10 ? 1122 100.00 4  1 
2.12 2.19   ? 7887 ? 0.011 1.9  0.410 ? 7.20 ? 1102 100.00 5  1 
2.19 2.27   ? 7549 ? 0.011 2.3  0.340 ? 7.10 ? 1068 100.00 6  1 
2.27 2.36   ? 7325 ? 0.011 2.8  0.281 ? 7.20 ? 1018 100.00 7  1 
2.36 2.45   ? 7032 ? 0.011 3.3  0.235 ? 7.10 ? 989  100.00 8  1 
2.45 2.56   ? 6743 ? 0.011 4.2  0.185 ? 7.10 ? 953  100.00 9  1 
2.56 2.69   ? 6522 ? 0.011 5.1  0.148 ? 7.10 ? 920  100.00 10 1 
2.69 2.83   ? 6142 ? 0.011 6.1  0.122 ? 7.00 ? 872  100.00 11 1 
2.83 3.00   ? 5834 ? 0.011 7.3  0.097 ? 7.00 ? 837  100.00 12 1 
3.00 3.21   ? 5569 ? 0.011 8.6  0.079 ? 7.00 ? 796  100.00 13 1 
3.21 3.47   ? 5024 ? 0.011 10.5 0.062 ? 7.00 ? 718  100.00 14 1 
3.47 3.80   ? 4748 ? 0.011 13.2 0.049 ? 6.90 ? 693  100.00 15 1 
3.80 4.25   ? 4272 ? 0.011 13.6 0.044 ? 6.80 ? 631  100.00 16 1 
4.25 4.91   ? 3748 ? 0.011 14.8 0.041 ? 6.70 ? 561  100.00 17 1 
4.91 6.01   ? 3173 ? 0.011 16.0 0.041 ? 6.50 ? 485  100.00 18 1 
6.01 8.50   ? 2353 ? 0.011 14.3 0.041 ? 6.00 ? 394  100.00 19 1 
8.50 29.386 ? 1244 ? 0.011 16.4 0.035 ? 5.20 ? 239  95.90  20 1 
# 
_refine.entry_id                                 3D00 
_refine.ls_d_res_high                            1.900 
_refine.ls_d_res_low                             29.386 
_refine.pdbx_ls_sigma_F                          0.00 
_refine.ls_percent_reflns_obs                    99.900 
_refine.ls_number_reflns_obs                     16902 
_refine.pdbx_ls_cross_valid_method               THROUGHOUT 
_refine.pdbx_R_Free_selection_details            RANDOM 
_refine.details                                  
;1. HYDROGENS HAVE BEEN ADDED IN THE RIDING POSITIONS.
 2. ATOM RECORD CONTAINS RESIDUAL B FACTORS ONLY.
 3. A MET-INHIBITION PROTOCOL WAS USED FOR SELENOMETHIONINE
 INCORPORATION DURING PROTEIN EXPRESSION. THE OCCUPANCY
 OF THE SE ATOMS IN THE MSE RESIDUES WAS REDUCED TO 0.75
 FOR THE REDUCED SCATTERING POWER DUE TO PARTIAL S-MET INCORPORATION.
 4. ZINC WAS MODELED BASED ON X-RAY FLUORESCENCE SCAN
 AND ANOMALOUS DIFFERENCE FOURIER MAP CALCULATIONS.
 5. CHLORIDE WAS MODELED BASED ON CRYSTALLIZATION CONDITIONS.
;
_refine.ls_R_factor_obs                          0.235 
_refine.ls_R_factor_R_work                       0.233 
_refine.ls_R_factor_R_free                       0.268 
_refine.ls_percent_reflns_R_free                 5.100 
_refine.ls_number_reflns_R_free                  855 
_refine.B_iso_mean                               35.200 
_refine.aniso_B[1][1]                            1.730 
_refine.aniso_B[2][2]                            1.730 
_refine.aniso_B[3][3]                            -3.460 
_refine.aniso_B[1][2]                            0.000 
_refine.aniso_B[1][3]                            0.000 
_refine.aniso_B[2][3]                            0.000 
_refine.correlation_coeff_Fo_to_Fc               0.946 
_refine.correlation_coeff_Fo_to_Fc_free          0.938 
_refine.pdbx_overall_ESU_R                       0.170 
_refine.pdbx_overall_ESU_R_Free                  0.156 
_refine.overall_SU_ML                            0.156 
_refine.overall_SU_B                             11.433 
_refine.solvent_model_details                    MASK 
_refine.pdbx_solvent_vdw_probe_radii             1.200 
_refine.pdbx_solvent_ion_probe_radii             0.800 
_refine.pdbx_solvent_shrinkage_radii             0.800 
_refine.pdbx_method_to_determine_struct          MAD 
_refine.pdbx_stereochemistry_target_values       'MAXIMUM LIKELIHOOD WITH PHASES' 
_refine.pdbx_ls_sigma_I                          ? 
_refine.ls_number_reflns_all                     ? 
_refine.ls_R_factor_all                          ? 
_refine.ls_redundancy_reflns_obs                 ? 
_refine.pdbx_data_cutoff_high_absF               ? 
_refine.pdbx_data_cutoff_low_absF                ? 
_refine.ls_number_parameters                     ? 
_refine.ls_number_restraints                     ? 
_refine.ls_R_factor_R_free_error                 ? 
_refine.ls_R_factor_R_free_error_details         ? 
_refine.pdbx_starting_model                      ? 
_refine.pdbx_stereochem_target_val_spec_case     ? 
_refine.solvent_model_param_bsol                 ? 
_refine.solvent_model_param_ksol                 ? 
_refine.occupancy_max                            ? 
_refine.occupancy_min                            ? 
_refine.pdbx_isotropic_thermal_model             ? 
_refine.B_iso_min                                ? 
_refine.B_iso_max                                ? 
_refine.overall_SU_R_Cruickshank_DPI             ? 
_refine.overall_SU_R_free                        ? 
_refine.pdbx_data_cutoff_high_rms_absF           ? 
_refine.ls_wR_factor_R_free                      ? 
_refine.ls_wR_factor_R_work                      ? 
_refine.overall_FOM_free_R_set                   ? 
_refine.overall_FOM_work_R_set                   ? 
_refine.pdbx_overall_phase_error                 ? 
_refine.pdbx_refine_id                           'X-RAY DIFFRACTION' 
_refine.pdbx_TLS_residual_ADP_flag               'LIKELY RESIDUAL' 
_refine.pdbx_diffrn_id                           1 
_refine.pdbx_overall_SU_R_free_Cruickshank_DPI   ? 
_refine.pdbx_overall_SU_R_Blow_DPI               ? 
_refine.pdbx_overall_SU_R_free_Blow_DPI          ? 
# 
_refine_hist.pdbx_refine_id                   'X-RAY DIFFRACTION' 
_refine_hist.cycle_id                         LAST 
_refine_hist.pdbx_number_atoms_protein        1388 
_refine_hist.pdbx_number_atoms_nucleic_acid   0 
_refine_hist.pdbx_number_atoms_ligand         2 
_refine_hist.number_atoms_solvent             42 
_refine_hist.number_atoms_total               1432 
_refine_hist.d_res_high                       1.900 
_refine_hist.d_res_low                        29.386 
# 
loop_
_refine_ls_restr.type 
_refine_ls_restr.number 
_refine_ls_restr.dev_ideal 
_refine_ls_restr.dev_ideal_target 
_refine_ls_restr.weight 
_refine_ls_restr.pdbx_refine_id 
_refine_ls_restr.pdbx_restraint_function 
r_bond_refined_d         1445 0.019  0.022  ? 'X-RAY DIFFRACTION' ? 
r_bond_other_d           961  0.003  0.020  ? 'X-RAY DIFFRACTION' ? 
r_angle_refined_deg      1972 1.604  1.987  ? 'X-RAY DIFFRACTION' ? 
r_angle_other_deg        2356 1.031  3.000  ? 'X-RAY DIFFRACTION' ? 
r_dihedral_angle_1_deg   189  6.400  5.000  ? 'X-RAY DIFFRACTION' ? 
r_dihedral_angle_2_deg   53   34.474 23.774 ? 'X-RAY DIFFRACTION' ? 
r_dihedral_angle_3_deg   225  14.661 15.000 ? 'X-RAY DIFFRACTION' ? 
r_dihedral_angle_4_deg   6    21.608 15.000 ? 'X-RAY DIFFRACTION' ? 
r_chiral_restr           224  0.088  0.200  ? 'X-RAY DIFFRACTION' ? 
r_gen_planes_refined     1615 0.006  0.020  ? 'X-RAY DIFFRACTION' ? 
r_gen_planes_other       292  0.001  0.020  ? 'X-RAY DIFFRACTION' ? 
r_nbd_refined            285  0.200  0.200  ? 'X-RAY DIFFRACTION' ? 
r_nbd_other              900  0.196  0.200  ? 'X-RAY DIFFRACTION' ? 
r_nbtor_refined          710  0.182  0.200  ? 'X-RAY DIFFRACTION' ? 
r_nbtor_other            747  0.087  0.200  ? 'X-RAY DIFFRACTION' ? 
r_xyhbond_nbd_refined    37   0.175  0.200  ? 'X-RAY DIFFRACTION' ? 
r_symmetry_vdw_refined   15   0.114  0.200  ? 'X-RAY DIFFRACTION' ? 
r_symmetry_vdw_other     37   0.226  0.200  ? 'X-RAY DIFFRACTION' ? 
r_symmetry_hbond_refined 15   0.178  0.200  ? 'X-RAY DIFFRACTION' ? 
r_mcbond_it              954  1.214  2.000  ? 'X-RAY DIFFRACTION' ? 
r_mcbond_other           376  0.264  2.000  ? 'X-RAY DIFFRACTION' ? 
r_mcangle_it             1489 1.913  3.000  ? 'X-RAY DIFFRACTION' ? 
r_scbond_it              576  1.086  2.000  ? 'X-RAY DIFFRACTION' ? 
r_scangle_it             480  1.576  3.000  ? 'X-RAY DIFFRACTION' ? 
# 
_refine_ls_shell.d_res_high                       1.900 
_refine_ls_shell.d_res_low                        1.949 
_refine_ls_shell.pdbx_total_number_of_bins_used   20 
_refine_ls_shell.percent_reflns_obs               99.750 
_refine_ls_shell.number_reflns_R_work             1136 
_refine_ls_shell.R_factor_all                     ? 
_refine_ls_shell.R_factor_R_work                  0.347 
_refine_ls_shell.R_factor_R_free                  0.351 
_refine_ls_shell.percent_reflns_R_free            ? 
_refine_ls_shell.number_reflns_R_free             64 
_refine_ls_shell.R_factor_R_free_error            ? 
_refine_ls_shell.number_reflns_all                1200 
_refine_ls_shell.number_reflns_obs                ? 
_refine_ls_shell.redundancy_reflns_obs            ? 
_refine_ls_shell.pdbx_refine_id                   'X-RAY DIFFRACTION' 
# 
_struct.entry_id                  3D00 
_struct.title                     
;Crystal structure of a tungsten formylmethanofuran dehydrogenase subunit e (fmde)-like protein (syn_00638) from syntrophus aciditrophicus at 1.90 A resolution
;
_struct.pdbx_model_details        ? 
_struct.pdbx_CASP_flag            ? 
_struct.pdbx_model_type_details   ? 
# 
_struct_keywords.text            
;Fwde/gapdh domain-like fold, structural genomics, Joint Center for Structural Genomics, JCSG, Protein Structure Initiative, PSI-2, metal binding protein
;
_struct_keywords.pdbx_keywords   'METAL BINDING PROTEIN' 
_struct_keywords.entry_id        3D00 
# 
loop_
_struct_asym.id 
_struct_asym.pdbx_blank_PDB_chainid_flag 
_struct_asym.pdbx_modified 
_struct_asym.entity_id 
_struct_asym.details 
A N N 1 ? 
B N N 2 ? 
C N N 3 ? 
D N N 4 ? 
# 
_struct_ref.id                         1 
_struct_ref.db_name                    UNP 
_struct_ref.db_code                    Q2LQ23_SYNAS 
_struct_ref.pdbx_db_accession          Q2LQ23 
_struct_ref.entity_id                  1 
_struct_ref.pdbx_seq_one_letter_code   
;MTARNILSYSYEEYVEKITAFHGYPAPGVLIGGFMVDLAVKNLPEGILYDAICETRTCLPDAVQLLTPCTFGNGWLTVLP
MGLFAVSLYDKFTGEGVRVFLDVEKMGPWQEIRNWFLKLKTKKEQDSERLFKEIREAGPDILELRNVKLKPGFLEKKHKG
KIVLCPQCREAYPAQDGELCLSCQGGSPYL
;
_struct_ref.pdbx_align_begin           1 
_struct_ref.pdbx_db_isoform            ? 
# 
_struct_ref_seq.align_id                      1 
_struct_ref_seq.ref_id                        1 
_struct_ref_seq.pdbx_PDB_id_code              3D00 
_struct_ref_seq.pdbx_strand_id                A 
_struct_ref_seq.seq_align_beg                 2 
_struct_ref_seq.pdbx_seq_align_beg_ins_code   ? 
_struct_ref_seq.seq_align_end                 191 
_struct_ref_seq.pdbx_seq_align_end_ins_code   ? 
_struct_ref_seq.pdbx_db_accession             Q2LQ23 
_struct_ref_seq.db_align_beg                  1 
_struct_ref_seq.pdbx_db_align_beg_ins_code    ? 
_struct_ref_seq.db_align_end                  190 
_struct_ref_seq.pdbx_db_align_end_ins_code    ? 
_struct_ref_seq.pdbx_auth_seq_align_beg       1 
_struct_ref_seq.pdbx_auth_seq_align_end       190 
# 
_struct_ref_seq_dif.align_id                     1 
_struct_ref_seq_dif.pdbx_pdb_id_code             3D00 
_struct_ref_seq_dif.mon_id                       GLY 
_struct_ref_seq_dif.pdbx_pdb_strand_id           A 
_struct_ref_seq_dif.seq_num                      1 
_struct_ref_seq_dif.pdbx_pdb_ins_code            ? 
_struct_ref_seq_dif.pdbx_seq_db_name             UNP 
_struct_ref_seq_dif.pdbx_seq_db_accession_code   Q2LQ23 
_struct_ref_seq_dif.db_mon_id                    ? 
_struct_ref_seq_dif.pdbx_seq_db_seq_num          ? 
_struct_ref_seq_dif.details                      'expression tag' 
_struct_ref_seq_dif.pdbx_auth_seq_num            0 
_struct_ref_seq_dif.pdbx_ordinal                 1 
# 
_pdbx_struct_assembly.id                   1 
_pdbx_struct_assembly.details              author_and_software_defined_assembly 
_pdbx_struct_assembly.method_details       PISA 
_pdbx_struct_assembly.oligomeric_details   dimeric 
_pdbx_struct_assembly.oligomeric_count     2 
# 
loop_
_pdbx_struct_assembly_prop.biol_id 
_pdbx_struct_assembly_prop.type 
_pdbx_struct_assembly_prop.value 
_pdbx_struct_assembly_prop.details 
1 'ABSA (A^2)' 4350  ? 
1 MORE         -59   ? 
1 'SSA (A^2)'  17540 ? 
# 
_pdbx_struct_assembly_gen.assembly_id       1 
_pdbx_struct_assembly_gen.oper_expression   1,2 
_pdbx_struct_assembly_gen.asym_id_list      A,B,C,D 
# 
_pdbx_struct_assembly_auth_evidence.id                     1 
_pdbx_struct_assembly_auth_evidence.assembly_id            1 
_pdbx_struct_assembly_auth_evidence.experimental_support   'gel filtration' 
_pdbx_struct_assembly_auth_evidence.details                ? 
# 
loop_
_pdbx_struct_oper_list.id 
_pdbx_struct_oper_list.type 
_pdbx_struct_oper_list.name 
_pdbx_struct_oper_list.symmetry_operation 
_pdbx_struct_oper_list.matrix[1][1] 
_pdbx_struct_oper_list.matrix[1][2] 
_pdbx_struct_oper_list.matrix[1][3] 
_pdbx_struct_oper_list.vector[1] 
_pdbx_struct_oper_list.matrix[2][1] 
_pdbx_struct_oper_list.matrix[2][2] 
_pdbx_struct_oper_list.matrix[2][3] 
_pdbx_struct_oper_list.vector[2] 
_pdbx_struct_oper_list.matrix[3][1] 
_pdbx_struct_oper_list.matrix[3][2] 
_pdbx_struct_oper_list.matrix[3][3] 
_pdbx_struct_oper_list.vector[3] 
1 'identity operation'         1_555 x,y,z    1.0000000000  0.0000000000  0.0000000000 0.0000000000  0.0000000000  1.0000000000  0.0000000000  0.0000000000   0.0000000000 0.0000000000  1.0000000000  0.0000000000  
2 'crystal symmetry operation' 7_556 y,x,-z+1 -0.1388021410 -0.5553236918 0.8199692452 -0.1323413393 -0.5553236918 -0.6419122511 -0.5287383655 -14.3992555842 0.8199692452 -0.5287383655 -0.2192856079 -9.6128918720 
# 
_struct_biol.id        1 
_struct_biol.details   
;AUTHORS STATE THAT THE PROTOMER MAY FORM A DIMER BASED ON CRYSTAL PACKING ANALYSIS. ANALYTICAL SIZE-EXCLUSION CHROMATOGRAPHY SUPPORTS THE ASSIGNMENT OF A DIMER AS THE SIGNIFICANT OLIGOMERIC FORM IN SOLUTION.
;
# 
loop_
_struct_conf.conf_type_id 
_struct_conf.id 
_struct_conf.pdbx_PDB_helix_id 
_struct_conf.beg_label_comp_id 
_struct_conf.beg_label_asym_id 
_struct_conf.beg_label_seq_id 
_struct_conf.pdbx_beg_PDB_ins_code 
_struct_conf.end_label_comp_id 
_struct_conf.end_label_asym_id 
_struct_conf.end_label_seq_id 
_struct_conf.pdbx_end_PDB_ins_code 
_struct_conf.beg_auth_comp_id 
_struct_conf.beg_auth_asym_id 
_struct_conf.beg_auth_seq_id 
_struct_conf.end_auth_comp_id 
_struct_conf.end_auth_asym_id 
_struct_conf.end_auth_seq_id 
_struct_conf.pdbx_PDB_helix_class 
_struct_conf.details 
_struct_conf.pdbx_PDB_helix_length 
HELX_P HELX_P1 1 SER A 11  ? GLY A 24  ? SER A 10  GLY A 23  1 ? 14 
HELX_P HELX_P2 2 ALA A 27  ? ASN A 43  ? ALA A 26  ASN A 42  1 ? 17 
HELX_P HELX_P3 3 CYS A 59  ? THR A 68  ? CYS A 58  THR A 67  1 ? 10 
HELX_P HELX_P4 4 VAL A 104 ? MSE A 107 ? VAL A 103 MSE A 106 5 ? 4  
HELX_P HELX_P5 5 TRP A 110 ? LEU A 118 ? TRP A 109 LEU A 117 1 ? 9  
HELX_P HELX_P6 6 SER A 128 ? GLY A 139 ? SER A 127 GLY A 138 1 ? 12 
HELX_P HELX_P7 7 LYS A 151 ? GLU A 156 ? LYS A 150 GLU A 155 5 ? 6  
HELX_P HELX_P8 8 GLN A 176 ? GLY A 178 ? GLN A 175 GLY A 177 5 ? 3  
HELX_P HELX_P9 9 CYS A 181 ? GLY A 186 ? CYS A 180 GLY A 185 1 ? 6  
# 
_struct_conf_type.id          HELX_P 
_struct_conf_type.criteria    ? 
_struct_conf_type.reference   ? 
# 
loop_
_struct_conn.id 
_struct_conn.conn_type_id 
_struct_conn.pdbx_leaving_atom_flag 
_struct_conn.pdbx_PDB_id 
_struct_conn.ptnr1_label_asym_id 
_struct_conn.ptnr1_label_comp_id 
_struct_conn.ptnr1_label_seq_id 
_struct_conn.ptnr1_label_atom_id 
_struct_conn.pdbx_ptnr1_label_alt_id 
_struct_conn.pdbx_ptnr1_PDB_ins_code 
_struct_conn.pdbx_ptnr1_standard_comp_id 
_struct_conn.ptnr1_symmetry 
_struct_conn.ptnr2_label_asym_id 
_struct_conn.ptnr2_label_comp_id 
_struct_conn.ptnr2_label_seq_id 
_struct_conn.ptnr2_label_atom_id 
_struct_conn.pdbx_ptnr2_label_alt_id 
_struct_conn.pdbx_ptnr2_PDB_ins_code 
_struct_conn.ptnr1_auth_asym_id 
_struct_conn.ptnr1_auth_comp_id 
_struct_conn.ptnr1_auth_seq_id 
_struct_conn.ptnr2_auth_asym_id 
_struct_conn.ptnr2_auth_comp_id 
_struct_conn.ptnr2_auth_seq_id 
_struct_conn.ptnr2_symmetry 
_struct_conn.pdbx_ptnr3_label_atom_id 
_struct_conn.pdbx_ptnr3_label_seq_id 
_struct_conn.pdbx_ptnr3_label_comp_id 
_struct_conn.pdbx_ptnr3_label_asym_id 
_struct_conn.pdbx_ptnr3_label_alt_id 
_struct_conn.pdbx_ptnr3_PDB_ins_code 
_struct_conn.details 
_struct_conn.pdbx_dist_value 
_struct_conn.pdbx_value_order 
_struct_conn.pdbx_role 
covale1 covale both ? A MSE 2   C  A ? ? 1_555 A THR 3   N  ? ? A MSE 1   A THR 2   1_555 ? ? ? ? ? ? ? 1.343 ? ? 
covale2 covale both ? A MSE 2   C  B ? ? 1_555 A THR 3   N  ? ? A MSE 1   A THR 2   1_555 ? ? ? ? ? ? ? 1.395 ? ? 
covale3 covale both ? A PHE 35  C  ? ? ? 1_555 A MSE 36  N  ? ? A PHE 34  A MSE 35  1_555 ? ? ? ? ? ? ? 1.315 ? ? 
covale4 covale both ? A MSE 36  C  ? ? ? 1_555 A VAL 37  N  ? ? A MSE 35  A VAL 36  1_555 ? ? ? ? ? ? ? 1.310 ? ? 
covale5 covale both ? A PRO 81  C  ? ? ? 1_555 A MSE 82  N  ? ? A PRO 80  A MSE 81  1_555 ? ? ? ? ? ? ? 1.329 ? ? 
covale6 covale both ? A MSE 82  C  ? ? ? 1_555 A GLY 83  N  ? ? A MSE 81  A GLY 82  1_555 ? ? ? ? ? ? ? 1.335 ? ? 
covale7 covale both ? A LYS 106 C  ? ? ? 1_555 A MSE 107 N  ? ? A LYS 105 A MSE 106 1_555 ? ? ? ? ? ? ? 1.324 ? ? 
covale8 covale both ? A MSE 107 C  ? ? ? 1_555 A GLY 108 N  ? ? A MSE 106 A GLY 107 1_555 ? ? ? ? ? ? ? 1.329 ? ? 
metalc1 metalc ?    ? A CYS 166 SG ? ? ? 1_555 B ZN  .   ZN ? ? A CYS 165 A ZN  200 1_555 ? ? ? ? ? ? ? 2.379 ? ? 
metalc2 metalc ?    ? A CYS 169 SG ? ? ? 1_555 B ZN  .   ZN ? ? A CYS 168 A ZN  200 1_555 ? ? ? ? ? ? ? 2.473 ? ? 
metalc3 metalc ?    ? A CYS 181 SG ? ? ? 1_555 B ZN  .   ZN ? ? A CYS 180 A ZN  200 1_555 ? ? ? ? ? ? ? 2.392 ? ? 
metalc4 metalc ?    ? A CYS 184 SG ? ? ? 1_555 B ZN  .   ZN ? ? A CYS 183 A ZN  200 1_555 ? ? ? ? ? ? ? 2.485 ? ? 
# 
loop_
_struct_conn_type.id 
_struct_conn_type.criteria 
_struct_conn_type.reference 
covale ? ? 
metalc ? ? 
# 
loop_
_pdbx_struct_conn_angle.id 
_pdbx_struct_conn_angle.ptnr1_label_atom_id 
_pdbx_struct_conn_angle.ptnr1_label_alt_id 
_pdbx_struct_conn_angle.ptnr1_label_asym_id 
_pdbx_struct_conn_angle.ptnr1_label_comp_id 
_pdbx_struct_conn_angle.ptnr1_label_seq_id 
_pdbx_struct_conn_angle.ptnr1_auth_atom_id 
_pdbx_struct_conn_angle.ptnr1_auth_asym_id 
_pdbx_struct_conn_angle.ptnr1_auth_comp_id 
_pdbx_struct_conn_angle.ptnr1_auth_seq_id 
_pdbx_struct_conn_angle.ptnr1_PDB_ins_code 
_pdbx_struct_conn_angle.ptnr1_symmetry 
_pdbx_struct_conn_angle.ptnr2_label_atom_id 
_pdbx_struct_conn_angle.ptnr2_label_alt_id 
_pdbx_struct_conn_angle.ptnr2_label_asym_id 
_pdbx_struct_conn_angle.ptnr2_label_comp_id 
_pdbx_struct_conn_angle.ptnr2_label_seq_id 
_pdbx_struct_conn_angle.ptnr2_auth_atom_id 
_pdbx_struct_conn_angle.ptnr2_auth_asym_id 
_pdbx_struct_conn_angle.ptnr2_auth_comp_id 
_pdbx_struct_conn_angle.ptnr2_auth_seq_id 
_pdbx_struct_conn_angle.ptnr2_PDB_ins_code 
_pdbx_struct_conn_angle.ptnr2_symmetry 
_pdbx_struct_conn_angle.ptnr3_label_atom_id 
_pdbx_struct_conn_angle.ptnr3_label_alt_id 
_pdbx_struct_conn_angle.ptnr3_label_asym_id 
_pdbx_struct_conn_angle.ptnr3_label_comp_id 
_pdbx_struct_conn_angle.ptnr3_label_seq_id 
_pdbx_struct_conn_angle.ptnr3_auth_atom_id 
_pdbx_struct_conn_angle.ptnr3_auth_asym_id 
_pdbx_struct_conn_angle.ptnr3_auth_comp_id 
_pdbx_struct_conn_angle.ptnr3_auth_seq_id 
_pdbx_struct_conn_angle.ptnr3_PDB_ins_code 
_pdbx_struct_conn_angle.ptnr3_symmetry 
_pdbx_struct_conn_angle.value 
_pdbx_struct_conn_angle.value_esd 
1 SG ? A CYS 166 ? A CYS 165 ? 1_555 ZN ? B ZN . ? A ZN 200 ? 1_555 SG ? A CYS 169 ? A CYS 168 ? 1_555 110.2 ? 
2 SG ? A CYS 166 ? A CYS 165 ? 1_555 ZN ? B ZN . ? A ZN 200 ? 1_555 SG ? A CYS 181 ? A CYS 180 ? 1_555 112.1 ? 
3 SG ? A CYS 169 ? A CYS 168 ? 1_555 ZN ? B ZN . ? A ZN 200 ? 1_555 SG ? A CYS 181 ? A CYS 180 ? 1_555 112.2 ? 
4 SG ? A CYS 166 ? A CYS 165 ? 1_555 ZN ? B ZN . ? A ZN 200 ? 1_555 SG ? A CYS 184 ? A CYS 183 ? 1_555 107.3 ? 
5 SG ? A CYS 169 ? A CYS 168 ? 1_555 ZN ? B ZN . ? A ZN 200 ? 1_555 SG ? A CYS 184 ? A CYS 183 ? 1_555 106.5 ? 
6 SG ? A CYS 181 ? A CYS 180 ? 1_555 ZN ? B ZN . ? A ZN 200 ? 1_555 SG ? A CYS 184 ? A CYS 183 ? 1_555 108.3 ? 
# 
loop_
_pdbx_modification_feature.ordinal 
_pdbx_modification_feature.label_comp_id 
_pdbx_modification_feature.label_asym_id 
_pdbx_modification_feature.label_seq_id 
_pdbx_modification_feature.label_alt_id 
_pdbx_modification_feature.modified_residue_label_comp_id 
_pdbx_modification_feature.modified_residue_label_asym_id 
_pdbx_modification_feature.modified_residue_label_seq_id 
_pdbx_modification_feature.modified_residue_label_alt_id 
_pdbx_modification_feature.auth_comp_id 
_pdbx_modification_feature.auth_asym_id 
_pdbx_modification_feature.auth_seq_id 
_pdbx_modification_feature.PDB_ins_code 
_pdbx_modification_feature.symmetry 
_pdbx_modification_feature.modified_residue_auth_comp_id 
_pdbx_modification_feature.modified_residue_auth_asym_id 
_pdbx_modification_feature.modified_residue_auth_seq_id 
_pdbx_modification_feature.modified_residue_PDB_ins_code 
_pdbx_modification_feature.modified_residue_symmetry 
_pdbx_modification_feature.comp_id_linking_atom 
_pdbx_modification_feature.modified_residue_id_linking_atom 
_pdbx_modification_feature.modified_residue_id 
_pdbx_modification_feature.ref_pcm_id 
_pdbx_modification_feature.ref_comp_id 
_pdbx_modification_feature.type 
_pdbx_modification_feature.category 
1 MSE A 2   A . . . . MSE A 1   ? 1_555 . . . . . . . MET 1 MSE Selenomethionine 'Named protein modification' 
2 MSE A 2   B . . . . MSE A 1   ? 1_555 . . . . . . . MET 1 MSE Selenomethionine 'Named protein modification' 
3 MSE A 36  ? . . . . MSE A 35  ? 1_555 . . . . . . . MET 1 MSE Selenomethionine 'Named protein modification' 
4 MSE A 82  ? . . . . MSE A 81  ? 1_555 . . . . . . . MET 1 MSE Selenomethionine 'Named protein modification' 
5 MSE A 107 ? . . . . MSE A 106 ? 1_555 . . . . . . . MET 1 MSE Selenomethionine 'Named protein modification' 
# 
loop_
_struct_sheet.id 
_struct_sheet.type 
_struct_sheet.number_strands 
_struct_sheet.details 
A ? 5 ? 
B ? 2 ? 
# 
loop_
_struct_sheet_order.sheet_id 
_struct_sheet_order.range_id_1 
_struct_sheet_order.range_id_2 
_struct_sheet_order.offset 
_struct_sheet_order.sense 
A 1 2 ? parallel      
A 2 3 ? anti-parallel 
A 3 4 ? anti-parallel 
A 4 5 ? anti-parallel 
B 1 2 ? anti-parallel 
# 
loop_
_struct_sheet_range.sheet_id 
_struct_sheet_range.id 
_struct_sheet_range.beg_label_comp_id 
_struct_sheet_range.beg_label_asym_id 
_struct_sheet_range.beg_label_seq_id 
_struct_sheet_range.pdbx_beg_PDB_ins_code 
_struct_sheet_range.end_label_comp_id 
_struct_sheet_range.end_label_asym_id 
_struct_sheet_range.end_label_seq_id 
_struct_sheet_range.pdbx_end_PDB_ins_code 
_struct_sheet_range.beg_auth_comp_id 
_struct_sheet_range.beg_auth_asym_id 
_struct_sheet_range.beg_auth_seq_id 
_struct_sheet_range.end_auth_comp_id 
_struct_sheet_range.end_auth_asym_id 
_struct_sheet_range.end_auth_seq_id 
A 1 LEU A 77  ? VAL A 79  ? LEU A 76  VAL A 78  
A 2 TYR A 50  ? CYS A 54  ? TYR A 49  CYS A 53  
A 3 ALA A 86  ? ASP A 91  ? ALA A 85  ASP A 90  
A 4 GLU A 96  ? LEU A 102 ? GLU A 95  LEU A 101 
A 5 LEU A 143 ? LYS A 149 ? LEU A 142 LYS A 148 
B 1 ILE A 163 ? LEU A 165 ? ILE A 162 LEU A 164 
B 2 ALA A 172 ? PRO A 174 ? ALA A 171 PRO A 173 
# 
loop_
_pdbx_struct_sheet_hbond.sheet_id 
_pdbx_struct_sheet_hbond.range_id_1 
_pdbx_struct_sheet_hbond.range_id_2 
_pdbx_struct_sheet_hbond.range_1_label_atom_id 
_pdbx_struct_sheet_hbond.range_1_label_comp_id 
_pdbx_struct_sheet_hbond.range_1_label_asym_id 
_pdbx_struct_sheet_hbond.range_1_label_seq_id 
_pdbx_struct_sheet_hbond.range_1_PDB_ins_code 
_pdbx_struct_sheet_hbond.range_1_auth_atom_id 
_pdbx_struct_sheet_hbond.range_1_auth_comp_id 
_pdbx_struct_sheet_hbond.range_1_auth_asym_id 
_pdbx_struct_sheet_hbond.range_1_auth_seq_id 
_pdbx_struct_sheet_hbond.range_2_label_atom_id 
_pdbx_struct_sheet_hbond.range_2_label_comp_id 
_pdbx_struct_sheet_hbond.range_2_label_asym_id 
_pdbx_struct_sheet_hbond.range_2_label_seq_id 
_pdbx_struct_sheet_hbond.range_2_PDB_ins_code 
_pdbx_struct_sheet_hbond.range_2_auth_atom_id 
_pdbx_struct_sheet_hbond.range_2_auth_comp_id 
_pdbx_struct_sheet_hbond.range_2_auth_asym_id 
_pdbx_struct_sheet_hbond.range_2_auth_seq_id 
A 1 2 O THR A 78  ? O THR A 77  N CYS A 54  ? N CYS A 53  
A 2 3 N ILE A 53  ? N ILE A 52  O SER A 88  ? O SER A 87  
A 3 4 N ASP A 91  ? N ASP A 90  O GLU A 96  ? O GLU A 95  
A 4 5 N GLY A 97  ? N GLY A 96  O VAL A 148 ? O VAL A 147 
B 1 2 N VAL A 164 ? N VAL A 163 O TYR A 173 ? O TYR A 172 
# 
loop_
_struct_site.id 
_struct_site.pdbx_evidence_code 
_struct_site.pdbx_auth_asym_id 
_struct_site.pdbx_auth_comp_id 
_struct_site.pdbx_auth_seq_id 
_struct_site.pdbx_auth_ins_code 
_struct_site.pdbx_num_residues 
_struct_site.details 
AC1 Software A ZN 200 ? 4 'BINDING SITE FOR RESIDUE ZN A 200' 
AC2 Software A CL 201 ? 4 'BINDING SITE FOR RESIDUE CL A 201' 
# 
loop_
_struct_site_gen.id 
_struct_site_gen.site_id 
_struct_site_gen.pdbx_num_res 
_struct_site_gen.label_comp_id 
_struct_site_gen.label_asym_id 
_struct_site_gen.label_seq_id 
_struct_site_gen.pdbx_auth_ins_code 
_struct_site_gen.auth_comp_id 
_struct_site_gen.auth_asym_id 
_struct_site_gen.auth_seq_id 
_struct_site_gen.label_atom_id 
_struct_site_gen.label_alt_id 
_struct_site_gen.symmetry 
_struct_site_gen.details 
1 AC1 4 CYS A 166 ? CYS A 165 . ? 1_555 ? 
2 AC1 4 CYS A 169 ? CYS A 168 . ? 1_555 ? 
3 AC1 4 CYS A 181 ? CYS A 180 . ? 1_555 ? 
4 AC1 4 CYS A 184 ? CYS A 183 . ? 1_555 ? 
5 AC2 4 THR A 56  ? THR A 55  . ? 1_555 ? 
6 AC2 4 ARG A 57  ? ARG A 56  . ? 1_555 ? 
7 AC2 4 PRO A 81  ? PRO A 80  . ? 1_555 ? 
8 AC2 4 GLY A 83  ? GLY A 82  . ? 1_555 ? 
# 
_pdbx_entry_details.entry_id                   3D00 
_pdbx_entry_details.compound_details           ? 
_pdbx_entry_details.source_details             ? 
_pdbx_entry_details.nonpolymer_details         ? 
_pdbx_entry_details.sequence_details           
;THE CONSTRUCT WAS EXPRESSED WITH A PURIFICATION TAG MGSDKIHHHHHHENLYFQG. THE TAG WAS REMOVED WITH TEV PROTEASE LEAVING ONLY A GLYCINE FOLLOWED BY THE TARGET SEQUENCE.
;
_pdbx_entry_details.has_ligand_of_interest     ? 
_pdbx_entry_details.has_protein_modification   Y 
# 
_pdbx_validate_rmsd_bond.id                        1 
_pdbx_validate_rmsd_bond.PDB_model_num             1 
_pdbx_validate_rmsd_bond.auth_atom_id_1            CG 
_pdbx_validate_rmsd_bond.auth_asym_id_1            A 
_pdbx_validate_rmsd_bond.auth_comp_id_1            MSE 
_pdbx_validate_rmsd_bond.auth_seq_id_1             1 
_pdbx_validate_rmsd_bond.PDB_ins_code_1            ? 
_pdbx_validate_rmsd_bond.label_alt_id_1            B 
_pdbx_validate_rmsd_bond.auth_atom_id_2            SE 
_pdbx_validate_rmsd_bond.auth_asym_id_2            A 
_pdbx_validate_rmsd_bond.auth_comp_id_2            MSE 
_pdbx_validate_rmsd_bond.auth_seq_id_2             1 
_pdbx_validate_rmsd_bond.PDB_ins_code_2            ? 
_pdbx_validate_rmsd_bond.label_alt_id_2            B 
_pdbx_validate_rmsd_bond.bond_value                2.248 
_pdbx_validate_rmsd_bond.bond_target_value         1.950 
_pdbx_validate_rmsd_bond.bond_deviation            0.298 
_pdbx_validate_rmsd_bond.bond_standard_deviation   0.034 
_pdbx_validate_rmsd_bond.linker_flag               N 
# 
_pdbx_validate_rmsd_angle.id                         1 
_pdbx_validate_rmsd_angle.PDB_model_num              1 
_pdbx_validate_rmsd_angle.auth_atom_id_1             CA 
_pdbx_validate_rmsd_angle.auth_asym_id_1             A 
_pdbx_validate_rmsd_angle.auth_comp_id_1             LEU 
_pdbx_validate_rmsd_angle.auth_seq_id_1              144 
_pdbx_validate_rmsd_angle.PDB_ins_code_1             ? 
_pdbx_validate_rmsd_angle.label_alt_id_1             ? 
_pdbx_validate_rmsd_angle.auth_atom_id_2             CB 
_pdbx_validate_rmsd_angle.auth_asym_id_2             A 
_pdbx_validate_rmsd_angle.auth_comp_id_2             LEU 
_pdbx_validate_rmsd_angle.auth_seq_id_2              144 
_pdbx_validate_rmsd_angle.PDB_ins_code_2             ? 
_pdbx_validate_rmsd_angle.label_alt_id_2             ? 
_pdbx_validate_rmsd_angle.auth_atom_id_3             CG 
_pdbx_validate_rmsd_angle.auth_asym_id_3             A 
_pdbx_validate_rmsd_angle.auth_comp_id_3             LEU 
_pdbx_validate_rmsd_angle.auth_seq_id_3              144 
_pdbx_validate_rmsd_angle.PDB_ins_code_3             ? 
_pdbx_validate_rmsd_angle.label_alt_id_3             ? 
_pdbx_validate_rmsd_angle.angle_value                129.59 
_pdbx_validate_rmsd_angle.angle_target_value         115.30 
_pdbx_validate_rmsd_angle.angle_deviation            14.29 
_pdbx_validate_rmsd_angle.angle_standard_deviation   2.30 
_pdbx_validate_rmsd_angle.linker_flag                N 
# 
loop_
_pdbx_validate_torsion.id 
_pdbx_validate_torsion.PDB_model_num 
_pdbx_validate_torsion.auth_comp_id 
_pdbx_validate_torsion.auth_asym_id 
_pdbx_validate_torsion.auth_seq_id 
_pdbx_validate_torsion.PDB_ins_code 
_pdbx_validate_torsion.label_alt_id 
_pdbx_validate_torsion.phi 
_pdbx_validate_torsion.psi 
1 1 LEU A 7   ? ? 43.77   -117.78 
2 1 CYS A 58  ? ? 71.58   -54.07  
3 1 MSE A 106 ? ? -100.41 64.55   
4 1 PRO A 108 ? ? -59.24  -1.83   
# 
_pdbx_SG_project.project_name          'PSI, Protein Structure Initiative' 
_pdbx_SG_project.full_name_of_center   'Joint Center for Structural Genomics' 
_pdbx_SG_project.id                    1 
_pdbx_SG_project.initial_of_center     JCSG 
# 
loop_
_pdbx_struct_mod_residue.id 
_pdbx_struct_mod_residue.label_asym_id 
_pdbx_struct_mod_residue.label_comp_id 
_pdbx_struct_mod_residue.label_seq_id 
_pdbx_struct_mod_residue.auth_asym_id 
_pdbx_struct_mod_residue.auth_comp_id 
_pdbx_struct_mod_residue.auth_seq_id 
_pdbx_struct_mod_residue.PDB_ins_code 
_pdbx_struct_mod_residue.parent_comp_id 
_pdbx_struct_mod_residue.details 
1 A MSE 2   A MSE 1   ? MET SELENOMETHIONINE 
2 A MSE 36  A MSE 35  ? MET SELENOMETHIONINE 
3 A MSE 82  A MSE 81  ? MET SELENOMETHIONINE 
4 A MSE 107 A MSE 106 ? MET SELENOMETHIONINE 
# 
_pdbx_refine_tls.id               1 
_pdbx_refine_tls.details          ? 
_pdbx_refine_tls.method           refined 
_pdbx_refine_tls.origin_x         -0.1385 
_pdbx_refine_tls.origin_y         0.0958 
_pdbx_refine_tls.origin_z         0.2619 
_pdbx_refine_tls.T[1][1]          -0.1614 
_pdbx_refine_tls.T[2][2]          -0.1215 
_pdbx_refine_tls.T[3][3]          -0.1660 
_pdbx_refine_tls.T[1][2]          0.0418 
_pdbx_refine_tls.T[1][3]          -0.0210 
_pdbx_refine_tls.T[2][3]          0.0050 
_pdbx_refine_tls.L[1][1]          0.7623 
_pdbx_refine_tls.L[2][2]          6.7327 
_pdbx_refine_tls.L[3][3]          3.3341 
_pdbx_refine_tls.L[1][2]          -1.2205 
_pdbx_refine_tls.L[1][3]          -0.8153 
_pdbx_refine_tls.L[2][3]          3.5713 
_pdbx_refine_tls.S[1][1]          0.1315 
_pdbx_refine_tls.S[2][2]          -0.1728 
_pdbx_refine_tls.S[3][3]          0.0412 
_pdbx_refine_tls.S[1][2]          -0.0724 
_pdbx_refine_tls.S[1][3]          0.1852 
_pdbx_refine_tls.S[2][3]          0.1319 
_pdbx_refine_tls.S[2][1]          -0.2765 
_pdbx_refine_tls.S[3][1]          -0.2578 
_pdbx_refine_tls.S[3][2]          -0.0470 
_pdbx_refine_tls.pdbx_refine_id   'X-RAY DIFFRACTION' 
# 
_pdbx_refine_tls_group.id                  1 
_pdbx_refine_tls_group.refine_tls_id       1 
_pdbx_refine_tls_group.beg_label_asym_id   A 
_pdbx_refine_tls_group.beg_label_seq_id    2 
_pdbx_refine_tls_group.end_label_asym_id   A 
_pdbx_refine_tls_group.end_label_seq_id    191 
_pdbx_refine_tls_group.selection           ? 
_pdbx_refine_tls_group.beg_auth_asym_id    A 
_pdbx_refine_tls_group.beg_auth_seq_id     1 
_pdbx_refine_tls_group.end_auth_asym_id    A 
_pdbx_refine_tls_group.end_auth_seq_id     190 
_pdbx_refine_tls_group.pdbx_refine_id      'X-RAY DIFFRACTION' 
_pdbx_refine_tls_group.selection_details   ? 
# 
_phasing.method   MAD 
# 
loop_
_pdbx_unobs_or_zero_occ_residues.id 
_pdbx_unobs_or_zero_occ_residues.PDB_model_num 
_pdbx_unobs_or_zero_occ_residues.polymer_flag 
_pdbx_unobs_or_zero_occ_residues.occupancy_flag 
_pdbx_unobs_or_zero_occ_residues.auth_asym_id 
_pdbx_unobs_or_zero_occ_residues.auth_comp_id 
_pdbx_unobs_or_zero_occ_residues.auth_seq_id 
_pdbx_unobs_or_zero_occ_residues.PDB_ins_code 
_pdbx_unobs_or_zero_occ_residues.label_asym_id 
_pdbx_unobs_or_zero_occ_residues.label_comp_id 
_pdbx_unobs_or_zero_occ_residues.label_seq_id 
1 1 Y 1 A GLY 0   ? A GLY 1   
2 1 Y 1 A THR 121 ? A THR 122 
3 1 Y 1 A LYS 122 ? A LYS 123 
4 1 Y 1 A LYS 123 ? A LYS 124 
5 1 Y 1 A GLU 124 ? A GLU 125 
6 1 Y 1 A GLN 125 ? A GLN 126 
7 1 Y 1 A ASP 126 ? A ASP 127 
# 
loop_
_chem_comp_atom.comp_id 
_chem_comp_atom.atom_id 
_chem_comp_atom.type_symbol 
_chem_comp_atom.pdbx_aromatic_flag 
_chem_comp_atom.pdbx_stereo_config 
_chem_comp_atom.pdbx_ordinal 
ALA N    N  N N 1   
ALA CA   C  N S 2   
ALA C    C  N N 3   
ALA O    O  N N 4   
ALA CB   C  N N 5   
ALA OXT  O  N N 6   
ALA H    H  N N 7   
ALA H2   H  N N 8   
ALA HA   H  N N 9   
ALA HB1  H  N N 10  
ALA HB2  H  N N 11  
ALA HB3  H  N N 12  
ALA HXT  H  N N 13  
ARG N    N  N N 14  
ARG CA   C  N S 15  
ARG C    C  N N 16  
ARG O    O  N N 17  
ARG CB   C  N N 18  
ARG CG   C  N N 19  
ARG CD   C  N N 20  
ARG NE   N  N N 21  
ARG CZ   C  N N 22  
ARG NH1  N  N N 23  
ARG NH2  N  N N 24  
ARG OXT  O  N N 25  
ARG H    H  N N 26  
ARG H2   H  N N 27  
ARG HA   H  N N 28  
ARG HB2  H  N N 29  
ARG HB3  H  N N 30  
ARG HG2  H  N N 31  
ARG HG3  H  N N 32  
ARG HD2  H  N N 33  
ARG HD3  H  N N 34  
ARG HE   H  N N 35  
ARG HH11 H  N N 36  
ARG HH12 H  N N 37  
ARG HH21 H  N N 38  
ARG HH22 H  N N 39  
ARG HXT  H  N N 40  
ASN N    N  N N 41  
ASN CA   C  N S 42  
ASN C    C  N N 43  
ASN O    O  N N 44  
ASN CB   C  N N 45  
ASN CG   C  N N 46  
ASN OD1  O  N N 47  
ASN ND2  N  N N 48  
ASN OXT  O  N N 49  
ASN H    H  N N 50  
ASN H2   H  N N 51  
ASN HA   H  N N 52  
ASN HB2  H  N N 53  
ASN HB3  H  N N 54  
ASN HD21 H  N N 55  
ASN HD22 H  N N 56  
ASN HXT  H  N N 57  
ASP N    N  N N 58  
ASP CA   C  N S 59  
ASP C    C  N N 60  
ASP O    O  N N 61  
ASP CB   C  N N 62  
ASP CG   C  N N 63  
ASP OD1  O  N N 64  
ASP OD2  O  N N 65  
ASP OXT  O  N N 66  
ASP H    H  N N 67  
ASP H2   H  N N 68  
ASP HA   H  N N 69  
ASP HB2  H  N N 70  
ASP HB3  H  N N 71  
ASP HD2  H  N N 72  
ASP HXT  H  N N 73  
CL  CL   CL N N 74  
CYS N    N  N N 75  
CYS CA   C  N R 76  
CYS C    C  N N 77  
CYS O    O  N N 78  
CYS CB   C  N N 79  
CYS SG   S  N N 80  
CYS OXT  O  N N 81  
CYS H    H  N N 82  
CYS H2   H  N N 83  
CYS HA   H  N N 84  
CYS HB2  H  N N 85  
CYS HB3  H  N N 86  
CYS HG   H  N N 87  
CYS HXT  H  N N 88  
GLN N    N  N N 89  
GLN CA   C  N S 90  
GLN C    C  N N 91  
GLN O    O  N N 92  
GLN CB   C  N N 93  
GLN CG   C  N N 94  
GLN CD   C  N N 95  
GLN OE1  O  N N 96  
GLN NE2  N  N N 97  
GLN OXT  O  N N 98  
GLN H    H  N N 99  
GLN H2   H  N N 100 
GLN HA   H  N N 101 
GLN HB2  H  N N 102 
GLN HB3  H  N N 103 
GLN HG2  H  N N 104 
GLN HG3  H  N N 105 
GLN HE21 H  N N 106 
GLN HE22 H  N N 107 
GLN HXT  H  N N 108 
GLU N    N  N N 109 
GLU CA   C  N S 110 
GLU C    C  N N 111 
GLU O    O  N N 112 
GLU CB   C  N N 113 
GLU CG   C  N N 114 
GLU CD   C  N N 115 
GLU OE1  O  N N 116 
GLU OE2  O  N N 117 
GLU OXT  O  N N 118 
GLU H    H  N N 119 
GLU H2   H  N N 120 
GLU HA   H  N N 121 
GLU HB2  H  N N 122 
GLU HB3  H  N N 123 
GLU HG2  H  N N 124 
GLU HG3  H  N N 125 
GLU HE2  H  N N 126 
GLU HXT  H  N N 127 
GLY N    N  N N 128 
GLY CA   C  N N 129 
GLY C    C  N N 130 
GLY O    O  N N 131 
GLY OXT  O  N N 132 
GLY H    H  N N 133 
GLY H2   H  N N 134 
GLY HA2  H  N N 135 
GLY HA3  H  N N 136 
GLY HXT  H  N N 137 
HIS N    N  N N 138 
HIS CA   C  N S 139 
HIS C    C  N N 140 
HIS O    O  N N 141 
HIS CB   C  N N 142 
HIS CG   C  Y N 143 
HIS ND1  N  Y N 144 
HIS CD2  C  Y N 145 
HIS CE1  C  Y N 146 
HIS NE2  N  Y N 147 
HIS OXT  O  N N 148 
HIS H    H  N N 149 
HIS H2   H  N N 150 
HIS HA   H  N N 151 
HIS HB2  H  N N 152 
HIS HB3  H  N N 153 
HIS HD1  H  N N 154 
HIS HD2  H  N N 155 
HIS HE1  H  N N 156 
HIS HE2  H  N N 157 
HIS HXT  H  N N 158 
HOH O    O  N N 159 
HOH H1   H  N N 160 
HOH H2   H  N N 161 
ILE N    N  N N 162 
ILE CA   C  N S 163 
ILE C    C  N N 164 
ILE O    O  N N 165 
ILE CB   C  N S 166 
ILE CG1  C  N N 167 
ILE CG2  C  N N 168 
ILE CD1  C  N N 169 
ILE OXT  O  N N 170 
ILE H    H  N N 171 
ILE H2   H  N N 172 
ILE HA   H  N N 173 
ILE HB   H  N N 174 
ILE HG12 H  N N 175 
ILE HG13 H  N N 176 
ILE HG21 H  N N 177 
ILE HG22 H  N N 178 
ILE HG23 H  N N 179 
ILE HD11 H  N N 180 
ILE HD12 H  N N 181 
ILE HD13 H  N N 182 
ILE HXT  H  N N 183 
LEU N    N  N N 184 
LEU CA   C  N S 185 
LEU C    C  N N 186 
LEU O    O  N N 187 
LEU CB   C  N N 188 
LEU CG   C  N N 189 
LEU CD1  C  N N 190 
LEU CD2  C  N N 191 
LEU OXT  O  N N 192 
LEU H    H  N N 193 
LEU H2   H  N N 194 
LEU HA   H  N N 195 
LEU HB2  H  N N 196 
LEU HB3  H  N N 197 
LEU HG   H  N N 198 
LEU HD11 H  N N 199 
LEU HD12 H  N N 200 
LEU HD13 H  N N 201 
LEU HD21 H  N N 202 
LEU HD22 H  N N 203 
LEU HD23 H  N N 204 
LEU HXT  H  N N 205 
LYS N    N  N N 206 
LYS CA   C  N S 207 
LYS C    C  N N 208 
LYS O    O  N N 209 
LYS CB   C  N N 210 
LYS CG   C  N N 211 
LYS CD   C  N N 212 
LYS CE   C  N N 213 
LYS NZ   N  N N 214 
LYS OXT  O  N N 215 
LYS H    H  N N 216 
LYS H2   H  N N 217 
LYS HA   H  N N 218 
LYS HB2  H  N N 219 
LYS HB3  H  N N 220 
LYS HG2  H  N N 221 
LYS HG3  H  N N 222 
LYS HD2  H  N N 223 
LYS HD3  H  N N 224 
LYS HE2  H  N N 225 
LYS HE3  H  N N 226 
LYS HZ1  H  N N 227 
LYS HZ2  H  N N 228 
LYS HZ3  H  N N 229 
LYS HXT  H  N N 230 
MSE N    N  N N 231 
MSE CA   C  N S 232 
MSE C    C  N N 233 
MSE O    O  N N 234 
MSE OXT  O  N N 235 
MSE CB   C  N N 236 
MSE CG   C  N N 237 
MSE SE   SE N N 238 
MSE CE   C  N N 239 
MSE H    H  N N 240 
MSE H2   H  N N 241 
MSE HA   H  N N 242 
MSE HXT  H  N N 243 
MSE HB2  H  N N 244 
MSE HB3  H  N N 245 
MSE HG2  H  N N 246 
MSE HG3  H  N N 247 
MSE HE1  H  N N 248 
MSE HE2  H  N N 249 
MSE HE3  H  N N 250 
PHE N    N  N N 251 
PHE CA   C  N S 252 
PHE C    C  N N 253 
PHE O    O  N N 254 
PHE CB   C  N N 255 
PHE CG   C  Y N 256 
PHE CD1  C  Y N 257 
PHE CD2  C  Y N 258 
PHE CE1  C  Y N 259 
PHE CE2  C  Y N 260 
PHE CZ   C  Y N 261 
PHE OXT  O  N N 262 
PHE H    H  N N 263 
PHE H2   H  N N 264 
PHE HA   H  N N 265 
PHE HB2  H  N N 266 
PHE HB3  H  N N 267 
PHE HD1  H  N N 268 
PHE HD2  H  N N 269 
PHE HE1  H  N N 270 
PHE HE2  H  N N 271 
PHE HZ   H  N N 272 
PHE HXT  H  N N 273 
PRO N    N  N N 274 
PRO CA   C  N S 275 
PRO C    C  N N 276 
PRO O    O  N N 277 
PRO CB   C  N N 278 
PRO CG   C  N N 279 
PRO CD   C  N N 280 
PRO OXT  O  N N 281 
PRO H    H  N N 282 
PRO HA   H  N N 283 
PRO HB2  H  N N 284 
PRO HB3  H  N N 285 
PRO HG2  H  N N 286 
PRO HG3  H  N N 287 
PRO HD2  H  N N 288 
PRO HD3  H  N N 289 
PRO HXT  H  N N 290 
SER N    N  N N 291 
SER CA   C  N S 292 
SER C    C  N N 293 
SER O    O  N N 294 
SER CB   C  N N 295 
SER OG   O  N N 296 
SER OXT  O  N N 297 
SER H    H  N N 298 
SER H2   H  N N 299 
SER HA   H  N N 300 
SER HB2  H  N N 301 
SER HB3  H  N N 302 
SER HG   H  N N 303 
SER HXT  H  N N 304 
THR N    N  N N 305 
THR CA   C  N S 306 
THR C    C  N N 307 
THR O    O  N N 308 
THR CB   C  N R 309 
THR OG1  O  N N 310 
THR CG2  C  N N 311 
THR OXT  O  N N 312 
THR H    H  N N 313 
THR H2   H  N N 314 
THR HA   H  N N 315 
THR HB   H  N N 316 
THR HG1  H  N N 317 
THR HG21 H  N N 318 
THR HG22 H  N N 319 
THR HG23 H  N N 320 
THR HXT  H  N N 321 
TRP N    N  N N 322 
TRP CA   C  N S 323 
TRP C    C  N N 324 
TRP O    O  N N 325 
TRP CB   C  N N 326 
TRP CG   C  Y N 327 
TRP CD1  C  Y N 328 
TRP CD2  C  Y N 329 
TRP NE1  N  Y N 330 
TRP CE2  C  Y N 331 
TRP CE3  C  Y N 332 
TRP CZ2  C  Y N 333 
TRP CZ3  C  Y N 334 
TRP CH2  C  Y N 335 
TRP OXT  O  N N 336 
TRP H    H  N N 337 
TRP H2   H  N N 338 
TRP HA   H  N N 339 
TRP HB2  H  N N 340 
TRP HB3  H  N N 341 
TRP HD1  H  N N 342 
TRP HE1  H  N N 343 
TRP HE3  H  N N 344 
TRP HZ2  H  N N 345 
TRP HZ3  H  N N 346 
TRP HH2  H  N N 347 
TRP HXT  H  N N 348 
TYR N    N  N N 349 
TYR CA   C  N S 350 
TYR C    C  N N 351 
TYR O    O  N N 352 
TYR CB   C  N N 353 
TYR CG   C  Y N 354 
TYR CD1  C  Y N 355 
TYR CD2  C  Y N 356 
TYR CE1  C  Y N 357 
TYR CE2  C  Y N 358 
TYR CZ   C  Y N 359 
TYR OH   O  N N 360 
TYR OXT  O  N N 361 
TYR H    H  N N 362 
TYR H2   H  N N 363 
TYR HA   H  N N 364 
TYR HB2  H  N N 365 
TYR HB3  H  N N 366 
TYR HD1  H  N N 367 
TYR HD2  H  N N 368 
TYR HE1  H  N N 369 
TYR HE2  H  N N 370 
TYR HH   H  N N 371 
TYR HXT  H  N N 372 
VAL N    N  N N 373 
VAL CA   C  N S 374 
VAL C    C  N N 375 
VAL O    O  N N 376 
VAL CB   C  N N 377 
VAL CG1  C  N N 378 
VAL CG2  C  N N 379 
VAL OXT  O  N N 380 
VAL H    H  N N 381 
VAL H2   H  N N 382 
VAL HA   H  N N 383 
VAL HB   H  N N 384 
VAL HG11 H  N N 385 
VAL HG12 H  N N 386 
VAL HG13 H  N N 387 
VAL HG21 H  N N 388 
VAL HG22 H  N N 389 
VAL HG23 H  N N 390 
VAL HXT  H  N N 391 
ZN  ZN   ZN N N 392 
# 
loop_
_chem_comp_bond.comp_id 
_chem_comp_bond.atom_id_1 
_chem_comp_bond.atom_id_2 
_chem_comp_bond.value_order 
_chem_comp_bond.pdbx_aromatic_flag 
_chem_comp_bond.pdbx_stereo_config 
_chem_comp_bond.pdbx_ordinal 
ALA N   CA   sing N N 1   
ALA N   H    sing N N 2   
ALA N   H2   sing N N 3   
ALA CA  C    sing N N 4   
ALA CA  CB   sing N N 5   
ALA CA  HA   sing N N 6   
ALA C   O    doub N N 7   
ALA C   OXT  sing N N 8   
ALA CB  HB1  sing N N 9   
ALA CB  HB2  sing N N 10  
ALA CB  HB3  sing N N 11  
ALA OXT HXT  sing N N 12  
ARG N   CA   sing N N 13  
ARG N   H    sing N N 14  
ARG N   H2   sing N N 15  
ARG CA  C    sing N N 16  
ARG CA  CB   sing N N 17  
ARG CA  HA   sing N N 18  
ARG C   O    doub N N 19  
ARG C   OXT  sing N N 20  
ARG CB  CG   sing N N 21  
ARG CB  HB2  sing N N 22  
ARG CB  HB3  sing N N 23  
ARG CG  CD   sing N N 24  
ARG CG  HG2  sing N N 25  
ARG CG  HG3  sing N N 26  
ARG CD  NE   sing N N 27  
ARG CD  HD2  sing N N 28  
ARG CD  HD3  sing N N 29  
ARG NE  CZ   sing N N 30  
ARG NE  HE   sing N N 31  
ARG CZ  NH1  sing N N 32  
ARG CZ  NH2  doub N N 33  
ARG NH1 HH11 sing N N 34  
ARG NH1 HH12 sing N N 35  
ARG NH2 HH21 sing N N 36  
ARG NH2 HH22 sing N N 37  
ARG OXT HXT  sing N N 38  
ASN N   CA   sing N N 39  
ASN N   H    sing N N 40  
ASN N   H2   sing N N 41  
ASN CA  C    sing N N 42  
ASN CA  CB   sing N N 43  
ASN CA  HA   sing N N 44  
ASN C   O    doub N N 45  
ASN C   OXT  sing N N 46  
ASN CB  CG   sing N N 47  
ASN CB  HB2  sing N N 48  
ASN CB  HB3  sing N N 49  
ASN CG  OD1  doub N N 50  
ASN CG  ND2  sing N N 51  
ASN ND2 HD21 sing N N 52  
ASN ND2 HD22 sing N N 53  
ASN OXT HXT  sing N N 54  
ASP N   CA   sing N N 55  
ASP N   H    sing N N 56  
ASP N   H2   sing N N 57  
ASP CA  C    sing N N 58  
ASP CA  CB   sing N N 59  
ASP CA  HA   sing N N 60  
ASP C   O    doub N N 61  
ASP C   OXT  sing N N 62  
ASP CB  CG   sing N N 63  
ASP CB  HB2  sing N N 64  
ASP CB  HB3  sing N N 65  
ASP CG  OD1  doub N N 66  
ASP CG  OD2  sing N N 67  
ASP OD2 HD2  sing N N 68  
ASP OXT HXT  sing N N 69  
CYS N   CA   sing N N 70  
CYS N   H    sing N N 71  
CYS N   H2   sing N N 72  
CYS CA  C    sing N N 73  
CYS CA  CB   sing N N 74  
CYS CA  HA   sing N N 75  
CYS C   O    doub N N 76  
CYS C   OXT  sing N N 77  
CYS CB  SG   sing N N 78  
CYS CB  HB2  sing N N 79  
CYS CB  HB3  sing N N 80  
CYS SG  HG   sing N N 81  
CYS OXT HXT  sing N N 82  
GLN N   CA   sing N N 83  
GLN N   H    sing N N 84  
GLN N   H2   sing N N 85  
GLN CA  C    sing N N 86  
GLN CA  CB   sing N N 87  
GLN CA  HA   sing N N 88  
GLN C   O    doub N N 89  
GLN C   OXT  sing N N 90  
GLN CB  CG   sing N N 91  
GLN CB  HB2  sing N N 92  
GLN CB  HB3  sing N N 93  
GLN CG  CD   sing N N 94  
GLN CG  HG2  sing N N 95  
GLN CG  HG3  sing N N 96  
GLN CD  OE1  doub N N 97  
GLN CD  NE2  sing N N 98  
GLN NE2 HE21 sing N N 99  
GLN NE2 HE22 sing N N 100 
GLN OXT HXT  sing N N 101 
GLU N   CA   sing N N 102 
GLU N   H    sing N N 103 
GLU N   H2   sing N N 104 
GLU CA  C    sing N N 105 
GLU CA  CB   sing N N 106 
GLU CA  HA   sing N N 107 
GLU C   O    doub N N 108 
GLU C   OXT  sing N N 109 
GLU CB  CG   sing N N 110 
GLU CB  HB2  sing N N 111 
GLU CB  HB3  sing N N 112 
GLU CG  CD   sing N N 113 
GLU CG  HG2  sing N N 114 
GLU CG  HG3  sing N N 115 
GLU CD  OE1  doub N N 116 
GLU CD  OE2  sing N N 117 
GLU OE2 HE2  sing N N 118 
GLU OXT HXT  sing N N 119 
GLY N   CA   sing N N 120 
GLY N   H    sing N N 121 
GLY N   H2   sing N N 122 
GLY CA  C    sing N N 123 
GLY CA  HA2  sing N N 124 
GLY CA  HA3  sing N N 125 
GLY C   O    doub N N 126 
GLY C   OXT  sing N N 127 
GLY OXT HXT  sing N N 128 
HIS N   CA   sing N N 129 
HIS N   H    sing N N 130 
HIS N   H2   sing N N 131 
HIS CA  C    sing N N 132 
HIS CA  CB   sing N N 133 
HIS CA  HA   sing N N 134 
HIS C   O    doub N N 135 
HIS C   OXT  sing N N 136 
HIS CB  CG   sing N N 137 
HIS CB  HB2  sing N N 138 
HIS CB  HB3  sing N N 139 
HIS CG  ND1  sing Y N 140 
HIS CG  CD2  doub Y N 141 
HIS ND1 CE1  doub Y N 142 
HIS ND1 HD1  sing N N 143 
HIS CD2 NE2  sing Y N 144 
HIS CD2 HD2  sing N N 145 
HIS CE1 NE2  sing Y N 146 
HIS CE1 HE1  sing N N 147 
HIS NE2 HE2  sing N N 148 
HIS OXT HXT  sing N N 149 
HOH O   H1   sing N N 150 
HOH O   H2   sing N N 151 
ILE N   CA   sing N N 152 
ILE N   H    sing N N 153 
ILE N   H2   sing N N 154 
ILE CA  C    sing N N 155 
ILE CA  CB   sing N N 156 
ILE CA  HA   sing N N 157 
ILE C   O    doub N N 158 
ILE C   OXT  sing N N 159 
ILE CB  CG1  sing N N 160 
ILE CB  CG2  sing N N 161 
ILE CB  HB   sing N N 162 
ILE CG1 CD1  sing N N 163 
ILE CG1 HG12 sing N N 164 
ILE CG1 HG13 sing N N 165 
ILE CG2 HG21 sing N N 166 
ILE CG2 HG22 sing N N 167 
ILE CG2 HG23 sing N N 168 
ILE CD1 HD11 sing N N 169 
ILE CD1 HD12 sing N N 170 
ILE CD1 HD13 sing N N 171 
ILE OXT HXT  sing N N 172 
LEU N   CA   sing N N 173 
LEU N   H    sing N N 174 
LEU N   H2   sing N N 175 
LEU CA  C    sing N N 176 
LEU CA  CB   sing N N 177 
LEU CA  HA   sing N N 178 
LEU C   O    doub N N 179 
LEU C   OXT  sing N N 180 
LEU CB  CG   sing N N 181 
LEU CB  HB2  sing N N 182 
LEU CB  HB3  sing N N 183 
LEU CG  CD1  sing N N 184 
LEU CG  CD2  sing N N 185 
LEU CG  HG   sing N N 186 
LEU CD1 HD11 sing N N 187 
LEU CD1 HD12 sing N N 188 
LEU CD1 HD13 sing N N 189 
LEU CD2 HD21 sing N N 190 
LEU CD2 HD22 sing N N 191 
LEU CD2 HD23 sing N N 192 
LEU OXT HXT  sing N N 193 
LYS N   CA   sing N N 194 
LYS N   H    sing N N 195 
LYS N   H2   sing N N 196 
LYS CA  C    sing N N 197 
LYS CA  CB   sing N N 198 
LYS CA  HA   sing N N 199 
LYS C   O    doub N N 200 
LYS C   OXT  sing N N 201 
LYS CB  CG   sing N N 202 
LYS CB  HB2  sing N N 203 
LYS CB  HB3  sing N N 204 
LYS CG  CD   sing N N 205 
LYS CG  HG2  sing N N 206 
LYS CG  HG3  sing N N 207 
LYS CD  CE   sing N N 208 
LYS CD  HD2  sing N N 209 
LYS CD  HD3  sing N N 210 
LYS CE  NZ   sing N N 211 
LYS CE  HE2  sing N N 212 
LYS CE  HE3  sing N N 213 
LYS NZ  HZ1  sing N N 214 
LYS NZ  HZ2  sing N N 215 
LYS NZ  HZ3  sing N N 216 
LYS OXT HXT  sing N N 217 
MSE N   CA   sing N N 218 
MSE N   H    sing N N 219 
MSE N   H2   sing N N 220 
MSE CA  C    sing N N 221 
MSE CA  CB   sing N N 222 
MSE CA  HA   sing N N 223 
MSE C   O    doub N N 224 
MSE C   OXT  sing N N 225 
MSE OXT HXT  sing N N 226 
MSE CB  CG   sing N N 227 
MSE CB  HB2  sing N N 228 
MSE CB  HB3  sing N N 229 
MSE CG  SE   sing N N 230 
MSE CG  HG2  sing N N 231 
MSE CG  HG3  sing N N 232 
MSE SE  CE   sing N N 233 
MSE CE  HE1  sing N N 234 
MSE CE  HE2  sing N N 235 
MSE CE  HE3  sing N N 236 
PHE N   CA   sing N N 237 
PHE N   H    sing N N 238 
PHE N   H2   sing N N 239 
PHE CA  C    sing N N 240 
PHE CA  CB   sing N N 241 
PHE CA  HA   sing N N 242 
PHE C   O    doub N N 243 
PHE C   OXT  sing N N 244 
PHE CB  CG   sing N N 245 
PHE CB  HB2  sing N N 246 
PHE CB  HB3  sing N N 247 
PHE CG  CD1  doub Y N 248 
PHE CG  CD2  sing Y N 249 
PHE CD1 CE1  sing Y N 250 
PHE CD1 HD1  sing N N 251 
PHE CD2 CE2  doub Y N 252 
PHE CD2 HD2  sing N N 253 
PHE CE1 CZ   doub Y N 254 
PHE CE1 HE1  sing N N 255 
PHE CE2 CZ   sing Y N 256 
PHE CE2 HE2  sing N N 257 
PHE CZ  HZ   sing N N 258 
PHE OXT HXT  sing N N 259 
PRO N   CA   sing N N 260 
PRO N   CD   sing N N 261 
PRO N   H    sing N N 262 
PRO CA  C    sing N N 263 
PRO CA  CB   sing N N 264 
PRO CA  HA   sing N N 265 
PRO C   O    doub N N 266 
PRO C   OXT  sing N N 267 
PRO CB  CG   sing N N 268 
PRO CB  HB2  sing N N 269 
PRO CB  HB3  sing N N 270 
PRO CG  CD   sing N N 271 
PRO CG  HG2  sing N N 272 
PRO CG  HG3  sing N N 273 
PRO CD  HD2  sing N N 274 
PRO CD  HD3  sing N N 275 
PRO OXT HXT  sing N N 276 
SER N   CA   sing N N 277 
SER N   H    sing N N 278 
SER N   H2   sing N N 279 
SER CA  C    sing N N 280 
SER CA  CB   sing N N 281 
SER CA  HA   sing N N 282 
SER C   O    doub N N 283 
SER C   OXT  sing N N 284 
SER CB  OG   sing N N 285 
SER CB  HB2  sing N N 286 
SER CB  HB3  sing N N 287 
SER OG  HG   sing N N 288 
SER OXT HXT  sing N N 289 
THR N   CA   sing N N 290 
THR N   H    sing N N 291 
THR N   H2   sing N N 292 
THR CA  C    sing N N 293 
THR CA  CB   sing N N 294 
THR CA  HA   sing N N 295 
THR C   O    doub N N 296 
THR C   OXT  sing N N 297 
THR CB  OG1  sing N N 298 
THR CB  CG2  sing N N 299 
THR CB  HB   sing N N 300 
THR OG1 HG1  sing N N 301 
THR CG2 HG21 sing N N 302 
THR CG2 HG22 sing N N 303 
THR CG2 HG23 sing N N 304 
THR OXT HXT  sing N N 305 
TRP N   CA   sing N N 306 
TRP N   H    sing N N 307 
TRP N   H2   sing N N 308 
TRP CA  C    sing N N 309 
TRP CA  CB   sing N N 310 
TRP CA  HA   sing N N 311 
TRP C   O    doub N N 312 
TRP C   OXT  sing N N 313 
TRP CB  CG   sing N N 314 
TRP CB  HB2  sing N N 315 
TRP CB  HB3  sing N N 316 
TRP CG  CD1  doub Y N 317 
TRP CG  CD2  sing Y N 318 
TRP CD1 NE1  sing Y N 319 
TRP CD1 HD1  sing N N 320 
TRP CD2 CE2  doub Y N 321 
TRP CD2 CE3  sing Y N 322 
TRP NE1 CE2  sing Y N 323 
TRP NE1 HE1  sing N N 324 
TRP CE2 CZ2  sing Y N 325 
TRP CE3 CZ3  doub Y N 326 
TRP CE3 HE3  sing N N 327 
TRP CZ2 CH2  doub Y N 328 
TRP CZ2 HZ2  sing N N 329 
TRP CZ3 CH2  sing Y N 330 
TRP CZ3 HZ3  sing N N 331 
TRP CH2 HH2  sing N N 332 
TRP OXT HXT  sing N N 333 
TYR N   CA   sing N N 334 
TYR N   H    sing N N 335 
TYR N   H2   sing N N 336 
TYR CA  C    sing N N 337 
TYR CA  CB   sing N N 338 
TYR CA  HA   sing N N 339 
TYR C   O    doub N N 340 
TYR C   OXT  sing N N 341 
TYR CB  CG   sing N N 342 
TYR CB  HB2  sing N N 343 
TYR CB  HB3  sing N N 344 
TYR CG  CD1  doub Y N 345 
TYR CG  CD2  sing Y N 346 
TYR CD1 CE1  sing Y N 347 
TYR CD1 HD1  sing N N 348 
TYR CD2 CE2  doub Y N 349 
TYR CD2 HD2  sing N N 350 
TYR CE1 CZ   doub Y N 351 
TYR CE1 HE1  sing N N 352 
TYR CE2 CZ   sing Y N 353 
TYR CE2 HE2  sing N N 354 
TYR CZ  OH   sing N N 355 
TYR OH  HH   sing N N 356 
TYR OXT HXT  sing N N 357 
VAL N   CA   sing N N 358 
VAL N   H    sing N N 359 
VAL N   H2   sing N N 360 
VAL CA  C    sing N N 361 
VAL CA  CB   sing N N 362 
VAL CA  HA   sing N N 363 
VAL C   O    doub N N 364 
VAL C   OXT  sing N N 365 
VAL CB  CG1  sing N N 366 
VAL CB  CG2  sing N N 367 
VAL CB  HB   sing N N 368 
VAL CG1 HG11 sing N N 369 
VAL CG1 HG12 sing N N 370 
VAL CG1 HG13 sing N N 371 
VAL CG2 HG21 sing N N 372 
VAL CG2 HG22 sing N N 373 
VAL CG2 HG23 sing N N 374 
VAL OXT HXT  sing N N 375 
# 
_atom_sites.entry_id                    3D00 
_atom_sites.fract_transf_matrix[1][1]   -0.01549635 
_atom_sites.fract_transf_matrix[1][2]   -0.00548487 
_atom_sites.fract_transf_matrix[1][3]   -0.00826008 
_atom_sites.fract_transf_matrix[2][1]   -0.00157620 
_atom_sites.fract_transf_matrix[2][2]   0.01649372 
_atom_sites.fract_transf_matrix[2][3]   -0.00799515 
_atom_sites.fract_transf_matrix[3][1]   0.00389184 
_atom_sites.fract_transf_matrix[3][2]   -0.00239607 
_atom_sites.fract_transf_matrix[3][3]   -0.00571026 
_atom_sites.fract_transf_vector[1]      0.306744 
_atom_sites.fract_transf_vector[2]      0.467176 
_atom_sites.fract_transf_vector[3]      0.455542 
# 
loop_
_atom_type.symbol 
C  
CL 
N  
O  
S  
SE 
ZN 
# 
loop_
_atom_site.group_PDB 
_atom_site.id 
_atom_site.type_symbol 
_atom_site.label_atom_id 
_atom_site.label_alt_id 
_atom_site.label_comp_id 
_atom_site.label_asym_id 
_atom_site.label_entity_id 
_atom_site.label_seq_id 
_atom_site.pdbx_PDB_ins_code 
_atom_site.Cartn_x 
_atom_site.Cartn_y 
_atom_site.Cartn_z 
_atom_site.occupancy 
_atom_site.B_iso_or_equiv 
_atom_site.pdbx_formal_charge 
_atom_site.auth_seq_id 
_atom_site.auth_comp_id 
_atom_site.auth_asym_id 
_atom_site.auth_atom_id 
_atom_site.pdbx_PDB_model_num 
HETATM 1    N  N   A MSE A 1 2   ? -22.929 16.874  2.137   0.50 48.09 ? 1   MSE A N   1 
HETATM 2    N  N   B MSE A 1 2   ? -21.781 14.311  2.804   0.50 46.29 ? 1   MSE A N   1 
HETATM 3    C  CA  A MSE A 1 2   ? -22.034 15.720  1.734   0.50 48.76 ? 1   MSE A CA  1 
HETATM 4    C  CA  B MSE A 1 2   ? -22.032 15.336  1.713   0.50 46.17 ? 1   MSE A CA  1 
HETATM 5    C  C   A MSE A 1 2   ? -20.639 16.204  1.270   0.50 47.99 ? 1   MSE A C   1 
HETATM 6    C  C   B MSE A 1 2   ? -20.745 16.220  1.327   0.50 46.76 ? 1   MSE A C   1 
HETATM 7    O  O   A MSE A 1 2   ? -20.500 16.682  0.137   0.50 48.36 ? 1   MSE A O   1 
HETATM 8    O  O   B MSE A 1 2   ? -20.799 17.066  0.434   0.50 47.40 ? 1   MSE A O   1 
HETATM 9    C  CB  A MSE A 1 2   ? -22.717 14.899  0.622   0.50 49.33 ? 1   MSE A CB  1 
HETATM 10   C  CB  B MSE A 1 2   ? -23.330 16.142  2.024   0.50 45.68 ? 1   MSE A CB  1 
HETATM 11   C  CG  A MSE A 1 2   ? -22.125 13.498  0.428   0.50 49.98 ? 1   MSE A CG  1 
HETATM 12   C  CG  B MSE A 1 2   ? -23.147 17.236  2.987   0.50 45.08 ? 1   MSE A CG  1 
HETATM 13   SE SE  A MSE A 1 2   ? -22.106 12.478  2.106   0.37 51.24 ? 1   MSE A SE  1 
HETATM 14   SE SE  B MSE A 1 2   ? -24.874 18.486  3.698   0.38 43.99 ? 1   MSE A SE  1 
HETATM 15   C  CE  A MSE A 1 2   ? -23.981 12.655  2.590   0.50 50.12 ? 1   MSE A CE  1 
HETATM 16   C  CE  B MSE A 1 2   ? -25.904 16.788  3.867   0.50 42.95 ? 1   MSE A CE  1 
ATOM   17   N  N   . THR A 1 3   ? -19.605 16.056  2.114   1.00 47.41 ? 2   THR A N   1 
ATOM   18   C  CA  . THR A 1 3   ? -18.320 16.789  1.885   1.00 46.51 ? 2   THR A CA  1 
ATOM   19   C  C   . THR A 1 3   ? -17.575 16.388  0.607   1.00 46.09 ? 2   THR A C   1 
ATOM   20   O  O   . THR A 1 3   ? -17.392 15.199  0.359   1.00 44.84 ? 2   THR A O   1 
ATOM   21   C  CB  . THR A 1 3   ? -17.303 16.633  3.070   1.00 47.42 ? 2   THR A CB  1 
ATOM   22   O  OG1 . THR A 1 3   ? -17.955 16.839  4.341   1.00 47.03 ? 2   THR A OG1 1 
ATOM   23   C  CG2 . THR A 1 3   ? -16.123 17.646  2.915   1.00 47.45 ? 2   THR A CG2 1 
ATOM   24   N  N   . ALA A 1 4   ? -17.136 17.387  -0.176  1.00 46.26 ? 3   ALA A N   1 
ATOM   25   C  CA  . ALA A 1 4   ? -16.415 17.155  -1.445  1.00 46.29 ? 3   ALA A CA  1 
ATOM   26   C  C   . ALA A 1 4   ? -15.036 16.651  -1.105  1.00 47.09 ? 3   ALA A C   1 
ATOM   27   O  O   . ALA A 1 4   ? -14.284 17.338  -0.406  1.00 47.34 ? 3   ALA A O   1 
ATOM   28   C  CB  . ALA A 1 4   ? -16.292 18.427  -2.253  1.00 46.88 ? 3   ALA A CB  1 
ATOM   29   N  N   . ARG A 1 5   ? -14.714 15.457  -1.591  1.00 47.01 ? 4   ARG A N   1 
ATOM   30   C  CA  . ARG A 1 5   ? -13.490 14.796  -1.209  1.00 47.71 ? 4   ARG A CA  1 
ATOM   31   C  C   . ARG A 1 5   ? -12.928 13.996  -2.345  1.00 48.33 ? 4   ARG A C   1 
ATOM   32   O  O   . ARG A 1 5   ? -12.909 12.756  -2.296  1.00 51.15 ? 4   ARG A O   1 
ATOM   33   C  CB  . ARG A 1 5   ? -13.739 13.907  -0.003  1.00 47.25 ? 4   ARG A CB  1 
ATOM   34   C  CG  . ARG A 1 5   ? -14.002 14.720  1.238   1.00 47.66 ? 4   ARG A CG  1 
ATOM   35   C  CD  . ARG A 1 5   ? -13.218 14.183  2.341   1.00 47.69 ? 4   ARG A CD  1 
ATOM   36   N  NE  . ARG A 1 5   ? -13.252 15.011  3.523   1.00 47.03 ? 4   ARG A NE  1 
ATOM   37   C  CZ  . ARG A 1 5   ? -12.518 16.103  3.695   1.00 46.96 ? 4   ARG A CZ  1 
ATOM   38   N  NH1 . ARG A 1 5   ? -11.723 16.567  2.737   1.00 46.91 ? 4   ARG A NH1 1 
ATOM   39   N  NH2 . ARG A 1 5   ? -12.599 16.737  4.837   1.00 47.00 ? 4   ARG A NH2 1 
ATOM   40   N  N   . ASN A 1 6   ? -12.423 14.703  -3.351  1.00 47.70 ? 5   ASN A N   1 
ATOM   41   C  CA  . ASN A 1 6   ? -11.649 14.068  -4.419  1.00 48.04 ? 5   ASN A CA  1 
ATOM   42   C  C   . ASN A 1 6   ? -10.365 13.289  -3.995  1.00 45.91 ? 5   ASN A C   1 
ATOM   43   O  O   . ASN A 1 6   ? -9.641  13.651  -3.055  1.00 44.76 ? 5   ASN A O   1 
ATOM   44   C  CB  . ASN A 1 6   ? -11.353 15.090  -5.513  1.00 49.42 ? 5   ASN A CB  1 
ATOM   45   C  CG  . ASN A 1 6   ? -12.624 15.670  -6.090  1.00 51.04 ? 5   ASN A CG  1 
ATOM   46   O  OD1 . ASN A 1 6   ? -13.707 15.451  -5.538  1.00 52.71 ? 5   ASN A OD1 1 
ATOM   47   N  ND2 . ASN A 1 6   ? -12.514 16.398  -7.191  1.00 51.98 ? 5   ASN A ND2 1 
ATOM   48   N  N   . ILE A 1 7   ? -10.134 12.179  -4.690  1.00 44.97 ? 6   ILE A N   1 
ATOM   49   C  CA  . ILE A 1 7   ? -8.970  11.311  -4.460  1.00 43.73 ? 6   ILE A CA  1 
ATOM   50   C  C   . ILE A 1 7   ? -8.210  11.240  -5.770  1.00 43.57 ? 6   ILE A C   1 
ATOM   51   O  O   . ILE A 1 7   ? -8.690  10.663  -6.745  1.00 42.74 ? 6   ILE A O   1 
ATOM   52   C  CB  . ILE A 1 7   ? -9.398  9.949   -3.952  1.00 43.30 ? 6   ILE A CB  1 
ATOM   53   C  CG1 . ILE A 1 7   ? -9.853  10.108  -2.496  1.00 44.69 ? 6   ILE A CG1 1 
ATOM   54   C  CG2 . ILE A 1 7   ? -8.237  8.953   -4.056  1.00 41.98 ? 6   ILE A CG2 1 
ATOM   55   C  CD1 . ILE A 1 7   ? -10.861 9.106   -2.070  1.00 46.66 ? 6   ILE A CD1 1 
ATOM   56   N  N   . LEU A 1 8   ? -7.042  11.884  -5.783  1.00 43.90 ? 7   LEU A N   1 
ATOM   57   C  CA  . LEU A 1 8   ? -6.345  12.265  -7.006  1.00 44.22 ? 7   LEU A CA  1 
ATOM   58   C  C   . LEU A 1 8   ? -7.371  12.860  -8.019  1.00 45.00 ? 7   LEU A C   1 
ATOM   59   O  O   . LEU A 1 8   ? -8.017  13.856  -7.701  1.00 44.53 ? 7   LEU A O   1 
ATOM   60   C  CB  . LEU A 1 8   ? -5.506  11.094  -7.557  1.00 44.36 ? 7   LEU A CB  1 
ATOM   61   C  CG  . LEU A 1 8   ? -4.361  10.549  -6.674  1.00 44.44 ? 7   LEU A CG  1 
ATOM   62   C  CD1 . LEU A 1 8   ? -3.733  9.408   -7.350  1.00 44.56 ? 7   LEU A CD1 1 
ATOM   63   C  CD2 . LEU A 1 8   ? -3.297  11.602  -6.389  1.00 44.98 ? 7   LEU A CD2 1 
ATOM   64   N  N   . SER A 1 9   ? -7.540  12.218  -9.184  1.00 46.32 ? 8   SER A N   1 
ATOM   65   C  CA  . SER A 1 9   ? -8.438  12.675  -10.261 1.00 46.63 ? 8   SER A CA  1 
ATOM   66   C  C   . SER A 1 9   ? -9.888  12.237  -10.064 1.00 46.67 ? 8   SER A C   1 
ATOM   67   O  O   . SER A 1 9   ? -10.778 12.696  -10.786 1.00 47.26 ? 8   SER A O   1 
ATOM   68   C  CB  . SER A 1 9   ? -7.952  12.126  -11.621 1.00 46.96 ? 8   SER A CB  1 
ATOM   69   O  OG  . SER A 1 9   ? -8.298  10.745  -11.789 1.00 47.01 ? 8   SER A OG  1 
ATOM   70   N  N   . TYR A 1 10  ? -10.130 11.332  -9.119  1.00 47.13 ? 9   TYR A N   1 
ATOM   71   C  CA  . TYR A 1 10  ? -11.482 10.820  -8.868  1.00 47.49 ? 9   TYR A CA  1 
ATOM   72   C  C   . TYR A 1 10  ? -12.248 11.627  -7.791  1.00 47.01 ? 9   TYR A C   1 
ATOM   73   O  O   . TYR A 1 10  ? -11.667 12.202  -6.875  1.00 47.15 ? 9   TYR A O   1 
ATOM   74   C  CB  . TYR A 1 10  ? -11.451 9.340   -8.452  1.00 48.55 ? 9   TYR A CB  1 
ATOM   75   C  CG  . TYR A 1 10  ? -10.797 8.360   -9.406  1.00 48.68 ? 9   TYR A CG  1 
ATOM   76   C  CD1 . TYR A 1 10  ? -11.370 8.042   -10.628 1.00 48.71 ? 9   TYR A CD1 1 
ATOM   77   C  CD2 . TYR A 1 10  ? -9.640  7.690   -9.043  1.00 49.44 ? 9   TYR A CD2 1 
ATOM   78   C  CE1 . TYR A 1 10  ? -10.781 7.115   -11.476 1.00 49.01 ? 9   TYR A CE1 1 
ATOM   79   C  CE2 . TYR A 1 10  ? -9.041  6.778   -9.879  1.00 49.34 ? 9   TYR A CE2 1 
ATOM   80   C  CZ  . TYR A 1 10  ? -9.611  6.483   -11.095 1.00 49.38 ? 9   TYR A CZ  1 
ATOM   81   O  OH  . TYR A 1 10  ? -8.986  5.550   -11.899 1.00 49.37 ? 9   TYR A OH  1 
ATOM   82   N  N   . SER A 1 11  ? -13.568 11.665  -7.933  1.00 45.24 ? 10  SER A N   1 
ATOM   83   C  CA  . SER A 1 11  ? -14.454 12.094  -6.873  1.00 43.80 ? 10  SER A CA  1 
ATOM   84   C  C   . SER A 1 11  ? -14.492 10.968  -5.875  1.00 43.19 ? 10  SER A C   1 
ATOM   85   O  O   . SER A 1 11  ? -14.117 9.845   -6.197  1.00 45.30 ? 10  SER A O   1 
ATOM   86   C  CB  . SER A 1 11  ? -15.864 12.372  -7.430  1.00 43.45 ? 10  SER A CB  1 
ATOM   87   O  OG  . SER A 1 11  ? -16.447 11.198  -7.985  1.00 42.01 ? 10  SER A OG  1 
ATOM   88   N  N   . TYR A 1 12  ? -14.934 11.237  -4.659  1.00 42.95 ? 11  TYR A N   1 
ATOM   89   C  CA  . TYR A 1 12  ? -14.970 10.198  -3.635  1.00 43.65 ? 11  TYR A CA  1 
ATOM   90   C  C   . TYR A 1 12  ? -15.877 9.050   -4.091  1.00 44.52 ? 11  TYR A C   1 
ATOM   91   O  O   . TYR A 1 12  ? -15.603 7.888   -3.816  1.00 44.08 ? 11  TYR A O   1 
ATOM   92   C  CB  . TYR A 1 12  ? -15.442 10.760  -2.302  1.00 43.15 ? 11  TYR A CB  1 
ATOM   93   C  CG  . TYR A 1 12  ? -15.256 9.824   -1.144  1.00 42.49 ? 11  TYR A CG  1 
ATOM   94   C  CD1 . TYR A 1 12  ? -14.017 9.613   -0.603  1.00 42.10 ? 11  TYR A CD1 1 
ATOM   95   C  CD2 . TYR A 1 12  ? -16.340 9.133   -0.607  1.00 42.85 ? 11  TYR A CD2 1 
ATOM   96   C  CE1 . TYR A 1 12  ? -13.850 8.741   0.443   1.00 43.01 ? 11  TYR A CE1 1 
ATOM   97   C  CE2 . TYR A 1 12  ? -16.187 8.258   0.445   1.00 42.65 ? 11  TYR A CE2 1 
ATOM   98   C  CZ  . TYR A 1 12  ? -14.953 8.072   0.966   1.00 43.03 ? 11  TYR A CZ  1 
ATOM   99   O  OH  . TYR A 1 12  ? -14.796 7.202   2.008   1.00 43.85 ? 11  TYR A OH  1 
ATOM   100  N  N   . GLU A 1 13  ? -16.947 9.391   -4.803  1.00 45.18 ? 12  GLU A N   1 
ATOM   101  C  CA  . GLU A 1 13  ? -17.908 8.402   -5.264  1.00 45.98 ? 12  GLU A CA  1 
ATOM   102  C  C   . GLU A 1 13  ? -17.353 7.593   -6.414  1.00 45.31 ? 12  GLU A C   1 
ATOM   103  O  O   . GLU A 1 13  ? -17.583 6.400   -6.468  1.00 45.42 ? 12  GLU A O   1 
ATOM   104  C  CB  . GLU A 1 13  ? -19.227 9.065   -5.668  1.00 47.53 ? 12  GLU A CB  1 
ATOM   105  C  CG  . GLU A 1 13  ? -19.997 9.690   -4.484  1.00 48.48 ? 12  GLU A CG  1 
ATOM   106  C  CD  . GLU A 1 13  ? -19.645 11.141  -4.188  1.00 48.90 ? 12  GLU A CD  1 
ATOM   107  O  OE1 . GLU A 1 13  ? -18.612 11.663  -4.651  1.00 49.27 ? 12  GLU A OE1 1 
ATOM   108  O  OE2 . GLU A 1 13  ? -20.427 11.777  -3.461  1.00 50.32 ? 12  GLU A OE2 1 
ATOM   109  N  N   . GLU A 1 14  ? -16.606 8.232   -7.313  1.00 45.39 ? 13  GLU A N   1 
ATOM   110  C  CA  . GLU A 1 14  ? -15.873 7.505   -8.369  1.00 46.29 ? 13  GLU A CA  1 
ATOM   111  C  C   . GLU A 1 14  ? -14.840 6.553   -7.762  1.00 46.11 ? 13  GLU A C   1 
ATOM   112  O  O   . GLU A 1 14  ? -14.640 5.421   -8.245  1.00 47.54 ? 13  GLU A O   1 
ATOM   113  C  CB  . GLU A 1 14  ? -15.162 8.481   -9.320  1.00 47.43 ? 13  GLU A CB  1 
ATOM   114  C  CG  . GLU A 1 14  ? -16.054 9.065   -10.431 1.00 48.03 ? 13  GLU A CG  1 
ATOM   115  C  CD  . GLU A 1 14  ? -15.614 10.448  -10.899 1.00 49.05 ? 13  GLU A CD  1 
ATOM   116  O  OE1 . GLU A 1 14  ? -14.398 10.723  -10.997 1.00 49.07 ? 13  GLU A OE1 1 
ATOM   117  O  OE2 . GLU A 1 14  ? -16.505 11.279  -11.170 1.00 50.97 ? 13  GLU A OE2 1 
ATOM   118  N  N   . TYR A 1 15  ? -14.175 7.018   -6.706  1.00 43.70 ? 14  TYR A N   1 
ATOM   119  C  CA  . TYR A 1 15  ? -13.135 6.217   -6.063  1.00 41.66 ? 14  TYR A CA  1 
ATOM   120  C  C   . TYR A 1 15  ? -13.765 5.017   -5.342  1.00 41.65 ? 14  TYR A C   1 
ATOM   121  O  O   . TYR A 1 15  ? -13.255 3.900   -5.472  1.00 40.98 ? 14  TYR A O   1 
ATOM   122  C  CB  . TYR A 1 15  ? -12.243 7.063   -5.137  1.00 39.91 ? 14  TYR A CB  1 
ATOM   123  C  CG  . TYR A 1 15  ? -11.239 6.212   -4.377  1.00 39.28 ? 14  TYR A CG  1 
ATOM   124  C  CD1 . TYR A 1 15  ? -10.179 5.554   -5.045  1.00 40.08 ? 14  TYR A CD1 1 
ATOM   125  C  CD2 . TYR A 1 15  ? -11.377 5.992   -3.005  1.00 39.16 ? 14  TYR A CD2 1 
ATOM   126  C  CE1 . TYR A 1 15  ? -9.276  4.752   -4.337  1.00 38.89 ? 14  TYR A CE1 1 
ATOM   127  C  CE2 . TYR A 1 15  ? -10.498 5.190   -2.307  1.00 38.43 ? 14  TYR A CE2 1 
ATOM   128  C  CZ  . TYR A 1 15  ? -9.446  4.566   -2.971  1.00 39.29 ? 14  TYR A CZ  1 
ATOM   129  O  OH  . TYR A 1 15  ? -8.563  3.762   -2.260  1.00 38.70 ? 14  TYR A OH  1 
ATOM   130  N  N   . VAL A 1 16  ? -14.863 5.241   -4.610  1.00 41.49 ? 15  VAL A N   1 
ATOM   131  C  CA  . VAL A 1 16  ? -15.608 4.151   -3.964  1.00 40.99 ? 15  VAL A CA  1 
ATOM   132  C  C   . VAL A 1 16  ? -16.000 3.100   -5.004  1.00 41.38 ? 15  VAL A C   1 
ATOM   133  O  O   . VAL A 1 16  ? -15.790 1.904   -4.786  1.00 40.09 ? 15  VAL A O   1 
ATOM   134  C  CB  . VAL A 1 16  ? -16.854 4.657   -3.182  1.00 41.35 ? 15  VAL A CB  1 
ATOM   135  C  CG1 . VAL A 1 16  ? -17.750 3.491   -2.737  1.00 40.95 ? 15  VAL A CG1 1 
ATOM   136  C  CG2 . VAL A 1 16  ? -16.422 5.514   -1.972  1.00 41.17 ? 15  VAL A CG2 1 
ATOM   137  N  N   . GLU A 1 17  ? -16.549 3.548   -6.137  1.00 42.87 ? 16  GLU A N   1 
ATOM   138  C  CA  . GLU A 1 17  ? -16.901 2.659   -7.260  1.00 42.72 ? 16  GLU A CA  1 
ATOM   139  C  C   . GLU A 1 17  ? -15.716 1.813   -7.733  1.00 42.07 ? 16  GLU A C   1 
ATOM   140  O  O   . GLU A 1 17  ? -15.806 0.582   -7.793  1.00 40.79 ? 16  GLU A O   1 
ATOM   141  N  N   . LYS A 1 18  ? -14.617 2.482   -8.081  1.00 42.13 ? 17  LYS A N   1 
ATOM   142  C  CA  . LYS A 1 18  ? -13.395 1.795   -8.531  1.00 43.30 ? 17  LYS A CA  1 
ATOM   143  C  C   . LYS A 1 18  ? -12.891 0.792   -7.499  1.00 42.74 ? 17  LYS A C   1 
ATOM   144  O  O   . LYS A 1 18  ? -12.527 -0.337  -7.849  1.00 43.08 ? 17  LYS A O   1 
ATOM   145  C  CB  . LYS A 1 18  ? -12.294 2.805   -8.892  1.00 43.14 ? 17  LYS A CB  1 
ATOM   146  C  CG  . LYS A 1 18  ? -12.654 3.673   -10.108 1.00 44.05 ? 17  LYS A CG  1 
ATOM   147  N  N   . ILE A 1 19  ? -12.880 1.162   -6.223  1.00 43.62 ? 18  ILE A N   1 
ATOM   148  C  CA  . ILE A 1 19  ? -12.329 0.248   -5.228  1.00 43.97 ? 18  ILE A CA  1 
ATOM   149  C  C   . ILE A 1 19  ? -13.231 -0.937  -4.876  1.00 44.47 ? 18  ILE A C   1 
ATOM   150  O  O   . ILE A 1 19  ? -12.710 -2.035  -4.667  1.00 45.41 ? 18  ILE A O   1 
ATOM   151  C  CB  . ILE A 1 19  ? -11.770 0.956   -3.947  1.00 46.31 ? 18  ILE A CB  1 
ATOM   152  C  CG1 . ILE A 1 19  ? -12.833 1.521   -3.049  1.00 45.95 ? 18  ILE A CG1 1 
ATOM   153  C  CG2 . ILE A 1 19  ? -10.890 2.131   -4.320  1.00 48.05 ? 18  ILE A CG2 1 
ATOM   154  C  CD1 . ILE A 1 19  ? -12.263 2.484   -2.072  1.00 44.83 ? 18  ILE A CD1 1 
ATOM   155  N  N   . THR A 1 20  ? -14.552 -0.771  -4.861  1.00 43.79 ? 19  THR A N   1 
ATOM   156  C  CA  . THR A 1 20  ? -15.458 -1.933  -4.699  1.00 44.66 ? 19  THR A CA  1 
ATOM   157  C  C   . THR A 1 20  ? -15.287 -2.939  -5.870  1.00 45.05 ? 19  THR A C   1 
ATOM   158  O  O   . THR A 1 20  ? -15.283 -4.159  -5.669  1.00 44.90 ? 19  THR A O   1 
ATOM   159  C  CB  . THR A 1 20  ? -16.962 -1.502  -4.605  1.00 45.02 ? 19  THR A CB  1 
ATOM   160  O  OG1 . THR A 1 20  ? -17.107 -0.466  -3.632  1.00 45.30 ? 19  THR A OG1 1 
ATOM   161  C  CG2 . THR A 1 20  ? -17.870 -2.668  -4.211  1.00 45.63 ? 19  THR A CG2 1 
ATOM   162  N  N   . ALA A 1 21  ? -15.169 -2.406  -7.087  1.00 44.67 ? 20  ALA A N   1 
ATOM   163  C  CA  . ALA A 1 21  ? -14.915 -3.202  -8.283  1.00 44.51 ? 20  ALA A CA  1 
ATOM   164  C  C   . ALA A 1 21  ? -13.655 -4.050  -8.176  1.00 44.81 ? 20  ALA A C   1 
ATOM   165  O  O   . ALA A 1 21  ? -13.650 -5.210  -8.577  1.00 45.80 ? 20  ALA A O   1 
ATOM   166  C  CB  . ALA A 1 21  ? -14.795 -2.284  -9.497  1.00 44.62 ? 20  ALA A CB  1 
ATOM   167  N  N   . PHE A 1 22  ? -12.579 -3.446  -7.689  1.00 44.63 ? 21  PHE A N   1 
ATOM   168  C  CA  . PHE A 1 22  ? -11.263 -4.090  -7.658  1.00 44.78 ? 21  PHE A CA  1 
ATOM   169  C  C   . PHE A 1 22  ? -11.058 -4.971  -6.422  1.00 43.68 ? 21  PHE A C   1 
ATOM   170  O  O   . PHE A 1 22  ? -10.659 -6.150  -6.531  1.00 45.37 ? 21  PHE A O   1 
ATOM   171  C  CB  . PHE A 1 22  ? -10.172 -3.026  -7.740  1.00 44.72 ? 21  PHE A CB  1 
ATOM   172  C  CG  . PHE A 1 22  ? -8.788  -3.591  -7.756  1.00 44.99 ? 21  PHE A CG  1 
ATOM   173  C  CD1 . PHE A 1 22  ? -8.403  -4.502  -8.730  1.00 45.38 ? 21  PHE A CD1 1 
ATOM   174  C  CD2 . PHE A 1 22  ? -7.857  -3.222  -6.778  1.00 44.97 ? 21  PHE A CD2 1 
ATOM   175  C  CE1 . PHE A 1 22  ? -7.107  -5.045  -8.722  1.00 44.73 ? 21  PHE A CE1 1 
ATOM   176  C  CE2 . PHE A 1 22  ? -6.587  -3.736  -6.782  1.00 44.98 ? 21  PHE A CE2 1 
ATOM   177  C  CZ  . PHE A 1 22  ? -6.213  -4.642  -7.767  1.00 44.99 ? 21  PHE A CZ  1 
ATOM   178  N  N   . HIS A 1 23  ? -11.365 -4.406  -5.263  1.00 42.60 ? 22  HIS A N   1 
ATOM   179  C  CA  . HIS A 1 23  ? -11.107 -5.020  -3.963  1.00 41.83 ? 22  HIS A CA  1 
ATOM   180  C  C   . HIS A 1 23  ? -12.269 -5.931  -3.544  1.00 42.58 ? 22  HIS A C   1 
ATOM   181  O  O   . HIS A 1 23  ? -12.086 -6.839  -2.745  1.00 43.44 ? 22  HIS A O   1 
ATOM   182  C  CB  . HIS A 1 23  ? -10.881 -3.861  -2.953  1.00 42.61 ? 22  HIS A CB  1 
ATOM   183  C  CG  . HIS A 1 23  ? -10.524 -4.292  -1.558  1.00 41.71 ? 22  HIS A CG  1 
ATOM   184  N  ND1 . HIS A 1 23  ? -9.242  -4.613  -1.194  1.00 39.81 ? 22  HIS A ND1 1 
ATOM   185  C  CD2 . HIS A 1 23  ? -11.283 -4.450  -0.443  1.00 40.16 ? 22  HIS A CD2 1 
ATOM   186  C  CE1 . HIS A 1 23  ? -9.220  -4.960  0.080   1.00 39.28 ? 22  HIS A CE1 1 
ATOM   187  N  NE2 . HIS A 1 23  ? -10.440 -4.861  0.562   1.00 38.62 ? 22  HIS A NE2 1 
ATOM   188  N  N   . GLY A 1 24  ? -13.477 -5.684  -4.058  1.00 42.94 ? 23  GLY A N   1 
ATOM   189  C  CA  . GLY A 1 24  ? -14.650 -6.489  -3.686  1.00 43.77 ? 23  GLY A CA  1 
ATOM   190  C  C   . GLY A 1 24  ? -15.652 -5.919  -2.672  1.00 44.62 ? 23  GLY A C   1 
ATOM   191  O  O   . GLY A 1 24  ? -16.783 -6.402  -2.590  1.00 44.27 ? 23  GLY A O   1 
ATOM   192  N  N   . TYR A 1 25  ? -15.237 -4.903  -1.912  1.00 46.23 ? 24  TYR A N   1 
ATOM   193  C  CA  . TYR A 1 25  ? -16.025 -4.277  -0.832  1.00 46.15 ? 24  TYR A CA  1 
ATOM   194  C  C   . TYR A 1 25  ? -15.421 -2.886  -0.641  1.00 46.20 ? 24  TYR A C   1 
ATOM   195  O  O   . TYR A 1 25  ? -14.203 -2.702  -0.820  1.00 45.34 ? 24  TYR A O   1 
ATOM   196  C  CB  . TYR A 1 25  ? -15.929 -5.126  0.462   1.00 47.75 ? 24  TYR A CB  1 
ATOM   197  C  CG  . TYR A 1 25  ? -16.680 -4.603  1.701   1.00 48.24 ? 24  TYR A CG  1 
ATOM   198  C  CD1 . TYR A 1 25  ? -18.092 -4.639  1.767   1.00 49.21 ? 24  TYR A CD1 1 
ATOM   199  C  CD2 . TYR A 1 25  ? -15.988 -4.116  2.833   1.00 48.54 ? 24  TYR A CD2 1 
ATOM   200  C  CE1 . TYR A 1 25  ? -18.807 -4.143  2.914   1.00 48.65 ? 24  TYR A CE1 1 
ATOM   201  C  CE2 . TYR A 1 25  ? -16.697 -3.623  3.986   1.00 48.50 ? 24  TYR A CE2 1 
ATOM   202  C  CZ  . TYR A 1 25  ? -18.096 -3.640  4.009   1.00 48.59 ? 24  TYR A CZ  1 
ATOM   203  O  OH  . TYR A 1 25  ? -18.802 -3.181  5.125   1.00 48.59 ? 24  TYR A OH  1 
ATOM   204  N  N   . PRO A 1 26  ? -16.244 -1.873  -0.304  1.00 45.66 ? 25  PRO A N   1 
ATOM   205  C  CA  . PRO A 1 26  ? -15.614 -0.564  -0.065  1.00 45.42 ? 25  PRO A CA  1 
ATOM   206  C  C   . PRO A 1 26  ? -15.041 -0.513  1.355   1.00 45.35 ? 25  PRO A C   1 
ATOM   207  O  O   . PRO A 1 26  ? -15.602 0.164   2.234   1.00 44.97 ? 25  PRO A O   1 
ATOM   208  C  CB  . PRO A 1 26  ? -16.762 0.408   -0.251  1.00 45.48 ? 25  PRO A CB  1 
ATOM   209  C  CG  . PRO A 1 26  ? -17.983 -0.382  0.223   1.00 45.48 ? 25  PRO A CG  1 
ATOM   210  C  CD  . PRO A 1 26  ? -17.711 -1.824  -0.132  1.00 45.55 ? 25  PRO A CD  1 
ATOM   211  N  N   . ALA A 1 27  ? -13.962 -1.267  1.567   1.00 43.82 ? 26  ALA A N   1 
ATOM   212  C  CA  . ALA A 1 27  ? -13.415 -1.476  2.895   1.00 43.48 ? 26  ALA A CA  1 
ATOM   213  C  C   . ALA A 1 27  ? -12.902 -0.165  3.437   1.00 43.41 ? 26  ALA A C   1 
ATOM   214  O  O   . ALA A 1 27  ? -12.295 0.599   2.698   1.00 44.63 ? 26  ALA A O   1 
ATOM   215  C  CB  . ALA A 1 27  ? -12.312 -2.497  2.863   1.00 42.45 ? 26  ALA A CB  1 
ATOM   216  N  N   . PRO A 1 28  ? -13.151 0.120   4.734   1.00 43.01 ? 27  PRO A N   1 
ATOM   217  C  CA  . PRO A 1 28  ? -12.600 1.324   5.367   1.00 41.84 ? 27  PRO A CA  1 
ATOM   218  C  C   . PRO A 1 28  ? -11.128 1.572   5.075   1.00 40.74 ? 27  PRO A C   1 
ATOM   219  O  O   . PRO A 1 28  ? -10.765 2.687   4.785   1.00 41.29 ? 27  PRO A O   1 
ATOM   220  C  CB  . PRO A 1 28  ? -12.807 1.058   6.863   1.00 41.74 ? 27  PRO A CB  1 
ATOM   221  C  CG  . PRO A 1 28  ? -13.991 0.183   6.923   1.00 41.70 ? 27  PRO A CG  1 
ATOM   222  C  CD  . PRO A 1 28  ? -13.978 -0.659  5.675   1.00 42.43 ? 27  PRO A CD  1 
ATOM   223  N  N   . GLY A 1 29  ? -10.306 0.526   5.157   1.00 39.42 ? 28  GLY A N   1 
ATOM   224  C  CA  . GLY A 1 29  ? -8.877  0.607   4.926   1.00 39.39 ? 28  GLY A CA  1 
ATOM   225  C  C   . GLY A 1 29  ? -8.477  1.133   3.566   1.00 39.18 ? 28  GLY A C   1 
ATOM   226  O  O   . GLY A 1 29  ? -7.529  1.908   3.443   1.00 41.00 ? 28  GLY A O   1 
ATOM   227  N  N   . VAL A 1 30  ? -9.200  0.719   2.527   1.00 39.86 ? 29  VAL A N   1 
ATOM   228  C  CA  A VAL A 1 30  ? -8.899  1.151   1.157   0.50 38.78 ? 29  VAL A CA  1 
ATOM   229  C  CA  B VAL A 1 30  ? -8.896  1.160   1.155   0.50 38.93 ? 29  VAL A CA  1 
ATOM   230  C  C   . VAL A 1 30  ? -9.428  2.559   0.914   1.00 38.40 ? 29  VAL A C   1 
ATOM   231  O  O   . VAL A 1 30  ? -8.843  3.316   0.191   1.00 41.03 ? 29  VAL A O   1 
ATOM   232  C  CB  A VAL A 1 30  ? -9.469  0.180   0.118   0.50 38.13 ? 29  VAL A CB  1 
ATOM   233  C  CB  B VAL A 1 30  ? -9.431  0.193   0.078   0.50 38.45 ? 29  VAL A CB  1 
ATOM   234  C  CG1 A VAL A 1 30  ? -8.962  0.541   -1.262  0.50 37.70 ? 29  VAL A CG1 1 
ATOM   235  C  CG1 B VAL A 1 30  ? -8.672  -1.088  0.158   0.50 38.29 ? 29  VAL A CG1 1 
ATOM   236  C  CG2 A VAL A 1 30  ? -9.057  -1.210  0.471   0.50 38.20 ? 29  VAL A CG2 1 
ATOM   237  C  CG2 B VAL A 1 30  ? -10.928 -0.039  0.229   0.50 38.64 ? 29  VAL A CG2 1 
ATOM   238  N  N   . LEU A 1 31  ? -10.542 2.899   1.544   1.00 38.68 ? 30  LEU A N   1 
ATOM   239  C  CA  . LEU A 1 31  ? -11.069 4.281   1.539   1.00 37.33 ? 30  LEU A CA  1 
ATOM   240  C  C   . LEU A 1 31  ? -10.069 5.244   2.230   1.00 37.95 ? 30  LEU A C   1 
ATOM   241  O  O   . LEU A 1 31  ? -9.619  6.255   1.642   1.00 37.96 ? 30  LEU A O   1 
ATOM   242  C  CB  . LEU A 1 31  ? -12.468 4.311   2.222   1.00 35.89 ? 30  LEU A CB  1 
ATOM   243  C  CG  . LEU A 1 31  ? -13.625 3.596   1.521   1.00 33.78 ? 30  LEU A CG  1 
ATOM   244  C  CD1 . LEU A 1 31  ? -14.871 3.531   2.382   1.00 33.12 ? 30  LEU A CD1 1 
ATOM   245  C  CD2 . LEU A 1 31  ? -13.918 4.297   0.236   1.00 32.86 ? 30  LEU A CD2 1 
ATOM   246  N  N   . ILE A 1 32  ? -9.687  4.908   3.463   1.00 37.31 ? 31  ILE A N   1 
ATOM   247  C  CA  . ILE A 1 32  ? -8.719  5.717   4.173   1.00 36.47 ? 31  ILE A CA  1 
ATOM   248  C  C   . ILE A 1 32  ? -7.432  5.755   3.336   1.00 35.12 ? 31  ILE A C   1 
ATOM   249  O  O   . ILE A 1 32  ? -6.869  6.811   3.138   1.00 34.90 ? 31  ILE A O   1 
ATOM   250  C  CB  . ILE A 1 32  ? -8.489  5.237   5.620   1.00 37.75 ? 31  ILE A CB  1 
ATOM   251  C  CG1 . ILE A 1 32  ? -9.782  5.386   6.439   1.00 37.21 ? 31  ILE A CG1 1 
ATOM   252  C  CG2 . ILE A 1 32  ? -7.384  6.065   6.279   1.00 37.73 ? 31  ILE A CG2 1 
ATOM   253  C  CD1 . ILE A 1 32  ? -9.681  4.763   7.826   1.00 36.50 ? 31  ILE A CD1 1 
ATOM   254  N  N   . GLY A 1 33  ? -7.020  4.599   2.828   1.00 34.20 ? 32  GLY A N   1 
ATOM   255  C  CA  . GLY A 1 33  ? -5.890  4.426   1.951   1.00 34.85 ? 32  GLY A CA  1 
ATOM   256  C  C   . GLY A 1 33  ? -5.856  5.392   0.806   1.00 35.88 ? 32  GLY A C   1 
ATOM   257  O  O   . GLY A 1 33  ? -4.786  5.858   0.462   1.00 37.68 ? 32  GLY A O   1 
ATOM   258  N  N   . GLY A 1 34  ? -7.021  5.665   0.201   1.00 37.07 ? 33  GLY A N   1 
ATOM   259  C  CA  . GLY A 1 34  ? -7.149  6.701   -0.832  1.00 36.74 ? 33  GLY A CA  1 
ATOM   260  C  C   . GLY A 1 34  ? -6.725  8.099   -0.413  1.00 36.88 ? 33  GLY A C   1 
ATOM   261  O  O   . GLY A 1 34  ? -6.119  8.871   -1.201  1.00 36.41 ? 33  GLY A O   1 
ATOM   262  N  N   . PHE A 1 35  ? -7.121  8.470   0.797   1.00 35.56 ? 34  PHE A N   1 
ATOM   263  C  CA  . PHE A 1 35  ? -6.750  9.760   1.333   1.00 35.59 ? 34  PHE A CA  1 
ATOM   264  C  C   . PHE A 1 35  ? -5.288  9.780   1.568   1.00 32.98 ? 34  PHE A C   1 
ATOM   265  O  O   . PHE A 1 35  ? -4.662  10.789  1.405   1.00 33.05 ? 34  PHE A O   1 
ATOM   266  C  CB  . PHE A 1 35  ? -7.520  10.070  2.602   1.00 35.68 ? 34  PHE A CB  1 
ATOM   267  C  CG  . PHE A 1 35  ? -8.941  10.415  2.348   1.00 35.90 ? 34  PHE A CG  1 
ATOM   268  C  CD1 . PHE A 1 35  ? -9.268  11.578  1.669   1.00 36.99 ? 34  PHE A CD1 1 
ATOM   269  C  CD2 . PHE A 1 35  ? -9.963  9.613   2.830   1.00 36.72 ? 34  PHE A CD2 1 
ATOM   270  C  CE1 . PHE A 1 35  ? -10.572 11.909  1.442   1.00 36.54 ? 34  PHE A CE1 1 
ATOM   271  C  CE2 . PHE A 1 35  ? -11.268 9.940   2.615   1.00 36.28 ? 34  PHE A CE2 1 
ATOM   272  C  CZ  . PHE A 1 35  ? -11.579 11.068  1.914   1.00 36.56 ? 34  PHE A CZ  1 
HETATM 273  N  N   . MSE A 1 36  ? -4.737  8.666   1.997   1.00 32.95 ? 35  MSE A N   1 
HETATM 274  C  CA  . MSE A 1 36  ? -3.314  8.605   2.264   1.00 33.08 ? 35  MSE A CA  1 
HETATM 275  C  C   . MSE A 1 36  ? -2.445  8.723   1.023   1.00 33.74 ? 35  MSE A C   1 
HETATM 276  O  O   . MSE A 1 36  ? -1.480  9.481   0.992   1.00 35.82 ? 35  MSE A O   1 
HETATM 277  C  CB  . MSE A 1 36  ? -2.967  7.324   3.025   1.00 32.87 ? 35  MSE A CB  1 
HETATM 278  C  CG  . MSE A 1 36  ? -3.540  7.304   4.411   1.00 35.16 ? 35  MSE A CG  1 
HETATM 279  SE SE  . MSE A 1 36  ? -3.519  5.490   5.163   0.75 34.03 ? 35  MSE A SE  1 
HETATM 280  C  CE  . MSE A 1 36  ? -1.757  5.340   5.658   1.00 38.41 ? 35  MSE A CE  1 
ATOM   281  N  N   . VAL A 1 37  ? -2.801  7.997   -0.007  1.00 34.75 ? 36  VAL A N   1 
ATOM   282  C  CA  . VAL A 1 37  ? -2.068  8.029   -1.261  1.00 36.89 ? 36  VAL A CA  1 
ATOM   283  C  C   . VAL A 1 37  ? -2.217  9.391   -1.927  1.00 35.62 ? 36  VAL A C   1 
ATOM   284  O  O   . VAL A 1 37  ? -1.240  9.924   -2.458  1.00 34.41 ? 36  VAL A O   1 
ATOM   285  C  CB  . VAL A 1 37  ? -2.536  6.903   -2.220  1.00 37.46 ? 36  VAL A CB  1 
ATOM   286  C  CG1 . VAL A 1 37  ? -1.968  7.092   -3.661  1.00 38.21 ? 36  VAL A CG1 1 
ATOM   287  C  CG2 . VAL A 1 37  ? -2.174  5.564   -1.642  1.00 37.03 ? 36  VAL A CG2 1 
ATOM   288  N  N   . ASP A 1 38  ? -3.421  9.964   -1.867  1.00 35.53 ? 37  ASP A N   1 
ATOM   289  C  CA  . ASP A 1 38  ? -3.633  11.324  -2.331  1.00 35.46 ? 37  ASP A CA  1 
ATOM   290  C  C   . ASP A 1 38  ? -2.742  12.364  -1.629  1.00 35.28 ? 37  ASP A C   1 
ATOM   291  O  O   . ASP A 1 38  ? -2.134  13.190  -2.289  1.00 35.64 ? 37  ASP A O   1 
ATOM   292  C  CB  . ASP A 1 38  ? -5.116  11.700  -2.179  1.00 36.06 ? 37  ASP A CB  1 
ATOM   293  C  CG  . ASP A 1 38  ? -5.405  13.122  -2.566  1.00 36.28 ? 37  ASP A CG  1 
ATOM   294  O  OD1 . ASP A 1 38  ? -5.634  13.404  -3.765  1.00 37.99 ? 37  ASP A OD1 1 
ATOM   295  O  OD2 . ASP A 1 38  ? -5.440  13.950  -1.657  1.00 37.11 ? 37  ASP A OD2 1 
ATOM   296  N  N   . LEU A 1 39  ? -2.670  12.337  -0.295  1.00 36.54 ? 38  LEU A N   1 
ATOM   297  C  CA  . LEU A 1 39  ? -1.799  13.277  0.446   1.00 35.09 ? 38  LEU A CA  1 
ATOM   298  C  C   . LEU A 1 39  ? -0.304  13.040  0.096   1.00 36.47 ? 38  LEU A C   1 
ATOM   299  O  O   . LEU A 1 39  ? 0.471   13.988  -0.073  1.00 34.58 ? 38  LEU A O   1 
ATOM   300  C  CB  . LEU A 1 39  ? -2.040  13.122  1.955   1.00 35.66 ? 38  LEU A CB  1 
ATOM   301  C  CG  . LEU A 1 39  ? -1.218  13.973  2.947   1.00 35.40 ? 38  LEU A CG  1 
ATOM   302  C  CD1 . LEU A 1 39  ? -1.475  15.404  2.627   1.00 34.47 ? 38  LEU A CD1 1 
ATOM   303  C  CD2 . LEU A 1 39  ? -1.529  13.674  4.447   1.00 34.82 ? 38  LEU A CD2 1 
ATOM   304  N  N   . ALA A 1 40  ? 0.077   11.763  0.008   1.00 35.51 ? 39  ALA A N   1 
ATOM   305  C  CA  . ALA A 1 40  ? 1.443   11.353  -0.320  1.00 36.16 ? 39  ALA A CA  1 
ATOM   306  C  C   . ALA A 1 40  ? 1.836   11.915  -1.702  1.00 36.84 ? 39  ALA A C   1 
ATOM   307  O  O   . ALA A 1 40  ? 2.839   12.627  -1.824  1.00 38.85 ? 39  ALA A O   1 
ATOM   308  C  CB  . ALA A 1 40  ? 1.555   9.836   -0.289  1.00 34.42 ? 39  ALA A CB  1 
ATOM   309  N  N   . VAL A 1 41  ? 1.021   11.657  -2.728  1.00 37.28 ? 40  VAL A N   1 
ATOM   310  C  CA  . VAL A 1 41  ? 1.316   12.141  -4.101  1.00 37.37 ? 40  VAL A CA  1 
ATOM   311  C  C   . VAL A 1 41  ? 1.403   13.664  -4.122  1.00 38.38 ? 40  VAL A C   1 
ATOM   312  O  O   . VAL A 1 41  ? 2.272   14.205  -4.770  1.00 39.38 ? 40  VAL A O   1 
ATOM   313  C  CB  . VAL A 1 41  ? 0.263   11.664  -5.171  1.00 36.17 ? 40  VAL A CB  1 
ATOM   314  C  CG1 . VAL A 1 41  ? 0.390   12.461  -6.462  1.00 36.42 ? 40  VAL A CG1 1 
ATOM   315  C  CG2 . VAL A 1 41  ? 0.356   10.189  -5.424  1.00 33.89 ? 40  VAL A CG2 1 
ATOM   316  N  N   . LYS A 1 42  ? 0.527   14.337  -3.383  1.00 39.16 ? 41  LYS A N   1 
ATOM   317  C  CA  . LYS A 1 42  ? 0.510   15.803  -3.305  1.00 40.59 ? 41  LYS A CA  1 
ATOM   318  C  C   . LYS A 1 42  ? 1.747   16.399  -2.655  1.00 38.81 ? 41  LYS A C   1 
ATOM   319  O  O   . LYS A 1 42  ? 1.939   17.577  -2.755  1.00 37.88 ? 41  LYS A O   1 
ATOM   320  C  CB  . LYS A 1 42  ? -0.728  16.299  -2.539  1.00 41.64 ? 41  LYS A CB  1 
ATOM   321  C  CG  . LYS A 1 42  ? -2.015  16.442  -3.390  1.00 43.99 ? 41  LYS A CG  1 
ATOM   322  C  CD  . LYS A 1 42  ? -3.097  17.303  -2.670  1.00 45.16 ? 41  LYS A CD  1 
ATOM   323  C  CE  . LYS A 1 42  ? -3.826  16.531  -1.537  1.00 46.73 ? 41  LYS A CE  1 
ATOM   324  N  NZ  . LYS A 1 42  ? -3.991  17.331  -0.264  1.00 47.06 ? 41  LYS A NZ  1 
ATOM   325  N  N   . ASN A 1 43  ? 2.554   15.579  -1.987  1.00 38.68 ? 42  ASN A N   1 
ATOM   326  C  CA  . ASN A 1 43  ? 3.769   15.983  -1.275  1.00 37.77 ? 42  ASN A CA  1 
ATOM   327  C  C   . ASN A 1 43  ? 5.066   15.420  -1.894  1.00 39.34 ? 42  ASN A C   1 
ATOM   328  O  O   . ASN A 1 43  ? 6.139   15.427  -1.284  1.00 40.63 ? 42  ASN A O   1 
ATOM   329  C  CB  . ASN A 1 43  ? 3.641   15.562  0.196   1.00 36.57 ? 42  ASN A CB  1 
ATOM   330  C  CG  . ASN A 1 43  ? 2.776   16.524  0.992   1.00 36.10 ? 42  ASN A CG  1 
ATOM   331  O  OD1 . ASN A 1 43  ? 3.273   17.557  1.477   1.00 36.14 ? 42  ASN A OD1 1 
ATOM   332  N  ND2 . ASN A 1 43  ? 1.489   16.232  1.096   1.00 35.12 ? 42  ASN A ND2 1 
ATOM   333  N  N   . LEU A 1 44  ? 4.977   14.953  -3.127  1.00 40.49 ? 43  LEU A N   1 
ATOM   334  C  CA  . LEU A 1 44  ? 6.169   14.602  -3.880  1.00 40.98 ? 43  LEU A CA  1 
ATOM   335  C  C   . LEU A 1 44  ? 6.416   15.747  -4.841  1.00 42.21 ? 43  LEU A C   1 
ATOM   336  O  O   . LEU A 1 44  ? 5.469   16.432  -5.243  1.00 42.83 ? 43  LEU A O   1 
ATOM   337  C  CB  . LEU A 1 44  ? 5.980   13.289  -4.641  1.00 39.88 ? 43  LEU A CB  1 
ATOM   338  C  CG  . LEU A 1 44  ? 5.854   11.987  -3.843  1.00 38.68 ? 43  LEU A CG  1 
ATOM   339  C  CD1 . LEU A 1 44  ? 5.723   10.845  -4.787  1.00 37.51 ? 43  LEU A CD1 1 
ATOM   340  C  CD2 . LEU A 1 44  ? 7.039   11.794  -2.937  1.00 38.60 ? 43  LEU A CD2 1 
ATOM   341  N  N   . PRO A 1 45  ? 7.688   15.991  -5.191  1.00 43.81 ? 44  PRO A N   1 
ATOM   342  C  CA  . PRO A 1 45  ? 7.973   16.914  -6.295  1.00 44.82 ? 44  PRO A CA  1 
ATOM   343  C  C   . PRO A 1 45  ? 7.159   16.582  -7.570  1.00 47.03 ? 44  PRO A C   1 
ATOM   344  O  O   . PRO A 1 45  ? 6.918   15.384  -7.882  1.00 45.04 ? 44  PRO A O   1 
ATOM   345  C  CB  . PRO A 1 45  ? 9.472   16.709  -6.553  1.00 44.01 ? 44  PRO A CB  1 
ATOM   346  C  CG  . PRO A 1 45  ? 10.026  16.176  -5.313  1.00 43.60 ? 44  PRO A CG  1 
ATOM   347  C  CD  . PRO A 1 45  ? 8.915   15.485  -4.551  1.00 43.77 ? 44  PRO A CD  1 
ATOM   348  N  N   . GLU A 1 46  ? 6.766   17.641  -8.294  1.00 49.44 ? 45  GLU A N   1 
ATOM   349  C  CA  . GLU A 1 46  ? 5.867   17.548  -9.466  1.00 51.52 ? 45  GLU A CA  1 
ATOM   350  C  C   . GLU A 1 46  ? 6.462   16.775  -10.632 1.00 51.80 ? 45  GLU A C   1 
ATOM   351  O  O   . GLU A 1 46  ? 7.555   17.085  -11.099 1.00 52.75 ? 45  GLU A O   1 
ATOM   352  C  CB  . GLU A 1 46  ? 5.439   18.940  -9.971  1.00 52.83 ? 45  GLU A CB  1 
ATOM   353  C  CG  . GLU A 1 46  ? 4.251   18.869  -10.956 1.00 54.01 ? 45  GLU A CG  1 
ATOM   354  C  CD  . GLU A 1 46  ? 4.174   20.038  -11.928 1.00 54.92 ? 45  GLU A CD  1 
ATOM   355  O  OE1 . GLU A 1 46  ? 4.446   21.193  -11.513 1.00 54.33 ? 45  GLU A OE1 1 
ATOM   356  O  OE2 . GLU A 1 46  ? 3.850   19.785  -13.124 1.00 56.72 ? 45  GLU A OE2 1 
ATOM   357  N  N   . GLY A 1 47  ? 5.727   15.758  -11.081 1.00 51.82 ? 46  GLY A N   1 
ATOM   358  C  CA  . GLY A 1 47  ? 6.081   15.000  -12.256 1.00 51.90 ? 46  GLY A CA  1 
ATOM   359  C  C   . GLY A 1 47  ? 7.115   13.908  -12.074 1.00 52.35 ? 46  GLY A C   1 
ATOM   360  O  O   . GLY A 1 47  ? 7.514   13.289  -13.063 1.00 53.22 ? 46  GLY A O   1 
ATOM   361  N  N   . ILE A 1 48  ? 7.535   13.620  -10.836 1.00 51.99 ? 47  ILE A N   1 
ATOM   362  C  CA  . ILE A 1 48  ? 8.608   12.618  -10.618 1.00 50.65 ? 47  ILE A CA  1 
ATOM   363  C  C   . ILE A 1 48  ? 8.089   11.203  -10.675 1.00 49.20 ? 47  ILE A C   1 
ATOM   364  O  O   . ILE A 1 48  ? 6.888   10.966  -10.473 1.00 49.13 ? 47  ILE A O   1 
ATOM   365  C  CB  . ILE A 1 48  ? 9.409   12.841  -9.284  1.00 50.62 ? 47  ILE A CB  1 
ATOM   366  C  CG1 . ILE A 1 48  ? 8.627   12.368  -8.052  1.00 49.96 ? 47  ILE A CG1 1 
ATOM   367  C  CG2 . ILE A 1 48  ? 9.804   14.326  -9.147  1.00 51.10 ? 47  ILE A CG2 1 
ATOM   368  C  CD1 . ILE A 1 48  ? 9.517   11.827  -6.943  1.00 49.10 ? 47  ILE A CD1 1 
ATOM   369  N  N   . LEU A 1 49  ? 9.024   10.285  -10.912 1.00 47.91 ? 48  LEU A N   1 
ATOM   370  C  CA  . LEU A 1 49  ? 8.776   8.831   -10.955 1.00 47.00 ? 48  LEU A CA  1 
ATOM   371  C  C   . LEU A 1 49  ? 9.039   8.216   -9.581  1.00 45.50 ? 48  LEU A C   1 
ATOM   372  O  O   . LEU A 1 49  ? 10.170  8.258   -9.051  1.00 44.91 ? 48  LEU A O   1 
ATOM   373  C  CB  . LEU A 1 49  ? 9.665   8.127   -12.015 1.00 47.24 ? 48  LEU A CB  1 
ATOM   374  N  N   . TYR A 1 50  ? 7.994   7.623   -9.012  1.00 42.68 ? 49  TYR A N   1 
ATOM   375  C  CA  . TYR A 1 50  ? 8.051   7.181   -7.643  1.00 39.48 ? 49  TYR A CA  1 
ATOM   376  C  C   . TYR A 1 50  ? 7.740   5.698   -7.530  1.00 39.39 ? 49  TYR A C   1 
ATOM   377  O  O   . TYR A 1 50  ? 6.949   5.165   -8.297  1.00 39.37 ? 49  TYR A O   1 
ATOM   378  C  CB  . TYR A 1 50  ? 7.111   8.054   -6.780  1.00 37.71 ? 49  TYR A CB  1 
ATOM   379  C  CG  . TYR A 1 50  ? 5.614   8.030   -7.112  1.00 36.41 ? 49  TYR A CG  1 
ATOM   380  C  CD1 . TYR A 1 50  ? 4.817   7.010   -6.663  1.00 37.14 ? 49  TYR A CD1 1 
ATOM   381  C  CD2 . TYR A 1 50  ? 5.008   9.052   -7.831  1.00 35.95 ? 49  TYR A CD2 1 
ATOM   382  C  CE1 . TYR A 1 50  ? 3.483   6.963   -6.939  1.00 36.38 ? 49  TYR A CE1 1 
ATOM   383  C  CE2 . TYR A 1 50  ? 3.653   9.032   -8.096  1.00 35.93 ? 49  TYR A CE2 1 
ATOM   384  C  CZ  . TYR A 1 50  ? 2.902   7.962   -7.645  1.00 36.60 ? 49  TYR A CZ  1 
ATOM   385  O  OH  . TYR A 1 50  ? 1.547   7.868   -7.862  1.00 36.98 ? 49  TYR A OH  1 
ATOM   386  N  N   . ASP A 1 51  ? 8.386   5.043   -6.576  1.00 39.03 ? 50  ASP A N   1 
ATOM   387  C  CA  . ASP A 1 51  ? 7.956   3.735   -6.120  1.00 38.61 ? 50  ASP A CA  1 
ATOM   388  C  C   . ASP A 1 51  ? 7.114   3.825   -4.836  1.00 35.92 ? 50  ASP A C   1 
ATOM   389  O  O   . ASP A 1 51  ? 7.023   4.853   -4.214  1.00 34.56 ? 50  ASP A O   1 
ATOM   390  C  CB  . ASP A 1 51  ? 9.174   2.798   -5.947  1.00 40.03 ? 50  ASP A CB  1 
ATOM   391  C  CG  . ASP A 1 51  ? 9.664   2.181   -7.290  1.00 41.80 ? 50  ASP A CG  1 
ATOM   392  O  OD1 . ASP A 1 51  ? 9.190   2.583   -8.372  1.00 40.66 ? 50  ASP A OD1 1 
ATOM   393  O  OD2 . ASP A 1 51  ? 10.528  1.272   -7.242  1.00 43.83 ? 50  ASP A OD2 1 
ATOM   394  N  N   . ALA A 1 52  ? 6.488   2.736   -4.433  1.00 35.64 ? 51  ALA A N   1 
ATOM   395  C  CA  . ALA A 1 52  ? 5.639   2.763   -3.228  1.00 35.43 ? 51  ALA A CA  1 
ATOM   396  C  C   . ALA A 1 52  ? 6.013   1.642   -2.258  1.00 35.46 ? 51  ALA A C   1 
ATOM   397  O  O   . ALA A 1 52  ? 6.473   0.614   -2.677  1.00 34.30 ? 51  ALA A O   1 
ATOM   398  C  CB  . ALA A 1 52  ? 4.185   2.669   -3.645  1.00 35.97 ? 51  ALA A CB  1 
ATOM   399  N  N   . ILE A 1 53  ? 5.831   1.868   -0.965  1.00 37.94 ? 52  ILE A N   1 
ATOM   400  C  CA  . ILE A 1 53  ? 5.960   0.836   0.067   1.00 39.72 ? 52  ILE A CA  1 
ATOM   401  C  C   . ILE A 1 53  ? 4.740   0.875   0.963   1.00 40.86 ? 52  ILE A C   1 
ATOM   402  O  O   . ILE A 1 53  ? 4.392   1.951   1.467   1.00 40.07 ? 52  ILE A O   1 
ATOM   403  C  CB  . ILE A 1 53  ? 7.199   1.051   0.987   1.00 41.91 ? 52  ILE A CB  1 
ATOM   404  C  CG1 . ILE A 1 53  ? 8.485   0.624   0.317   1.00 42.74 ? 52  ILE A CG1 1 
ATOM   405  C  CG2 . ILE A 1 53  ? 7.096   0.213   2.267   1.00 43.04 ? 52  ILE A CG2 1 
ATOM   406  C  CD1 . ILE A 1 53  ? 9.543   1.562   0.620   1.00 43.91 ? 52  ILE A CD1 1 
ATOM   407  N  N   . CYS A 1 54  ? 4.055   -0.266  1.128   1.00 39.08 ? 53  CYS A N   1 
ATOM   408  C  CA  . CYS A 1 54  ? 3.013   -0.414  2.158   1.00 39.32 ? 53  CYS A CA  1 
ATOM   409  C  C   . CYS A 1 54  ? 3.552   -1.244  3.287   1.00 38.41 ? 53  CYS A C   1 
ATOM   410  O  O   . CYS A 1 54  ? 4.167   -2.246  3.020   1.00 40.35 ? 53  CYS A O   1 
ATOM   411  C  CB  . CYS A 1 54  ? 1.797   -1.149  1.629   1.00 39.76 ? 53  CYS A CB  1 
ATOM   412  S  SG  . CYS A 1 54  ? 0.920   -0.178  0.468   1.00 45.74 ? 53  CYS A SG  1 
ATOM   413  N  N   . GLU A 1 55  ? 3.291   -0.837  4.529   1.00 37.21 ? 54  GLU A N   1 
ATOM   414  C  CA  . GLU A 1 55  ? 3.807   -1.495  5.698   1.00 37.14 ? 54  GLU A CA  1 
ATOM   415  C  C   . GLU A 1 55  ? 2.802   -2.429  6.310   1.00 37.53 ? 54  GLU A C   1 
ATOM   416  O  O   . GLU A 1 55  ? 3.005   -2.946  7.402   1.00 39.26 ? 54  GLU A O   1 
ATOM   417  C  CB  . GLU A 1 55  ? 4.277   -0.468  6.712   1.00 39.09 ? 54  GLU A CB  1 
ATOM   418  C  CG  . GLU A 1 55  ? 5.114   0.575   6.060   1.00 39.15 ? 54  GLU A CG  1 
ATOM   419  C  CD  . GLU A 1 55  ? 5.738   1.563   6.999   1.00 39.71 ? 54  GLU A CD  1 
ATOM   420  O  OE1 . GLU A 1 55  ? 5.723   1.405   8.232   1.00 37.77 ? 54  GLU A OE1 1 
ATOM   421  O  OE2 . GLU A 1 55  ? 6.286   2.518   6.442   1.00 42.62 ? 54  GLU A OE2 1 
ATOM   422  N  N   . THR A 1 56  ? 1.700   -2.636  5.606   1.00 38.93 ? 55  THR A N   1 
ATOM   423  C  CA  . THR A 1 56  ? 0.748   -3.681  5.941   1.00 39.00 ? 55  THR A CA  1 
ATOM   424  C  C   . THR A 1 56  ? 0.285   -4.312  4.630   1.00 39.28 ? 55  THR A C   1 
ATOM   425  O  O   . THR A 1 56  ? 0.263   -3.657  3.605   1.00 38.91 ? 55  THR A O   1 
ATOM   426  C  CB  . THR A 1 56  ? -0.461  -3.142  6.773   1.00 37.42 ? 55  THR A CB  1 
ATOM   427  O  OG1 . THR A 1 56  ? -1.315  -4.234  7.057   1.00 38.44 ? 55  THR A OG1 1 
ATOM   428  C  CG2 . THR A 1 56  ? -1.307  -2.063  6.022   1.00 36.01 ? 55  THR A CG2 1 
ATOM   429  N  N   . ARG A 1 57  ? -0.088  -5.590  4.679   1.00 42.50 ? 56  ARG A N   1 
ATOM   430  C  CA  . ARG A 1 57  ? -0.689  -6.256  3.540   1.00 43.05 ? 56  ARG A CA  1 
ATOM   431  C  C   . ARG A 1 57  ? -2.206  -6.038  3.414   1.00 46.13 ? 56  ARG A C   1 
ATOM   432  O  O   . ARG A 1 57  ? -2.768  -6.234  2.354   1.00 45.16 ? 56  ARG A O   1 
ATOM   433  C  CB  . ARG A 1 57  ? -0.293  -7.730  3.498   1.00 45.26 ? 56  ARG A CB  1 
ATOM   434  C  CG  . ARG A 1 57  ? -0.795  -8.622  4.582   1.00 48.08 ? 56  ARG A CG  1 
ATOM   435  C  CD  . ARG A 1 57  ? -0.221  -10.031 4.348   1.00 50.13 ? 56  ARG A CD  1 
ATOM   436  N  N   . THR A 1 58  ? -2.845  -5.548  4.466   1.00 46.00 ? 57  THR A N   1 
ATOM   437  C  CA  . THR A 1 58  ? -4.289  -5.413  4.494   1.00 46.22 ? 57  THR A CA  1 
ATOM   438  C  C   . THR A 1 58  ? -4.743  -4.110  3.854   1.00 45.07 ? 57  THR A C   1 
ATOM   439  O  O   . THR A 1 58  ? -4.433  -3.051  4.343   1.00 45.29 ? 57  THR A O   1 
ATOM   440  C  CB  . THR A 1 58  ? -4.776  -5.480  5.949   1.00 47.78 ? 57  THR A CB  1 
ATOM   441  O  OG1 . THR A 1 58  ? -4.094  -6.561  6.617   1.00 48.98 ? 57  THR A OG1 1 
ATOM   442  C  CG2 . THR A 1 58  ? -6.265  -5.673  6.022   1.00 46.61 ? 57  THR A CG2 1 
ATOM   443  N  N   . CYS A 1 59  ? -5.497  -4.200  2.759   1.00 43.74 ? 58  CYS A N   1 
ATOM   444  C  CA  . CYS A 1 59  ? -6.224  -3.076  2.161   1.00 43.46 ? 58  CYS A CA  1 
ATOM   445  C  C   . CYS A 1 59  ? -5.368  -2.037  1.474   1.00 43.10 ? 58  CYS A C   1 
ATOM   446  O  O   . CYS A 1 59  ? -5.608  -1.667  0.325   1.00 43.89 ? 58  CYS A O   1 
ATOM   447  C  CB  . CYS A 1 59  ? -7.113  -2.357  3.206   1.00 44.32 ? 58  CYS A CB  1 
ATOM   448  S  SG  . CYS A 1 59  ? -8.536  -3.300  3.698   1.00 45.95 ? 58  CYS A SG  1 
ATOM   449  N  N   . LEU A 1 60  ? -4.405  -1.527  2.206   1.00 42.15 ? 59  LEU A N   1 
ATOM   450  C  CA  . LEU A 1 60  ? -3.605  -0.429  1.738   1.00 42.79 ? 59  LEU A CA  1 
ATOM   451  C  C   . LEU A 1 60  ? -2.928  -0.722  0.411   1.00 41.81 ? 59  LEU A C   1 
ATOM   452  O  O   . LEU A 1 60  ? -2.859  0.171   -0.430  1.00 41.01 ? 59  LEU A O   1 
ATOM   453  C  CB  . LEU A 1 60  ? -2.591  -0.035  2.798   1.00 44.63 ? 59  LEU A CB  1 
ATOM   454  C  CG  . LEU A 1 60  ? -2.170  1.422   2.994   1.00 45.29 ? 59  LEU A CG  1 
ATOM   455  C  CD1 . LEU A 1 60  ? -3.214  2.420   2.646   1.00 46.20 ? 59  LEU A CD1 1 
ATOM   456  C  CD2 . LEU A 1 60  ? -1.715  1.626   4.433   1.00 45.56 ? 59  LEU A CD2 1 
ATOM   457  N  N   . PRO A 1 61  ? -2.412  -1.971  0.188   1.00 40.85 ? 60  PRO A N   1 
ATOM   458  C  CA  . PRO A 1 61  ? -1.892  -2.177  -1.172  1.00 39.92 ? 60  PRO A CA  1 
ATOM   459  C  C   . PRO A 1 61  ? -2.839  -1.872  -2.338  1.00 40.14 ? 60  PRO A C   1 
ATOM   460  O  O   . PRO A 1 61  ? -2.373  -1.410  -3.369  1.00 39.27 ? 60  PRO A O   1 
ATOM   461  C  CB  . PRO A 1 61  ? -1.528  -3.650  -1.164  1.00 39.94 ? 60  PRO A CB  1 
ATOM   462  C  CG  . PRO A 1 61  ? -1.158  -3.943  0.245   1.00 38.66 ? 60  PRO A CG  1 
ATOM   463  C  CD  . PRO A 1 61  ? -2.158  -3.169  1.038   1.00 39.61 ? 60  PRO A CD  1 
ATOM   464  N  N   . ASP A 1 62  ? -4.133  -2.163  -2.195  1.00 39.99 ? 61  ASP A N   1 
ATOM   465  C  CA  . ASP A 1 62  ? -5.093  -1.920  -3.277  1.00 39.77 ? 61  ASP A CA  1 
ATOM   466  C  C   . ASP A 1 62  ? -5.355  -0.465  -3.544  1.00 39.43 ? 61  ASP A C   1 
ATOM   467  O  O   . ASP A 1 62  ? -5.667  -0.112  -4.664  1.00 39.04 ? 61  ASP A O   1 
ATOM   468  C  CB  . ASP A 1 62  ? -6.389  -2.672  -3.032  1.00 40.90 ? 61  ASP A CB  1 
ATOM   469  C  CG  . ASP A 1 62  ? -6.220  -4.179  -3.218  1.00 41.59 ? 61  ASP A CG  1 
ATOM   470  O  OD1 . ASP A 1 62  ? -5.144  -4.643  -3.663  1.00 41.32 ? 61  ASP A OD1 1 
ATOM   471  O  OD2 . ASP A 1 62  ? -7.187  -4.908  -2.943  1.00 44.42 ? 61  ASP A OD2 1 
ATOM   472  N  N   . ALA A 1 63  ? -5.212  0.395   -2.523  1.00 40.28 ? 62  ALA A N   1 
ATOM   473  C  CA  . ALA A 1 63  ? -5.307  1.858   -2.708  1.00 39.50 ? 62  ALA A CA  1 
ATOM   474  C  C   . ALA A 1 63  ? -4.183  2.333   -3.621  1.00 38.89 ? 62  ALA A C   1 
ATOM   475  O  O   . ALA A 1 63  ? -4.408  3.063   -4.591  1.00 39.00 ? 62  ALA A O   1 
ATOM   476  C  CB  . ALA A 1 63  ? -5.212  2.564   -1.350  1.00 37.75 ? 62  ALA A CB  1 
ATOM   477  N  N   . VAL A 1 64  ? -2.972  1.886   -3.314  1.00 39.04 ? 63  VAL A N   1 
ATOM   478  C  CA  . VAL A 1 64  ? -1.799  2.157   -4.143  1.00 37.52 ? 63  VAL A CA  1 
ATOM   479  C  C   . VAL A 1 64  ? -2.001  1.591   -5.564  1.00 37.66 ? 63  VAL A C   1 
ATOM   480  O  O   . VAL A 1 64  ? -1.956  2.326   -6.533  1.00 37.92 ? 63  VAL A O   1 
ATOM   481  C  CB  . VAL A 1 64  ? -0.474  1.635   -3.469  1.00 38.73 ? 63  VAL A CB  1 
ATOM   482  C  CG1 . VAL A 1 64  ? 0.754   1.820   -4.410  1.00 36.23 ? 63  VAL A CG1 1 
ATOM   483  C  CG2 . VAL A 1 64  ? -0.220  2.347   -2.158  1.00 37.17 ? 63  VAL A CG2 1 
ATOM   484  N  N   . GLN A 1 65  ? -2.303  0.311   -5.704  1.00 37.38 ? 64  GLN A N   1 
ATOM   485  C  CA  . GLN A 1 65  ? -2.495  -0.282  -7.028  1.00 38.06 ? 64  GLN A CA  1 
ATOM   486  C  C   . GLN A 1 65  ? -3.549  0.381   -7.852  1.00 40.10 ? 64  GLN A C   1 
ATOM   487  O  O   . GLN A 1 65  ? -3.358  0.569   -9.078  1.00 39.76 ? 64  GLN A O   1 
ATOM   488  C  CB  . GLN A 1 65  ? -2.774  -1.748  -6.901  1.00 39.50 ? 64  GLN A CB  1 
ATOM   489  C  CG  . GLN A 1 65  ? -1.596  -2.452  -6.356  1.00 39.13 ? 64  GLN A CG  1 
ATOM   490  C  CD  . GLN A 1 65  ? -1.732  -3.924  -6.424  1.00 40.75 ? 64  GLN A CD  1 
ATOM   491  O  OE1 . GLN A 1 65  ? -0.944  -4.586  -7.087  1.00 40.94 ? 64  GLN A OE1 1 
ATOM   492  N  NE2 . GLN A 1 65  ? -2.723  -4.467  -5.719  1.00 38.48 ? 64  GLN A NE2 1 
ATOM   493  N  N   . LEU A 1 66  ? -4.641  0.791   -7.212  1.00 40.49 ? 65  LEU A N   1 
ATOM   494  C  CA  . LEU A 1 66  ? -5.729  1.469   -7.924  1.00 40.78 ? 65  LEU A CA  1 
ATOM   495  C  C   . LEU A 1 66  ? -5.430  2.894   -8.350  1.00 40.06 ? 65  LEU A C   1 
ATOM   496  O  O   . LEU A 1 66  ? -6.042  3.396   -9.281  1.00 40.27 ? 65  LEU A O   1 
ATOM   497  C  CB  . LEU A 1 66  ? -6.987  1.548   -7.051  1.00 43.85 ? 65  LEU A CB  1 
ATOM   498  C  CG  . LEU A 1 66  ? -8.057  0.453   -7.110  1.00 46.10 ? 65  LEU A CG  1 
ATOM   499  C  CD1 . LEU A 1 66  ? -8.967  0.522   -5.843  1.00 47.33 ? 65  LEU A CD1 1 
ATOM   500  C  CD2 . LEU A 1 66  ? -8.858  0.609   -8.383  1.00 46.92 ? 65  LEU A CD2 1 
ATOM   501  N  N   . LEU A 1 67  ? -4.558  3.582   -7.626  1.00 37.41 ? 66  LEU A N   1 
ATOM   502  C  CA  . LEU A 1 67  ? -4.368  5.023   -7.797  1.00 36.47 ? 66  LEU A CA  1 
ATOM   503  C  C   . LEU A 1 67  ? -3.042  5.471   -8.423  1.00 37.43 ? 66  LEU A C   1 
ATOM   504  O  O   . LEU A 1 67  ? -2.912  6.629   -8.854  1.00 39.98 ? 66  LEU A O   1 
ATOM   505  C  CB  . LEU A 1 67  ? -4.483  5.698   -6.416  1.00 35.99 ? 66  LEU A CB  1 
ATOM   506  C  CG  . LEU A 1 67  ? -5.847  5.730   -5.735  1.00 35.21 ? 66  LEU A CG  1 
ATOM   507  C  CD1 . LEU A 1 67  ? -5.795  6.258   -4.296  1.00 33.41 ? 66  LEU A CD1 1 
ATOM   508  C  CD2 . LEU A 1 67  ? -6.798  6.565   -6.605  1.00 33.39 ? 66  LEU A CD2 1 
ATOM   509  N  N   . THR A 1 68  ? -2.042  4.580   -8.400  1.00 38.99 ? 67  THR A N   1 
ATOM   510  C  CA  . THR A 1 68  ? -0.683  4.907   -8.795  1.00 37.83 ? 67  THR A CA  1 
ATOM   511  C  C   . THR A 1 68  ? -0.264  3.888   -9.848  1.00 37.13 ? 67  THR A C   1 
ATOM   512  O  O   . THR A 1 68  ? -0.964  2.912   -10.046 1.00 35.53 ? 67  THR A O   1 
ATOM   513  C  CB  . THR A 1 68  ? 0.304   4.783   -7.609  1.00 37.41 ? 67  THR A CB  1 
ATOM   514  O  OG1 . THR A 1 68  ? 0.458   3.414   -7.291  1.00 37.74 ? 67  THR A OG1 1 
ATOM   515  C  CG2 . THR A 1 68  ? -0.176  5.516   -6.313  1.00 34.26 ? 67  THR A CG2 1 
ATOM   516  N  N   . PRO A 1 69  ? 0.833   4.153   -10.573 1.00 37.37 ? 68  PRO A N   1 
ATOM   517  C  CA  . PRO A 1 69  ? 1.362   3.143   -11.503 1.00 37.77 ? 68  PRO A CA  1 
ATOM   518  C  C   . PRO A 1 69  ? 2.053   1.979   -10.857 1.00 37.79 ? 68  PRO A C   1 
ATOM   519  O  O   . PRO A 1 69  ? 2.402   1.022   -11.576 1.00 38.84 ? 68  PRO A O   1 
ATOM   520  C  CB  . PRO A 1 69  ? 2.346   3.943   -12.404 1.00 37.16 ? 68  PRO A CB  1 
ATOM   521  C  CG  . PRO A 1 69  ? 2.268   5.327   -12.019 1.00 36.93 ? 68  PRO A CG  1 
ATOM   522  C  CD  . PRO A 1 69  ? 1.566   5.438   -10.688 1.00 36.64 ? 68  PRO A CD  1 
ATOM   523  N  N   . CYS A 1 70  ? 2.253   2.043   -9.527  1.00 36.10 ? 69  CYS A N   1 
ATOM   524  C  CA  . CYS A 1 70  ? 2.958   1.026   -8.794  1.00 36.04 ? 69  CYS A CA  1 
ATOM   525  C  C   . CYS A 1 70  ? 2.024   -0.133  -8.525  1.00 35.45 ? 69  CYS A C   1 
ATOM   526  O  O   . CYS A 1 70  ? 0.986   0.021   -7.861  1.00 34.91 ? 69  CYS A O   1 
ATOM   527  C  CB  . CYS A 1 70  ? 3.499   1.585   -7.467  1.00 36.22 ? 69  CYS A CB  1 
ATOM   528  S  SG  . CYS A 1 70  ? 4.391   3.158   -7.631  1.00 38.73 ? 69  CYS A SG  1 
ATOM   529  N  N   . THR A 1 71  ? 2.423   -1.312  -8.971  1.00 37.55 ? 70  THR A N   1 
ATOM   530  C  CA  . THR A 1 71  ? 1.676   -2.521  -8.698  1.00 37.01 ? 70  THR A CA  1 
ATOM   531  C  C   . THR A 1 71  ? 2.578   -3.562  -8.079  1.00 39.29 ? 70  THR A C   1 
ATOM   532  O  O   . THR A 1 71  ? 3.793   -3.507  -8.176  1.00 39.45 ? 70  THR A O   1 
ATOM   533  C  CB  . THR A 1 71  ? 0.958   -3.097  -9.967  1.00 37.98 ? 70  THR A CB  1 
ATOM   534  O  OG1 . THR A 1 71  ? 1.887   -3.741  -10.830 1.00 39.80 ? 70  THR A OG1 1 
ATOM   535  C  CG2 . THR A 1 71  ? 0.257   -2.012  -10.725 1.00 37.23 ? 70  THR A CG2 1 
ATOM   536  N  N   . PHE A 1 72  ? 1.957   -4.538  -7.450  1.00 40.00 ? 71  PHE A N   1 
ATOM   537  C  CA  . PHE A 1 72  ? 2.693   -5.643  -6.930  1.00 41.92 ? 71  PHE A CA  1 
ATOM   538  C  C   . PHE A 1 72  ? 3.448   -6.415  -8.035  1.00 41.99 ? 71  PHE A C   1 
ATOM   539  O  O   . PHE A 1 72  ? 4.623   -6.726  -7.874  1.00 41.62 ? 71  PHE A O   1 
ATOM   540  C  CB  . PHE A 1 72  ? 1.805   -6.614  -6.164  1.00 43.87 ? 71  PHE A CB  1 
ATOM   541  C  CG  . PHE A 1 72  ? 2.588   -7.472  -5.261  1.00 44.41 ? 71  PHE A CG  1 
ATOM   542  C  CD1 . PHE A 1 72  ? 2.889   -7.041  -3.980  1.00 45.89 ? 71  PHE A CD1 1 
ATOM   543  C  CD2 . PHE A 1 72  ? 3.169   -8.633  -5.720  1.00 44.74 ? 71  PHE A CD2 1 
ATOM   544  C  CE1 . PHE A 1 72  ? 3.715   -7.790  -3.163  1.00 44.71 ? 71  PHE A CE1 1 
ATOM   545  C  CE2 . PHE A 1 72  ? 3.983   -9.378  -4.890  1.00 45.24 ? 71  PHE A CE2 1 
ATOM   546  C  CZ  . PHE A 1 72  ? 4.265   -8.945  -3.635  1.00 45.50 ? 71  PHE A CZ  1 
ATOM   547  N  N   . GLY A 1 73  ? 2.766   -6.687  -9.149  1.00 41.86 ? 72  GLY A N   1 
ATOM   548  C  CA  . GLY A 1 73  ? 3.380   -7.378  -10.274 1.00 40.86 ? 72  GLY A CA  1 
ATOM   549  C  C   . GLY A 1 73  ? 4.475   -6.652  -11.073 1.00 39.94 ? 72  GLY A C   1 
ATOM   550  O  O   . GLY A 1 73  ? 5.244   -7.329  -11.739 1.00 41.12 ? 72  GLY A O   1 
ATOM   551  N  N   . ASN A 1 74  ? 4.555   -5.313  -11.059 1.00 40.26 ? 73  ASN A N   1 
ATOM   552  C  CA  . ASN A 1 74  ? 5.653   -4.585  -11.780 1.00 38.77 ? 73  ASN A CA  1 
ATOM   553  C  C   . ASN A 1 74  ? 6.819   -4.225  -10.868 1.00 38.46 ? 73  ASN A C   1 
ATOM   554  O  O   . ASN A 1 74  ? 7.855   -3.675  -11.289 1.00 36.90 ? 73  ASN A O   1 
ATOM   555  C  CB  . ASN A 1 74  ? 5.153   -3.355  -12.563 1.00 38.18 ? 73  ASN A CB  1 
ATOM   556  C  CG  . ASN A 1 74  ? 4.607   -2.260  -11.695 1.00 38.12 ? 73  ASN A CG  1 
ATOM   557  O  OD1 . ASN A 1 74  ? 4.845   -2.206  -10.494 1.00 39.02 ? 73  ASN A OD1 1 
ATOM   558  N  ND2 . ASN A 1 74  ? 3.855   -1.371  -12.307 1.00 39.36 ? 73  ASN A ND2 1 
ATOM   559  N  N   . GLY A 1 75  ? 6.630   -4.563  -9.610  1.00 38.83 ? 74  GLY A N   1 
ATOM   560  C  CA  . GLY A 1 75  ? 7.642   -4.428  -8.596  1.00 38.87 ? 74  GLY A CA  1 
ATOM   561  C  C   . GLY A 1 75  ? 7.820   -3.029  -8.082  1.00 38.66 ? 74  GLY A C   1 
ATOM   562  O  O   . GLY A 1 75  ? 8.685   -2.807  -7.253  1.00 38.26 ? 74  GLY A O   1 
ATOM   563  N  N   . TRP A 1 76  ? 7.035   -2.076  -8.570  1.00 39.55 ? 75  TRP A N   1 
ATOM   564  C  CA  . TRP A 1 76  ? 7.183   -0.693  -8.104  1.00 39.72 ? 75  TRP A CA  1 
ATOM   565  C  C   . TRP A 1 76  ? 6.511   -0.540  -6.745  1.00 39.89 ? 75  TRP A C   1 
ATOM   566  O  O   . TRP A 1 76  ? 6.879   0.336   -5.987  1.00 40.06 ? 75  TRP A O   1 
ATOM   567  C  CB  . TRP A 1 76  ? 6.671   0.321   -9.116  1.00 41.10 ? 75  TRP A CB  1 
ATOM   568  C  CG  . TRP A 1 76  ? 7.382   0.234   -10.485 1.00 41.87 ? 75  TRP A CG  1 
ATOM   569  C  CD1 . TRP A 1 76  ? 8.569   -0.385  -10.770 1.00 41.81 ? 75  TRP A CD1 1 
ATOM   570  C  CD2 . TRP A 1 76  ? 6.924   0.794   -11.716 1.00 42.48 ? 75  TRP A CD2 1 
ATOM   571  N  NE1 . TRP A 1 76  ? 8.867   -0.253  -12.103 1.00 42.17 ? 75  TRP A NE1 1 
ATOM   572  C  CE2 . TRP A 1 76  ? 7.872   0.457   -12.712 1.00 42.13 ? 75  TRP A CE2 1 
ATOM   573  C  CE3 . TRP A 1 76  ? 5.802   1.552   -12.077 1.00 42.90 ? 75  TRP A CE3 1 
ATOM   574  C  CZ2 . TRP A 1 76  ? 7.732   0.848   -14.050 1.00 43.10 ? 75  TRP A CZ2 1 
ATOM   575  C  CZ3 . TRP A 1 76  ? 5.651   1.943   -13.410 1.00 42.37 ? 75  TRP A CZ3 1 
ATOM   576  C  CH2 . TRP A 1 76  ? 6.618   1.592   -14.382 1.00 42.88 ? 75  TRP A CH2 1 
ATOM   577  N  N   . LEU A 1 77  ? 5.551   -1.428  -6.426  1.00 40.33 ? 76  LEU A N   1 
ATOM   578  C  CA  . LEU A 1 77  ? 5.027   -1.568  -5.065  1.00 38.03 ? 76  LEU A CA  1 
ATOM   579  C  C   . LEU A 1 77  ? 5.691   -2.722  -4.333  1.00 39.37 ? 76  LEU A C   1 
ATOM   580  O  O   . LEU A 1 77  ? 5.655   -3.883  -4.816  1.00 38.23 ? 76  LEU A O   1 
ATOM   581  C  CB  . LEU A 1 77  ? 3.539   -1.834  -5.084  1.00 37.61 ? 76  LEU A CB  1 
ATOM   582  C  CG  . LEU A 1 77  ? 2.793   -2.066  -3.759  1.00 37.47 ? 76  LEU A CG  1 
ATOM   583  C  CD1 . LEU A 1 77  ? 2.949   -0.927  -2.729  1.00 37.83 ? 76  LEU A CD1 1 
ATOM   584  C  CD2 . LEU A 1 77  ? 1.324   -2.379  -3.988  1.00 36.71 ? 76  LEU A CD2 1 
ATOM   585  N  N   . THR A 1 78  ? 6.257   -2.393  -3.170  1.00 40.99 ? 77  THR A N   1 
ATOM   586  C  CA  . THR A 1 78  ? 6.746   -3.347  -2.188  1.00 40.48 ? 77  THR A CA  1 
ATOM   587  C  C   . THR A 1 78  ? 5.793   -3.330  -0.985  1.00 40.41 ? 77  THR A C   1 
ATOM   588  O  O   . THR A 1 78  ? 5.365   -2.288  -0.536  1.00 38.55 ? 77  THR A O   1 
ATOM   589  C  CB  . THR A 1 78  ? 8.220   -2.970  -1.785  1.00 42.41 ? 77  THR A CB  1 
ATOM   590  O  OG1 . THR A 1 78  ? 9.065   -3.229  -2.905  1.00 46.02 ? 77  THR A OG1 1 
ATOM   591  C  CG2 . THR A 1 78  ? 8.778   -3.785  -0.612  1.00 45.01 ? 77  THR A CG2 1 
ATOM   592  N  N   . VAL A 1 79  ? 5.484   -4.508  -0.464  1.00 39.58 ? 78  VAL A N   1 
ATOM   593  C  CA  . VAL A 1 79  ? 4.709   -4.651  0.722   1.00 38.82 ? 78  VAL A CA  1 
ATOM   594  C  C   . VAL A 1 79  ? 5.623   -5.282  1.782   1.00 40.33 ? 78  VAL A C   1 
ATOM   595  O  O   . VAL A 1 79  ? 6.215   -6.346  1.557   1.00 38.91 ? 78  VAL A O   1 
ATOM   596  C  CB  . VAL A 1 79  ? 3.481   -5.516  0.461   1.00 38.01 ? 78  VAL A CB  1 
ATOM   597  C  CG1 . VAL A 1 79  ? 2.765   -5.790  1.752   1.00 39.63 ? 78  VAL A CG1 1 
ATOM   598  C  CG2 . VAL A 1 79  ? 2.540   -4.783  -0.594  1.00 36.37 ? 78  VAL A CG2 1 
ATOM   599  N  N   . LEU A 1 80  ? 5.838   -4.554  2.859   1.00 39.86 ? 79  LEU A N   1 
ATOM   600  C  CA  . LEU A 1 80  ? 6.534   -5.076  4.029   1.00 41.41 ? 79  LEU A CA  1 
ATOM   601  C  C   . LEU A 1 80  ? 5.435   -5.375  5.012   1.00 43.35 ? 79  LEU A C   1 
ATOM   602  O  O   . LEU A 1 80  ? 4.795   -4.477  5.522   1.00 42.62 ? 79  LEU A O   1 
ATOM   603  C  CB  . LEU A 1 80  ? 7.491   -4.032  4.575   1.00 42.27 ? 79  LEU A CB  1 
ATOM   604  C  CG  . LEU A 1 80  ? 8.525   -3.563  3.546   1.00 43.64 ? 79  LEU A CG  1 
ATOM   605  C  CD1 . LEU A 1 80  ? 9.258   -2.375  4.118   1.00 44.15 ? 79  LEU A CD1 1 
ATOM   606  C  CD2 . LEU A 1 80  ? 9.538   -4.667  3.191   1.00 44.26 ? 79  LEU A CD2 1 
ATOM   607  N  N   . PRO A 1 81  ? 5.155   -6.658  5.269   1.00 46.82 ? 80  PRO A N   1 
ATOM   608  C  CA  . PRO A 1 81  ? 4.064   -6.983  6.182   1.00 47.14 ? 80  PRO A CA  1 
ATOM   609  C  C   . PRO A 1 81  ? 4.404   -6.757  7.656   1.00 46.95 ? 80  PRO A C   1 
ATOM   610  O  O   . PRO A 1 81  ? 4.673   -7.708  8.404   1.00 47.22 ? 80  PRO A O   1 
ATOM   611  C  CB  . PRO A 1 81  ? 3.800   -8.445  5.874   1.00 48.74 ? 80  PRO A CB  1 
ATOM   612  C  CG  . PRO A 1 81  ? 5.151   -8.964  5.535   1.00 49.84 ? 80  PRO A CG  1 
ATOM   613  C  CD  . PRO A 1 81  ? 5.791   -7.870  4.727   1.00 48.92 ? 80  PRO A CD  1 
HETATM 614  N  N   . MSE A 1 82  ? 4.397   -5.499  8.083   1.00 43.92 ? 81  MSE A N   1 
HETATM 615  C  CA  . MSE A 1 82  ? 4.755   -5.155  9.459   1.00 41.31 ? 81  MSE A CA  1 
HETATM 616  C  C   . MSE A 1 82  ? 3.554   -4.761  10.310  1.00 42.44 ? 81  MSE A C   1 
HETATM 617  O  O   . MSE A 1 82  ? 3.715   -4.388  11.443  1.00 43.61 ? 81  MSE A O   1 
HETATM 618  C  CB  . MSE A 1 82  ? 5.801   -4.059  9.450   1.00 39.93 ? 81  MSE A CB  1 
HETATM 619  C  CG  . MSE A 1 82  ? 7.045   -4.501  8.775   1.00 38.65 ? 81  MSE A CG  1 
HETATM 620  SE SE  . MSE A 1 82  ? 8.428   -3.200  8.780   0.75 36.99 ? 81  MSE A SE  1 
HETATM 621  C  CE  . MSE A 1 82  ? 7.512   -1.856  7.804   1.00 32.40 ? 81  MSE A CE  1 
ATOM   622  N  N   . GLY A 1 83  ? 2.341   -4.855  9.762   1.00 42.52 ? 82  GLY A N   1 
ATOM   623  C  CA  . GLY A 1 83  ? 1.117   -4.545  10.505  1.00 41.86 ? 82  GLY A CA  1 
ATOM   624  C  C   . GLY A 1 83  ? 0.883   -3.081  10.814  1.00 41.21 ? 82  GLY A C   1 
ATOM   625  O  O   . GLY A 1 83  ? 0.041   -2.755  11.639  1.00 42.60 ? 82  GLY A O   1 
ATOM   626  N  N   . LEU A 1 84  ? 1.616   -2.206  10.127  1.00 39.62 ? 83  LEU A N   1 
ATOM   627  C  CA  . LEU A 1 84  ? 1.548   -0.773  10.326  1.00 36.82 ? 83  LEU A CA  1 
ATOM   628  C  C   . LEU A 1 84  ? 0.761   -0.171  9.160   1.00 36.21 ? 83  LEU A C   1 
ATOM   629  O  O   . LEU A 1 84  ? 1.042   -0.423  8.013   1.00 33.52 ? 83  LEU A O   1 
ATOM   630  C  CB  . LEU A 1 84  ? 2.941   -0.158  10.404  1.00 36.38 ? 83  LEU A CB  1 
ATOM   631  C  CG  . LEU A 1 84  ? 3.773   -0.614  11.594  1.00 37.12 ? 83  LEU A CG  1 
ATOM   632  C  CD1 . LEU A 1 84  ? 5.187   -0.082  11.478  1.00 36.54 ? 83  LEU A CD1 1 
ATOM   633  C  CD2 . LEU A 1 84  ? 3.137   -0.189  12.934  1.00 37.79 ? 83  LEU A CD2 1 
ATOM   634  N  N   . PHE A 1 85  ? -0.262  0.597   9.493   1.00 38.89 ? 84  PHE A N   1 
ATOM   635  C  CA  . PHE A 1 85  ? -1.142  1.228   8.498   1.00 39.86 ? 84  PHE A CA  1 
ATOM   636  C  C   . PHE A 1 85  ? -0.448  2.500   8.008   1.00 39.42 ? 84  PHE A C   1 
ATOM   637  O  O   . PHE A 1 85  ? -0.753  3.598   8.435   1.00 39.51 ? 84  PHE A O   1 
ATOM   638  C  CB  . PHE A 1 85  ? -2.537  1.514   9.081   1.00 41.29 ? 84  PHE A CB  1 
ATOM   639  C  CG  . PHE A 1 85  ? -3.619  1.550   8.042   1.00 41.86 ? 84  PHE A CG  1 
ATOM   640  C  CD1 . PHE A 1 85  ? -4.051  0.381   7.444   1.00 42.78 ? 84  PHE A CD1 1 
ATOM   641  C  CD2 . PHE A 1 85  ? -4.196  2.737   7.656   1.00 43.31 ? 84  PHE A CD2 1 
ATOM   642  C  CE1 . PHE A 1 85  ? -5.028  0.399   6.460   1.00 43.82 ? 84  PHE A CE1 1 
ATOM   643  C  CE2 . PHE A 1 85  ? -5.191  2.765   6.663   1.00 43.09 ? 84  PHE A CE2 1 
ATOM   644  C  CZ  . PHE A 1 85  ? -5.596  1.600   6.077   1.00 43.22 ? 84  PHE A CZ  1 
ATOM   645  N  N   . ALA A 1 86  ? 0.495   2.300   7.106   1.00 37.94 ? 85  ALA A N   1 
ATOM   646  C  CA  . ALA A 1 86  ? 1.329   3.370   6.583   1.00 38.45 ? 85  ALA A CA  1 
ATOM   647  C  C   . ALA A 1 86  ? 1.747   3.039   5.142   1.00 38.63 ? 85  ALA A C   1 
ATOM   648  O  O   . ALA A 1 86  ? 1.884   1.878   4.752   1.00 36.15 ? 85  ALA A O   1 
ATOM   649  C  CB  . ALA A 1 86  ? 2.543   3.530   7.459   1.00 34.59 ? 85  ALA A CB  1 
ATOM   650  N  N   . VAL A 1 87  ? 1.894   4.081   4.336   1.00 39.87 ? 86  VAL A N   1 
ATOM   651  C  CA  . VAL A 1 87  ? 2.410   3.935   2.981   1.00 37.91 ? 86  VAL A CA  1 
ATOM   652  C  C   . VAL A 1 87  ? 3.454   5.023   2.800   1.00 36.44 ? 86  VAL A C   1 
ATOM   653  O  O   . VAL A 1 87  ? 3.295   6.102   3.340   1.00 37.14 ? 86  VAL A O   1 
ATOM   654  C  CB  . VAL A 1 87  ? 1.260   4.126   1.908   1.00 37.74 ? 86  VAL A CB  1 
ATOM   655  C  CG1 . VAL A 1 87  ? 0.461   5.446   2.185   1.00 36.86 ? 86  VAL A CG1 1 
ATOM   656  C  CG2 . VAL A 1 87  ? 1.833   4.126   0.456   1.00 37.14 ? 86  VAL A CG2 1 
ATOM   657  N  N   . SER A 1 88  ? 4.527   4.708   2.079   1.00 35.20 ? 87  SER A N   1 
ATOM   658  C  CA  A SER A 1 88  ? 5.442   5.718   1.600   0.50 35.35 ? 87  SER A CA  1 
ATOM   659  C  CA  B SER A 1 88  ? 5.487   5.681   1.611   0.50 35.91 ? 87  SER A CA  1 
ATOM   660  C  C   . SER A 1 88  ? 5.508   5.654   0.089   1.00 35.21 ? 87  SER A C   1 
ATOM   661  O  O   . SER A 1 88  ? 5.409   4.558   -0.524  1.00 36.61 ? 87  SER A O   1 
ATOM   662  C  CB  A SER A 1 88  ? 6.835   5.557   2.197   0.50 35.32 ? 87  SER A CB  1 
ATOM   663  C  CB  B SER A 1 88  ? 6.879   5.370   2.168   0.50 36.46 ? 87  SER A CB  1 
ATOM   664  O  OG  A SER A 1 88  ? 7.456   4.393   1.724   0.50 34.80 ? 87  SER A OG  1 
ATOM   665  O  OG  B SER A 1 88  ? 6.906   5.550   3.581   0.50 37.73 ? 87  SER A OG  1 
ATOM   666  N  N   . LEU A 1 89  ? 5.640   6.840   -0.506  1.00 34.81 ? 88  LEU A N   1 
ATOM   667  C  CA  . LEU A 1 89  ? 5.924   7.011   -1.922  1.00 33.72 ? 88  LEU A CA  1 
ATOM   668  C  C   . LEU A 1 89  ? 7.303   7.658   -1.988  1.00 34.11 ? 88  LEU A C   1 
ATOM   669  O  O   . LEU A 1 89  ? 7.568   8.583   -1.235  1.00 33.84 ? 88  LEU A O   1 
ATOM   670  C  CB  . LEU A 1 89  ? 4.852   7.880   -2.586  1.00 32.04 ? 88  LEU A CB  1 
ATOM   671  C  CG  . LEU A 1 89  ? 3.422   7.305   -2.525  1.00 32.65 ? 88  LEU A CG  1 
ATOM   672  C  CD1 . LEU A 1 89  ? 2.523   8.189   -3.298  1.00 30.06 ? 88  LEU A CD1 1 
ATOM   673  C  CD2 . LEU A 1 89  ? 3.290   5.884   -3.033  1.00 32.13 ? 88  LEU A CD2 1 
ATOM   674  N  N   . TYR A 1 90  ? 8.212   7.148   -2.811  1.00 33.75 ? 89  TYR A N   1 
ATOM   675  C  CA  . TYR A 1 90  ? 9.551   7.691   -2.833  1.00 35.91 ? 89  TYR A CA  1 
ATOM   676  C  C   . TYR A 1 90  ? 10.123  7.821   -4.245  1.00 36.15 ? 89  TYR A C   1 
ATOM   677  O  O   . TYR A 1 90  ? 9.728   7.084   -5.139  1.00 35.15 ? 89  TYR A O   1 
ATOM   678  C  CB  . TYR A 1 90  ? 10.472  6.893   -1.927  1.00 37.62 ? 89  TYR A CB  1 
ATOM   679  C  CG  . TYR A 1 90  ? 10.638  5.462   -2.315  1.00 38.81 ? 89  TYR A CG  1 
ATOM   680  C  CD1 . TYR A 1 90  ? 9.723   4.497   -1.887  1.00 38.20 ? 89  TYR A CD1 1 
ATOM   681  C  CD2 . TYR A 1 90  ? 11.708  5.055   -3.115  1.00 39.31 ? 89  TYR A CD2 1 
ATOM   682  C  CE1 . TYR A 1 90  ? 9.872   3.167   -2.226  1.00 38.11 ? 89  TYR A CE1 1 
ATOM   683  C  CE2 . TYR A 1 90  ? 11.855  3.696   -3.501  1.00 39.12 ? 89  TYR A CE2 1 
ATOM   684  C  CZ  . TYR A 1 90  ? 10.939  2.764   -3.039  1.00 39.20 ? 89  TYR A CZ  1 
ATOM   685  O  OH  . TYR A 1 90  ? 11.055  1.437   -3.399  1.00 39.48 ? 89  TYR A OH  1 
ATOM   686  N  N   . ASP A 1 91  ? 11.024  8.792   -4.434  1.00 36.19 ? 90  ASP A N   1 
ATOM   687  C  CA  . ASP A 1 91  ? 11.746  8.976   -5.710  1.00 37.42 ? 90  ASP A CA  1 
ATOM   688  C  C   . ASP A 1 91  ? 12.603  7.728   -5.965  1.00 39.10 ? 90  ASP A C   1 
ATOM   689  O  O   . ASP A 1 91  ? 13.457  7.369   -5.158  1.00 39.21 ? 90  ASP A O   1 
ATOM   690  C  CB  . ASP A 1 91  ? 12.635  10.224  -5.673  1.00 37.39 ? 90  ASP A CB  1 
ATOM   691  C  CG  . ASP A 1 91  ? 13.195  10.621  -7.057  1.00 38.11 ? 90  ASP A CG  1 
ATOM   692  O  OD1 . ASP A 1 91  ? 13.694  9.747   -7.795  1.00 37.38 ? 90  ASP A OD1 1 
ATOM   693  O  OD2 . ASP A 1 91  ? 13.153  11.836  -7.405  1.00 38.36 ? 90  ASP A OD2 1 
ATOM   694  N  N   . LYS A 1 92  ? 12.350  7.080   -7.095  1.00 40.48 ? 91  LYS A N   1 
ATOM   695  C  CA  . LYS A 1 92  ? 13.038  5.848   -7.472  1.00 43.31 ? 91  LYS A CA  1 
ATOM   696  C  C   . LYS A 1 92  ? 14.545  6.004   -7.635  1.00 42.22 ? 91  LYS A C   1 
ATOM   697  O  O   . LYS A 1 92  ? 15.282  5.042   -7.455  1.00 42.54 ? 91  LYS A O   1 
ATOM   698  C  CB  . LYS A 1 92  ? 12.461  5.361   -8.789  1.00 45.27 ? 91  LYS A CB  1 
ATOM   699  C  CG  . LYS A 1 92  ? 12.667  3.929   -8.999  1.00 48.13 ? 91  LYS A CG  1 
ATOM   700  C  CD  . LYS A 1 92  ? 11.951  3.498   -10.238 1.00 49.37 ? 91  LYS A CD  1 
ATOM   701  C  CE  . LYS A 1 92  ? 11.809  2.003   -10.290 1.00 50.11 ? 91  LYS A CE  1 
ATOM   702  N  NZ  . LYS A 1 92  ? 10.401  1.657   -10.595 1.00 51.53 ? 91  LYS A NZ  1 
ATOM   703  N  N   . PHE A 1 93  ? 14.994  7.211   -7.974  1.00 40.72 ? 92  PHE A N   1 
ATOM   704  C  CA  . PHE A 1 93  ? 16.405  7.491   -8.223  1.00 40.81 ? 92  PHE A CA  1 
ATOM   705  C  C   . PHE A 1 93  ? 17.174  7.784   -6.936  1.00 39.88 ? 92  PHE A C   1 
ATOM   706  O  O   . PHE A 1 93  ? 18.315  7.371   -6.770  1.00 39.54 ? 92  PHE A O   1 
ATOM   707  C  CB  . PHE A 1 93  ? 16.541  8.674   -9.222  1.00 42.29 ? 92  PHE A CB  1 
ATOM   708  C  CG  . PHE A 1 93  ? 16.001  8.355   -10.618 1.00 42.65 ? 92  PHE A CG  1 
ATOM   709  C  CD1 . PHE A 1 93  ? 16.801  7.764   -11.566 1.00 43.20 ? 92  PHE A CD1 1 
ATOM   710  C  CD2 . PHE A 1 93  ? 14.686  8.608   -10.950 1.00 43.07 ? 92  PHE A CD2 1 
ATOM   711  C  CE1 . PHE A 1 93  ? 16.291  7.450   -12.833 1.00 44.03 ? 92  PHE A CE1 1 
ATOM   712  C  CE2 . PHE A 1 93  ? 14.177  8.305   -12.194 1.00 42.61 ? 92  PHE A CE2 1 
ATOM   713  C  CZ  . PHE A 1 93  ? 14.967  7.732   -13.133 1.00 43.44 ? 92  PHE A CZ  1 
ATOM   714  N  N   . THR A 1 94  ? 16.530  8.488   -6.014  1.00 39.34 ? 93  THR A N   1 
ATOM   715  C  CA  . THR A 1 94  ? 17.205  9.034   -4.846  1.00 37.61 ? 93  THR A CA  1 
ATOM   716  C  C   . THR A 1 94  ? 16.790  8.309   -3.567  1.00 37.66 ? 93  THR A C   1 
ATOM   717  O  O   . THR A 1 94  ? 17.547  8.260   -2.611  1.00 38.59 ? 93  THR A O   1 
ATOM   718  C  CB  . THR A 1 94  ? 16.926  10.551  -4.728  1.00 36.64 ? 93  THR A CB  1 
ATOM   719  O  OG1 . THR A 1 94  ? 15.538  10.777  -4.476  1.00 35.68 ? 93  THR A OG1 1 
ATOM   720  C  CG2 . THR A 1 94  ? 17.310  11.292  -6.025  1.00 36.44 ? 93  THR A CG2 1 
ATOM   721  N  N   . GLY A 1 95  ? 15.587  7.744   -3.546  1.00 37.58 ? 94  GLY A N   1 
ATOM   722  C  CA  . GLY A 1 95  ? 15.043  7.134   -2.327  1.00 36.24 ? 94  GLY A CA  1 
ATOM   723  C  C   . GLY A 1 95  ? 14.436  8.091   -1.300  1.00 36.04 ? 94  GLY A C   1 
ATOM   724  O  O   . GLY A 1 95  ? 13.986  7.650   -0.243  1.00 36.09 ? 94  GLY A O   1 
ATOM   725  N  N   . GLU A 1 96  ? 14.431  9.392   -1.613  1.00 35.54 ? 95  GLU A N   1 
ATOM   726  C  CA  . GLU A 1 96  ? 13.792  10.395  -0.803  1.00 36.04 ? 95  GLU A CA  1 
ATOM   727  C  C   . GLU A 1 96  ? 12.282  10.341  -1.086  1.00 35.86 ? 95  GLU A C   1 
ATOM   728  O  O   . GLU A 1 96  ? 11.851  10.316  -2.242  1.00 34.45 ? 95  GLU A O   1 
ATOM   729  C  CB  . GLU A 1 96  ? 14.352  11.805  -1.122  1.00 36.55 ? 95  GLU A CB  1 
ATOM   730  C  CG  . GLU A 1 96  ? 15.785  12.125  -0.623  1.00 36.81 ? 95  GLU A CG  1 
ATOM   731  N  N   . GLY A 1 97  ? 11.484  10.332  -0.029  1.00 37.07 ? 96  GLY A N   1 
ATOM   732  C  CA  . GLY A 1 97  ? 10.020  10.279  -0.174  1.00 35.99 ? 96  GLY A CA  1 
ATOM   733  C  C   . GLY A 1 97  ? 9.261   10.754  1.038   1.00 35.76 ? 96  GLY A C   1 
ATOM   734  O  O   . GLY A 1 97  ? 9.800   11.421  1.903   1.00 33.92 ? 96  GLY A O   1 
ATOM   735  N  N   . VAL A 1 98  ? 7.988   10.365  1.102   1.00 36.79 ? 97  VAL A N   1 
ATOM   736  C  CA  . VAL A 1 98  ? 7.107   10.778  2.174   1.00 35.52 ? 97  VAL A CA  1 
ATOM   737  C  C   . VAL A 1 98  ? 6.348   9.577   2.662   1.00 35.08 ? 97  VAL A C   1 
ATOM   738  O  O   . VAL A 1 98  ? 5.914   8.785   1.873   1.00 33.52 ? 97  VAL A O   1 
ATOM   739  C  CB  . VAL A 1 98  ? 6.119   11.907  1.732   1.00 36.16 ? 97  VAL A CB  1 
ATOM   740  C  CG1 . VAL A 1 98  ? 6.890   13.093  1.306   1.00 36.30 ? 97  VAL A CG1 1 
ATOM   741  C  CG2 . VAL A 1 98  ? 5.245   11.475  0.592   1.00 35.99 ? 97  VAL A CG2 1 
ATOM   742  N  N   . ARG A 1 99  ? 6.224   9.471   3.982   1.00 34.33 ? 98  ARG A N   1 
ATOM   743  C  CA  . ARG A 1 99  ? 5.461   8.431   4.608   1.00 34.28 ? 98  ARG A CA  1 
ATOM   744  C  C   . ARG A 1 99  ? 4.221   9.034   5.205   1.00 34.76 ? 98  ARG A C   1 
ATOM   745  O  O   . ARG A 1 99  ? 4.286   10.094  5.848   1.00 31.63 ? 98  ARG A O   1 
ATOM   746  C  CB  . ARG A 1 99  ? 6.261   7.812   5.721   1.00 34.24 ? 98  ARG A CB  1 
ATOM   747  C  CG  . ARG A 1 99  ? 5.594   6.649   6.385   1.00 35.61 ? 98  ARG A CG  1 
ATOM   748  C  CD  . ARG A 1 99  ? 6.579   6.162   7.449   1.00 36.34 ? 98  ARG A CD  1 
ATOM   749  N  NE  . ARG A 1 99  ? 6.111   4.959   8.099   1.00 36.76 ? 98  ARG A NE  1 
ATOM   750  C  CZ  . ARG A 1 99  ? 5.514   4.920   9.264   1.00 36.07 ? 98  ARG A CZ  1 
ATOM   751  N  NH1 . ARG A 1 99  ? 5.323   6.030   9.933   1.00 38.09 ? 98  ARG A NH1 1 
ATOM   752  N  NH2 . ARG A 1 99  ? 5.085   3.758   9.736   1.00 37.29 ? 98  ARG A NH2 1 
ATOM   753  N  N   . VAL A 1 100 ? 3.096   8.333   5.016   1.00 35.52 ? 99  VAL A N   1 
ATOM   754  C  CA  . VAL A 1 100 ? 1.816   8.763   5.522   1.00 35.59 ? 99  VAL A CA  1 
ATOM   755  C  C   . VAL A 1 100 ? 1.245   7.652   6.361   1.00 37.07 ? 99  VAL A C   1 
ATOM   756  O  O   . VAL A 1 100 ? 1.270   6.491   5.980   1.00 35.70 ? 99  VAL A O   1 
ATOM   757  C  CB  . VAL A 1 100 ? 0.797   9.123   4.397   1.00 35.20 ? 99  VAL A CB  1 
ATOM   758  C  CG1 . VAL A 1 100 ? -0.481  9.666   5.033   1.00 35.09 ? 99  VAL A CG1 1 
ATOM   759  C  CG2 . VAL A 1 100 ? 1.390   10.114  3.433   1.00 34.84 ? 99  VAL A CG2 1 
ATOM   760  N  N   . PHE A 1 101 ? 0.711   8.044   7.503   1.00 38.15 ? 100 PHE A N   1 
ATOM   761  C  CA  . PHE A 1 101 ? 0.131   7.141   8.426   1.00 39.45 ? 100 PHE A CA  1 
ATOM   762  C  C   . PHE A 1 101 ? -1.010  7.811   9.206   1.00 42.86 ? 100 PHE A C   1 
ATOM   763  O  O   . PHE A 1 101 ? -1.224  9.029   9.116   1.00 41.59 ? 100 PHE A O   1 
ATOM   764  C  CB  . PHE A 1 101 ? 1.237   6.612   9.361   1.00 37.23 ? 100 PHE A CB  1 
ATOM   765  C  CG  . PHE A 1 101 ? 1.965   7.674   10.171  1.00 37.40 ? 100 PHE A CG  1 
ATOM   766  C  CD1 . PHE A 1 101 ? 2.964   8.421   9.613   1.00 37.49 ? 100 PHE A CD1 1 
ATOM   767  C  CD2 . PHE A 1 101 ? 1.661   7.877   11.498  1.00 37.66 ? 100 PHE A CD2 1 
ATOM   768  C  CE1 . PHE A 1 101 ? 3.651   9.358   10.368  1.00 38.27 ? 100 PHE A CE1 1 
ATOM   769  C  CE2 . PHE A 1 101 ? 2.342   8.819   12.271  1.00 38.05 ? 100 PHE A CE2 1 
ATOM   770  C  CZ  . PHE A 1 101 ? 3.337   9.553   11.696  1.00 37.18 ? 100 PHE A CZ  1 
ATOM   771  N  N   . LEU A 1 102 ? -1.740  7.000   9.961   1.00 47.02 ? 101 LEU A N   1 
ATOM   772  C  CA  . LEU A 1 102 ? -2.844  7.487   10.774  1.00 51.26 ? 101 LEU A CA  1 
ATOM   773  C  C   . LEU A 1 102 ? -2.350  8.021   12.127  1.00 51.86 ? 101 LEU A C   1 
ATOM   774  O  O   . LEU A 1 102 ? -1.497  7.424   12.779  1.00 51.28 ? 101 LEU A O   1 
ATOM   775  C  CB  . LEU A 1 102 ? -3.902  6.398   10.967  1.00 53.11 ? 101 LEU A CB  1 
ATOM   776  C  CG  . LEU A 1 102 ? -5.041  6.352   9.937   1.00 54.05 ? 101 LEU A CG  1 
ATOM   777  C  CD1 . LEU A 1 102 ? -4.423  6.414   8.583   1.00 53.58 ? 101 LEU A CD1 1 
ATOM   778  C  CD2 . LEU A 1 102 ? -5.932  5.094   10.104  1.00 53.58 ? 101 LEU A CD2 1 
ATOM   779  N  N   . ASP A 1 103 ? -2.914  9.156   12.512  1.00 54.15 ? 102 ASP A N   1 
ATOM   780  C  CA  . ASP A 1 103 ? -2.573  9.869   13.732  1.00 56.70 ? 102 ASP A CA  1 
ATOM   781  C  C   . ASP A 1 103 ? -3.806  9.749   14.648  1.00 56.58 ? 102 ASP A C   1 
ATOM   782  O  O   . ASP A 1 103 ? -4.794  10.466  14.480  1.00 55.58 ? 102 ASP A O   1 
ATOM   783  C  CB  . ASP A 1 103 ? -2.271  11.331  13.363  1.00 57.88 ? 102 ASP A CB  1 
ATOM   784  C  CG  . ASP A 1 103 ? -1.460  12.082  14.421  1.00 59.68 ? 102 ASP A CG  1 
ATOM   785  O  OD1 . ASP A 1 103 ? -0.472  11.535  14.952  1.00 60.53 ? 102 ASP A OD1 1 
ATOM   786  O  OD2 . ASP A 1 103 ? -1.798  13.269  14.678  1.00 61.08 ? 102 ASP A OD2 1 
ATOM   787  N  N   . VAL A 1 104 ? -3.762  8.799   15.583  1.00 58.91 ? 103 VAL A N   1 
ATOM   788  C  CA  . VAL A 1 104 ? -4.886  8.583   16.525  1.00 59.68 ? 103 VAL A CA  1 
ATOM   789  C  C   . VAL A 1 104 ? -5.144  9.808   17.411  1.00 59.78 ? 103 VAL A C   1 
ATOM   790  O  O   . VAL A 1 104 ? -6.305  10.050  17.789  1.00 60.01 ? 103 VAL A O   1 
ATOM   791  C  CB  . VAL A 1 104 ? -4.724  7.287   17.354  1.00 60.03 ? 103 VAL A CB  1 
ATOM   792  C  CG1 . VAL A 1 104 ? -5.925  7.086   18.313  1.00 59.90 ? 103 VAL A CG1 1 
ATOM   793  C  CG2 . VAL A 1 104 ? -4.583  6.089   16.411  1.00 59.50 ? 103 VAL A CG2 1 
ATOM   794  N  N   . GLU A 1 105 ? -4.098  10.611  17.653  1.00 59.92 ? 104 GLU A N   1 
ATOM   795  C  CA  . GLU A 1 105 ? -4.259  11.937  18.308  1.00 61.13 ? 104 GLU A CA  1 
ATOM   796  C  C   . GLU A 1 105 ? -5.315  12.812  17.610  1.00 58.77 ? 104 GLU A C   1 
ATOM   797  O  O   . GLU A 1 105 ? -6.015  13.607  18.267  1.00 59.50 ? 104 GLU A O   1 
ATOM   798  C  CB  . GLU A 1 105 ? -2.921  12.709  18.412  1.00 62.82 ? 104 GLU A CB  1 
ATOM   799  C  CG  . GLU A 1 105 ? -1.626  11.834  18.630  1.00 64.64 ? 104 GLU A CG  1 
ATOM   800  C  CD  . GLU A 1 105 ? -0.445  12.587  19.319  1.00 65.43 ? 104 GLU A CD  1 
ATOM   801  O  OE1 . GLU A 1 105 ? -0.391  13.847  19.268  1.00 67.83 ? 104 GLU A OE1 1 
ATOM   802  O  OE2 . GLU A 1 105 ? 0.438   11.913  19.915  1.00 67.08 ? 104 GLU A OE2 1 
ATOM   803  N  N   . LYS A 1 106 ? -5.455  12.648  16.292  1.00 55.88 ? 105 LYS A N   1 
ATOM   804  C  CA  . LYS A 1 106 ? -6.447  13.399  15.510  1.00 53.75 ? 105 LYS A CA  1 
ATOM   805  C  C   . LYS A 1 106 ? -7.846  12.740  15.429  1.00 51.79 ? 105 LYS A C   1 
ATOM   806  O  O   . LYS A 1 106 ? -8.784  13.312  14.864  1.00 51.17 ? 105 LYS A O   1 
ATOM   807  C  CB  . LYS A 1 106 ? -5.908  13.665  14.099  1.00 54.09 ? 105 LYS A CB  1 
ATOM   808  C  CG  . LYS A 1 106 ? -4.730  14.648  14.025  1.00 54.46 ? 105 LYS A CG  1 
HETATM 809  N  N   . MSE A 1 107 ? -8.009  11.551  15.989  1.00 50.09 ? 106 MSE A N   1 
HETATM 810  C  CA  . MSE A 1 107 ? -9.330  10.898  15.965  1.00 49.27 ? 106 MSE A CA  1 
HETATM 811  C  C   . MSE A 1 107 ? -10.066 11.062  17.295  1.00 50.32 ? 106 MSE A C   1 
HETATM 812  O  O   . MSE A 1 107 ? -10.281 10.073  18.047  1.00 51.22 ? 106 MSE A O   1 
HETATM 813  C  CB  . MSE A 1 107 ? -9.209  9.411   15.692  1.00 48.35 ? 106 MSE A CB  1 
HETATM 814  C  CG  . MSE A 1 107 ? -8.406  9.027   14.507  1.00 47.33 ? 106 MSE A CG  1 
HETATM 815  SE SE  . MSE A 1 107 ? -8.245  7.171   14.650  0.75 45.47 ? 106 MSE A SE  1 
HETATM 816  C  CE  . MSE A 1 107 ? -6.662  7.044   13.602  1.00 46.47 ? 106 MSE A CE  1 
ATOM   817  N  N   . GLY A 1 108 ? -10.379 12.318  17.596  1.00 49.87 ? 107 GLY A N   1 
ATOM   818  C  CA  . GLY A 1 108 ? -11.217 12.676  18.699  1.00 47.77 ? 107 GLY A CA  1 
ATOM   819  C  C   . GLY A 1 108 ? -12.600 12.761  18.126  1.00 47.50 ? 107 GLY A C   1 
ATOM   820  O  O   . GLY A 1 108 ? -13.471 11.985  18.527  1.00 47.82 ? 107 GLY A O   1 
ATOM   821  N  N   . PRO A 1 109 ? -12.809 13.678  17.150  1.00 46.17 ? 108 PRO A N   1 
ATOM   822  C  CA  . PRO A 1 109 ? -14.136 13.800  16.542  1.00 46.46 ? 108 PRO A CA  1 
ATOM   823  C  C   . PRO A 1 109 ? -14.676 12.532  15.863  1.00 46.31 ? 108 PRO A C   1 
ATOM   824  O  O   . PRO A 1 109 ? -15.815 12.565  15.376  1.00 45.79 ? 108 PRO A O   1 
ATOM   825  C  CB  . PRO A 1 109 ? -13.961 14.925  15.507  1.00 46.54 ? 108 PRO A CB  1 
ATOM   826  C  CG  . PRO A 1 109 ? -12.733 15.667  15.927  1.00 46.29 ? 108 PRO A CG  1 
ATOM   827  C  CD  . PRO A 1 109 ? -11.856 14.659  16.595  1.00 46.19 ? 108 PRO A CD  1 
ATOM   828  N  N   . TRP A 1 110 ? -13.879 11.446  15.853  1.00 47.34 ? 109 TRP A N   1 
ATOM   829  C  CA  . TRP A 1 110 ? -14.154 10.233  15.046  1.00 46.69 ? 109 TRP A CA  1 
ATOM   830  C  C   . TRP A 1 110 ? -13.968 8.918   15.839  1.00 46.79 ? 109 TRP A C   1 
ATOM   831  O  O   . TRP A 1 110 ? -12.991 8.193   15.646  1.00 46.51 ? 109 TRP A O   1 
ATOM   832  C  CB  . TRP A 1 110 ? -13.253 10.227  13.804  1.00 45.34 ? 109 TRP A CB  1 
ATOM   833  C  CG  . TRP A 1 110 ? -13.016 11.595  13.198  1.00 45.05 ? 109 TRP A CG  1 
ATOM   834  C  CD1 . TRP A 1 110 ? -11.848 12.344  13.253  1.00 44.65 ? 109 TRP A CD1 1 
ATOM   835  C  CD2 . TRP A 1 110 ? -13.962 12.384  12.449  1.00 44.37 ? 109 TRP A CD2 1 
ATOM   836  N  NE1 . TRP A 1 110 ? -12.025 13.539  12.571  1.00 44.60 ? 109 TRP A NE1 1 
ATOM   837  C  CE2 . TRP A 1 110 ? -13.309 13.589  12.077  1.00 44.16 ? 109 TRP A CE2 1 
ATOM   838  C  CE3 . TRP A 1 110 ? -15.280 12.181  12.034  1.00 44.23 ? 109 TRP A CE3 1 
ATOM   839  C  CZ2 . TRP A 1 110 ? -13.946 14.580  11.325  1.00 44.31 ? 109 TRP A CZ2 1 
ATOM   840  C  CZ3 . TRP A 1 110 ? -15.912 13.169  11.296  1.00 44.45 ? 109 TRP A CZ3 1 
ATOM   841  C  CH2 . TRP A 1 110 ? -15.246 14.352  10.949  1.00 44.57 ? 109 TRP A CH2 1 
ATOM   842  N  N   . GLN A 1 111 ? -14.938 8.592   16.700  1.00 45.85 ? 110 GLN A N   1 
ATOM   843  C  CA  . GLN A 1 111 ? -14.857 7.382   17.555  1.00 45.33 ? 110 GLN A CA  1 
ATOM   844  C  C   . GLN A 1 111 ? -15.099 6.098   16.739  1.00 44.36 ? 110 GLN A C   1 
ATOM   845  O  O   . GLN A 1 111 ? -14.575 5.031   17.077  1.00 43.87 ? 110 GLN A O   1 
ATOM   846  C  CB  . GLN A 1 111 ? -15.810 7.447   18.795  1.00 46.08 ? 110 GLN A CB  1 
ATOM   847  C  CG  . GLN A 1 111 ? -15.925 8.793   19.536  1.00 46.69 ? 110 GLN A CG  1 
ATOM   848  C  CD  . GLN A 1 111 ? -14.595 9.349   20.049  1.00 47.50 ? 110 GLN A CD  1 
ATOM   849  N  N   . GLU A 1 112 ? -15.864 6.195   15.653  1.00 43.71 ? 111 GLU A N   1 
ATOM   850  C  CA  . GLU A 1 112 ? -16.059 5.035   14.767  1.00 44.37 ? 111 GLU A CA  1 
ATOM   851  C  C   . GLU A 1 112 ? -14.790 4.661   14.027  1.00 42.53 ? 111 GLU A C   1 
ATOM   852  O  O   . GLU A 1 112 ? -14.440 3.494   13.972  1.00 41.75 ? 111 GLU A O   1 
ATOM   853  C  CB  . GLU A 1 112 ? -17.205 5.252   13.771  1.00 46.11 ? 111 GLU A CB  1 
ATOM   854  C  CG  . GLU A 1 112 ? -18.615 5.050   14.364  1.00 47.68 ? 111 GLU A CG  1 
ATOM   855  C  CD  . GLU A 1 112 ? -18.830 3.642   14.929  1.00 49.25 ? 111 GLU A CD  1 
ATOM   856  O  OE1 . GLU A 1 112 ? -18.563 2.642   14.219  1.00 51.72 ? 111 GLU A OE1 1 
ATOM   857  O  OE2 . GLU A 1 112 ? -19.270 3.540   16.091  1.00 50.62 ? 111 GLU A OE2 1 
ATOM   858  N  N   . ILE A 1 113 ? -14.096 5.647   13.469  1.00 41.78 ? 112 ILE A N   1 
ATOM   859  C  CA  . ILE A 1 113 ? -12.785 5.383   12.904  1.00 41.72 ? 112 ILE A CA  1 
ATOM   860  C  C   . ILE A 1 113 ? -11.862 4.815   13.989  1.00 42.63 ? 112 ILE A C   1 
ATOM   861  O  O   . ILE A 1 113 ? -11.152 3.847   13.752  1.00 41.86 ? 112 ILE A O   1 
ATOM   862  C  CB  . ILE A 1 113 ? -12.172 6.609   12.257  1.00 40.92 ? 112 ILE A CB  1 
ATOM   863  C  CG1 . ILE A 1 113 ? -13.076 7.147   11.144  1.00 40.48 ? 112 ILE A CG1 1 
ATOM   864  C  CG2 . ILE A 1 113 ? -10.789 6.254   11.688  1.00 40.87 ? 112 ILE A CG2 1 
ATOM   865  C  CD1 . ILE A 1 113 ? -12.485 8.360   10.443  1.00 39.62 ? 112 ILE A CD1 1 
ATOM   866  N  N   . ARG A 1 114 ? -11.906 5.358   15.201  1.00 44.39 ? 113 ARG A N   1 
ATOM   867  C  CA  . ARG A 1 114 ? -11.019 4.879   16.251  1.00 46.79 ? 113 ARG A CA  1 
ATOM   868  C  C   . ARG A 1 114 ? -11.342 3.453   16.634  1.00 46.02 ? 113 ARG A C   1 
ATOM   869  O  O   . ARG A 1 114 ? -10.441 2.649   16.832  1.00 46.27 ? 113 ARG A O   1 
ATOM   870  C  CB  . ARG A 1 114 ? -11.094 5.780   17.469  1.00 49.47 ? 113 ARG A CB  1 
ATOM   871  C  CG  . ARG A 1 114 ? -10.043 5.488   18.549  1.00 51.52 ? 113 ARG A CG  1 
ATOM   872  C  CD  . ARG A 1 114 ? -9.989  6.641   19.650  1.00 52.99 ? 113 ARG A CD  1 
ATOM   873  N  NE  . ARG A 1 114 ? -11.214 6.755   20.447  1.00 54.32 ? 113 ARG A NE  1 
ATOM   874  C  CZ  . ARG A 1 114 ? -11.647 5.835   21.316  1.00 55.81 ? 113 ARG A CZ  1 
ATOM   875  N  NH1 . ARG A 1 114 ? -10.960 4.696   21.507  1.00 56.87 ? 113 ARG A NH1 1 
ATOM   876  N  NH2 . ARG A 1 114 ? -12.787 6.039   21.998  1.00 55.32 ? 113 ARG A NH2 1 
ATOM   877  N  N   . ASN A 1 115 ? -12.626 3.122   16.721  1.00 46.25 ? 114 ASN A N   1 
ATOM   878  C  CA  . ASN A 1 115 ? -13.039 1.778   17.124  1.00 46.72 ? 114 ASN A CA  1 
ATOM   879  C  C   . ASN A 1 115 ? -12.607 0.767   16.080  1.00 45.98 ? 114 ASN A C   1 
ATOM   880  O  O   . ASN A 1 115 ? -12.166 -0.323  16.414  1.00 45.35 ? 114 ASN A O   1 
ATOM   881  C  CB  . ASN A 1 115 ? -14.561 1.689   17.362  1.00 48.45 ? 114 ASN A CB  1 
ATOM   882  C  CG  . ASN A 1 115 ? -15.030 2.433   18.641  1.00 49.64 ? 114 ASN A CG  1 
ATOM   883  O  OD1 . ASN A 1 115 ? -14.234 2.738   19.544  1.00 50.88 ? 114 ASN A OD1 1 
ATOM   884  N  ND2 . ASN A 1 115 ? -16.328 2.743   18.699  1.00 49.10 ? 114 ASN A ND2 1 
ATOM   885  N  N   . TRP A 1 116 ? -12.735 1.154   14.812  1.00 46.03 ? 115 TRP A N   1 
ATOM   886  C  CA  . TRP A 1 116 ? -12.242 0.369   13.669  1.00 45.66 ? 115 TRP A CA  1 
ATOM   887  C  C   . TRP A 1 116 ? -10.713 0.218   13.709  1.00 44.98 ? 115 TRP A C   1 
ATOM   888  O  O   . TRP A 1 116 ? -10.184 -0.884  13.611  1.00 43.37 ? 115 TRP A O   1 
ATOM   889  C  CB  . TRP A 1 116 ? -12.661 1.026   12.328  1.00 46.26 ? 115 TRP A CB  1 
ATOM   890  C  CG  . TRP A 1 116 ? -11.935 0.418   11.142  1.00 46.05 ? 115 TRP A CG  1 
ATOM   891  C  CD1 . TRP A 1 116 ? -12.241 -0.748  10.505  1.00 46.52 ? 115 TRP A CD1 1 
ATOM   892  C  CD2 . TRP A 1 116 ? -10.753 0.914   10.516  1.00 46.66 ? 115 TRP A CD2 1 
ATOM   893  N  NE1 . TRP A 1 116 ? -11.336 -1.007  9.516   1.00 46.15 ? 115 TRP A NE1 1 
ATOM   894  C  CE2 . TRP A 1 116 ? -10.405 -0.007  9.494   1.00 46.65 ? 115 TRP A CE2 1 
ATOM   895  C  CE3 . TRP A 1 116 ? -9.949  2.051   10.712  1.00 46.72 ? 115 TRP A CE3 1 
ATOM   896  C  CZ2 . TRP A 1 116 ? -9.315  0.178   8.668   1.00 46.05 ? 115 TRP A CZ2 1 
ATOM   897  C  CZ3 . TRP A 1 116 ? -8.855  2.236   9.896   1.00 46.67 ? 115 TRP A CZ3 1 
ATOM   898  C  CH2 . TRP A 1 116 ? -8.535  1.290   8.881   1.00 46.74 ? 115 TRP A CH2 1 
ATOM   899  N  N   . PHE A 1 117 ? -10.014 1.344   13.843  1.00 45.98 ? 116 PHE A N   1 
ATOM   900  C  CA  . PHE A 1 117 ? -8.559  1.332   13.789  1.00 47.25 ? 116 PHE A CA  1 
ATOM   901  C  C   . PHE A 1 117 ? -8.019  0.470   14.915  1.00 47.50 ? 116 PHE A C   1 
ATOM   902  O  O   . PHE A 1 117 ? -7.155  -0.340  14.688  1.00 46.68 ? 116 PHE A O   1 
ATOM   903  C  CB  . PHE A 1 117 ? -7.985  2.764   13.828  1.00 48.51 ? 116 PHE A CB  1 
ATOM   904  C  CG  . PHE A 1 117 ? -6.490  2.836   13.615  1.00 48.82 ? 116 PHE A CG  1 
ATOM   905  C  CD1 . PHE A 1 117 ? -5.902  2.279   12.489  1.00 49.94 ? 116 PHE A CD1 1 
ATOM   906  C  CD2 . PHE A 1 117 ? -5.673  3.470   14.529  1.00 49.36 ? 116 PHE A CD2 1 
ATOM   907  C  CE1 . PHE A 1 117 ? -4.525  2.349   12.292  1.00 49.58 ? 116 PHE A CE1 1 
ATOM   908  C  CE2 . PHE A 1 117 ? -4.305  3.538   14.329  1.00 49.49 ? 116 PHE A CE2 1 
ATOM   909  C  CZ  . PHE A 1 117 ? -3.734  2.964   13.209  1.00 49.16 ? 116 PHE A CZ  1 
ATOM   910  N  N   . LEU A 1 118 ? -8.585  0.595   16.107  1.00 49.02 ? 117 LEU A N   1 
ATOM   911  C  CA  A LEU A 1 118 ? -8.086  -0.118  17.291  0.50 49.42 ? 117 LEU A CA  1 
ATOM   912  C  CA  B LEU A 1 118 ? -8.084  -0.116  17.294  0.50 50.08 ? 117 LEU A CA  1 
ATOM   913  C  C   . LEU A 1 118 ? -8.800  -1.440  17.520  1.00 50.72 ? 117 LEU A C   1 
ATOM   914  O  O   . LEU A 1 118 ? -8.543  -2.129  18.510  1.00 51.96 ? 117 LEU A O   1 
ATOM   915  C  CB  A LEU A 1 118 ? -8.221  0.765   18.533  0.50 48.44 ? 117 LEU A CB  1 
ATOM   916  C  CB  B LEU A 1 118 ? -8.207  0.773   18.540  0.50 49.96 ? 117 LEU A CB  1 
ATOM   917  C  CG  A LEU A 1 118 ? -7.700  2.192   18.374  0.50 47.75 ? 117 LEU A CG  1 
ATOM   918  C  CG  B LEU A 1 118 ? -7.455  0.325   19.798  0.50 50.06 ? 117 LEU A CG  1 
ATOM   919  C  CD1 A LEU A 1 118 ? -7.950  2.975   19.658  0.50 47.35 ? 117 LEU A CD1 1 
ATOM   920  C  CD1 B LEU A 1 118 ? -5.973  0.175   19.502  0.50 50.25 ? 117 LEU A CD1 1 
ATOM   921  C  CD2 A LEU A 1 118 ? -6.229  2.216   17.970  0.50 46.91 ? 117 LEU A CD2 1 
ATOM   922  C  CD2 B LEU A 1 118 ? -7.681  1.305   20.929  0.50 50.30 ? 117 LEU A CD2 1 
ATOM   923  N  N   . LYS A 1 119 ? -9.693  -1.805  16.596  1.00 51.85 ? 118 LYS A N   1 
ATOM   924  C  CA  . LYS A 1 119 ? -10.486 -3.039  16.714  1.00 52.68 ? 118 LYS A CA  1 
ATOM   925  C  C   . LYS A 1 119 ? -11.231 -3.181  18.081  1.00 54.01 ? 118 LYS A C   1 
ATOM   926  O  O   . LYS A 1 119 ? -11.393 -4.279  18.598  1.00 54.39 ? 118 LYS A O   1 
ATOM   927  C  CB  . LYS A 1 119 ? -9.601  -4.261  16.410  1.00 52.20 ? 118 LYS A CB  1 
ATOM   928  C  CG  . LYS A 1 119 ? -8.910  -4.184  15.056  1.00 52.40 ? 118 LYS A CG  1 
ATOM   929  C  CD  . LYS A 1 119 ? -7.993  -5.364  14.751  1.00 52.49 ? 118 LYS A CD  1 
ATOM   930  N  N   . LEU A 1 120 ? -11.704 -2.066  18.642  1.00 55.63 ? 119 LEU A N   1 
ATOM   931  C  CA  . LEU A 1 120 ? -12.431 -2.085  19.912  1.00 56.97 ? 119 LEU A CA  1 
ATOM   932  C  C   . LEU A 1 120 ? -13.841 -2.647  19.706  1.00 58.80 ? 119 LEU A C   1 
ATOM   933  O  O   . LEU A 1 120 ? -14.528 -2.220  18.770  1.00 59.59 ? 119 LEU A O   1 
ATOM   934  C  CB  . LEU A 1 120 ? -12.560 -0.672  20.504  1.00 56.64 ? 119 LEU A CB  1 
ATOM   935  C  CG  . LEU A 1 120 ? -11.306 0.190   20.639  1.00 56.26 ? 119 LEU A CG  1 
ATOM   936  C  CD1 . LEU A 1 120 ? -11.608 1.533   21.307  1.00 56.38 ? 119 LEU A CD1 1 
ATOM   937  C  CD2 . LEU A 1 120 ? -10.227 -0.565  21.383  1.00 55.91 ? 119 LEU A CD2 1 
ATOM   938  N  N   . LYS A 1 121 ? -14.265 -3.568  20.593  1.00 60.13 ? 120 LYS A N   1 
ATOM   939  C  CA  . LYS A 1 121 ? -15.619 -4.209  20.571  1.00 60.19 ? 120 LYS A CA  1 
ATOM   940  C  C   . LYS A 1 121 ? -16.320 -4.131  21.929  1.00 59.39 ? 120 LYS A C   1 
ATOM   941  O  O   . LYS A 1 121 ? -16.039 -3.250  22.735  1.00 59.15 ? 120 LYS A O   1 
ATOM   942  C  CB  . LYS A 1 121 ? -15.542 -5.688  20.120  1.00 59.93 ? 120 LYS A CB  1 
ATOM   943  C  CG  . LYS A 1 121 ? -14.806 -5.920  18.795  1.00 60.14 ? 120 LYS A CG  1 
ATOM   944  C  CD  . LYS A 1 121 ? -14.783 -7.400  18.379  1.00 59.93 ? 120 LYS A CD  1 
ATOM   945  N  N   . SER A 1 128 ? -21.923 0.524   11.028  1.00 53.32 ? 127 SER A N   1 
ATOM   946  C  CA  . SER A 1 128 ? -20.946 0.696   9.941   1.00 53.76 ? 127 SER A CA  1 
ATOM   947  C  C   . SER A 1 128 ? -21.379 1.685   8.868   1.00 52.33 ? 127 SER A C   1 
ATOM   948  O  O   . SER A 1 128 ? -20.605 2.009   7.982   1.00 52.05 ? 127 SER A O   1 
ATOM   949  C  CB  . SER A 1 128 ? -20.629 -0.639  9.261   1.00 54.70 ? 127 SER A CB  1 
ATOM   950  O  OG  . SER A 1 128 ? -21.584 -0.941  8.245   1.00 56.07 ? 127 SER A OG  1 
ATOM   951  N  N   . GLU A 1 129 ? -22.626 2.125   8.920   1.00 51.50 ? 128 GLU A N   1 
ATOM   952  C  CA  . GLU A 1 129 ? -23.080 3.263   8.124   1.00 49.89 ? 128 GLU A CA  1 
ATOM   953  C  C   . GLU A 1 129 ? -22.405 4.554   8.656   1.00 48.35 ? 128 GLU A C   1 
ATOM   954  O  O   . GLU A 1 129 ? -22.010 5.486   7.855   1.00 47.57 ? 128 GLU A O   1 
ATOM   955  C  CB  . GLU A 1 129 ? -24.609 3.362   8.199   1.00 48.74 ? 128 GLU A CB  1 
ATOM   956  N  N   . ARG A 1 130 ? -22.274 4.593   10.001  1.00 47.43 ? 129 ARG A N   1 
ATOM   957  C  CA  . ARG A 1 130 ? -21.649 5.714   10.710  1.00 46.10 ? 129 ARG A CA  1 
ATOM   958  C  C   . ARG A 1 130 ? -20.139 5.758   10.419  1.00 45.14 ? 129 ARG A C   1 
ATOM   959  O  O   . ARG A 1 130 ? -19.611 6.800   10.057  1.00 44.05 ? 129 ARG A O   1 
ATOM   960  C  CB  . ARG A 1 130 ? -21.929 5.642   12.232  1.00 45.91 ? 129 ARG A CB  1 
ATOM   961  C  CG  . ARG A 1 130 ? -23.391 5.930   12.659  1.00 46.45 ? 129 ARG A CG  1 
ATOM   962  N  N   . LEU A 1 131 ? -19.463 4.615   10.538  1.00 44.86 ? 130 LEU A N   1 
ATOM   963  C  CA  . LEU A 1 131 ? -18.048 4.483   10.126  1.00 43.89 ? 130 LEU A CA  1 
ATOM   964  C  C   . LEU A 1 131 ? -17.777 5.044   8.730   1.00 43.85 ? 130 LEU A C   1 
ATOM   965  O  O   . LEU A 1 131 ? -16.827 5.804   8.549   1.00 44.11 ? 130 LEU A O   1 
ATOM   966  C  CB  . LEU A 1 131 ? -17.569 3.018   10.209  1.00 43.47 ? 130 LEU A CB  1 
ATOM   967  C  CG  . LEU A 1 131 ? -16.142 2.694   9.730   1.00 43.53 ? 130 LEU A CG  1 
ATOM   968  C  CD1 . LEU A 1 131 ? -15.065 3.563   10.454  1.00 43.03 ? 130 LEU A CD1 1 
ATOM   969  C  CD2 . LEU A 1 131 ? -15.898 1.204   9.914   1.00 43.18 ? 130 LEU A CD2 1 
ATOM   970  N  N   . PHE A 1 132 ? -18.621 4.699   7.764   1.00 43.80 ? 131 PHE A N   1 
ATOM   971  C  CA  . PHE A 1 132 ? -18.369 5.071   6.374   1.00 44.29 ? 131 PHE A CA  1 
ATOM   972  C  C   . PHE A 1 132 ? -18.531 6.577   6.184   1.00 43.74 ? 131 PHE A C   1 
ATOM   973  O  O   . PHE A 1 132 ? -17.763 7.194   5.473   1.00 43.52 ? 131 PHE A O   1 
ATOM   974  C  CB  . PHE A 1 132 ? -19.277 4.282   5.412   1.00 45.14 ? 131 PHE A CB  1 
ATOM   975  C  CG  . PHE A 1 132 ? -18.866 2.819   5.234   1.00 46.01 ? 131 PHE A CG  1 
ATOM   976  C  CD1 . PHE A 1 132 ? -17.559 2.478   4.891   1.00 46.00 ? 131 PHE A CD1 1 
ATOM   977  C  CD2 . PHE A 1 132 ? -19.787 1.793   5.388   1.00 46.39 ? 131 PHE A CD2 1 
ATOM   978  C  CE1 . PHE A 1 132 ? -17.168 1.158   4.722   1.00 46.05 ? 131 PHE A CE1 1 
ATOM   979  C  CE2 . PHE A 1 132 ? -19.393 0.461   5.224   1.00 46.31 ? 131 PHE A CE2 1 
ATOM   980  C  CZ  . PHE A 1 132 ? -18.078 0.153   4.890   1.00 46.18 ? 131 PHE A CZ  1 
ATOM   981  N  N   . LYS A 1 133 ? -19.542 7.158   6.818   1.00 44.16 ? 132 LYS A N   1 
ATOM   982  C  CA  . LYS A 1 133 ? -19.757 8.616   6.773   1.00 43.76 ? 132 LYS A CA  1 
ATOM   983  C  C   . LYS A 1 133 ? -18.571 9.359   7.442   1.00 42.90 ? 132 LYS A C   1 
ATOM   984  O  O   . LYS A 1 133 ? -18.092 10.363  6.942   1.00 42.89 ? 132 LYS A O   1 
ATOM   985  C  CB  . LYS A 1 133 ? -21.125 8.991   7.382   1.00 42.26 ? 132 LYS A CB  1 
ATOM   986  N  N   . GLU A 1 134 ? -18.075 8.833   8.547   1.00 42.32 ? 133 GLU A N   1 
ATOM   987  C  CA  . GLU A 1 134 ? -16.971 9.439   9.238   1.00 42.06 ? 133 GLU A CA  1 
ATOM   988  C  C   . GLU A 1 134 ? -15.682 9.464   8.428   1.00 42.13 ? 133 GLU A C   1 
ATOM   989  O  O   . GLU A 1 134 ? -14.981 10.483  8.411   1.00 42.28 ? 133 GLU A O   1 
ATOM   990  C  CB  . GLU A 1 134 ? -16.681 8.699   10.533  1.00 43.41 ? 133 GLU A CB  1 
ATOM   991  C  CG  . GLU A 1 134 ? -17.610 9.048   11.657  1.00 44.24 ? 133 GLU A CG  1 
ATOM   992  C  CD  . GLU A 1 134 ? -17.077 8.634   12.996  1.00 45.37 ? 133 GLU A CD  1 
ATOM   993  O  OE1 . GLU A 1 134 ? -15.874 8.288   13.114  1.00 46.96 ? 133 GLU A OE1 1 
ATOM   994  O  OE2 . GLU A 1 134 ? -17.874 8.666   13.939  1.00 47.00 ? 133 GLU A OE2 1 
ATOM   995  N  N   . ILE A 1 135 ? -15.342 8.345   7.797   1.00 40.73 ? 134 ILE A N   1 
ATOM   996  C  CA  . ILE A 1 135 ? -14.150 8.296   6.954   1.00 39.45 ? 134 ILE A CA  1 
ATOM   997  C  C   . ILE A 1 135 ? -14.199 9.431   5.940   1.00 39.21 ? 134 ILE A C   1 
ATOM   998  O  O   . ILE A 1 135 ? -13.239 10.147  5.752   1.00 39.28 ? 134 ILE A O   1 
ATOM   999  C  CB  . ILE A 1 135 ? -14.019 6.945   6.218   1.00 38.57 ? 134 ILE A CB  1 
ATOM   1000 C  CG1 . ILE A 1 135 ? -13.715 5.814   7.204   1.00 38.13 ? 134 ILE A CG1 1 
ATOM   1001 C  CG2 . ILE A 1 135 ? -12.918 6.988   5.150   1.00 36.49 ? 134 ILE A CG2 1 
ATOM   1002 C  CD1 . ILE A 1 135 ? -13.924 4.438   6.574   1.00 38.05 ? 134 ILE A CD1 1 
ATOM   1003 N  N   . ARG A 1 136 ? -15.343 9.613   5.307   1.00 40.62 ? 135 ARG A N   1 
ATOM   1004 C  CA  . ARG A 1 136 ? -15.455 10.628  4.292   1.00 40.34 ? 135 ARG A CA  1 
ATOM   1005 C  C   . ARG A 1 136 ? -15.355 11.993  4.913   1.00 41.22 ? 135 ARG A C   1 
ATOM   1006 O  O   . ARG A 1 136 ? -14.658 12.815  4.367   1.00 43.36 ? 135 ARG A O   1 
ATOM   1007 C  CB  . ARG A 1 136 ? -16.745 10.502  3.512   1.00 40.67 ? 135 ARG A CB  1 
ATOM   1008 C  CG  . ARG A 1 136 ? -16.814 11.517  2.410   1.00 40.94 ? 135 ARG A CG  1 
ATOM   1009 C  CD  . ARG A 1 136 ? -18.083 11.408  1.640   1.00 41.37 ? 135 ARG A CD  1 
ATOM   1010 N  NE  . ARG A 1 136 ? -18.138 12.442  0.618   1.00 41.81 ? 135 ARG A NE  1 
ATOM   1011 C  CZ  . ARG A 1 136 ? -18.731 12.284  -0.561  1.00 43.18 ? 135 ARG A CZ  1 
ATOM   1012 N  NH1 . ARG A 1 136 ? -19.292 11.114  -0.885  1.00 44.50 ? 135 ARG A NH1 1 
ATOM   1013 N  NH2 . ARG A 1 136 ? -18.750 13.285  -1.436  1.00 42.75 ? 135 ARG A NH2 1 
ATOM   1014 N  N   . GLU A 1 137 ? -16.029 12.245  6.040   1.00 41.62 ? 136 GLU A N   1 
ATOM   1015 C  CA  . GLU A 1 137 ? -15.950 13.559  6.734   1.00 41.32 ? 136 GLU A CA  1 
ATOM   1016 C  C   . GLU A 1 137 ? -14.543 13.896  7.237   1.00 41.65 ? 136 GLU A C   1 
ATOM   1017 O  O   . GLU A 1 137 ? -14.084 15.032  7.107   1.00 41.65 ? 136 GLU A O   1 
ATOM   1018 C  CB  . GLU A 1 137 ? -16.930 13.622  7.917   1.00 41.87 ? 136 GLU A CB  1 
ATOM   1019 N  N   . ALA A 1 138 ? -13.869 12.917  7.825   1.00 40.49 ? 137 ALA A N   1 
ATOM   1020 C  CA  . ALA A 1 138 ? -12.533 13.110  8.339   1.00 40.56 ? 137 ALA A CA  1 
ATOM   1021 C  C   . ALA A 1 138 ? -11.534 13.446  7.206   1.00 41.09 ? 137 ALA A C   1 
ATOM   1022 O  O   . ALA A 1 138 ? -10.703 14.354  7.358   1.00 40.59 ? 137 ALA A O   1 
ATOM   1023 C  CB  . ALA A 1 138 ? -12.087 11.863  9.132   1.00 40.83 ? 137 ALA A CB  1 
ATOM   1024 N  N   . GLY A 1 139 ? -11.631 12.728  6.076   1.00 40.86 ? 138 GLY A N   1 
ATOM   1025 C  CA  . GLY A 1 139 ? -10.725 12.900  4.946   1.00 39.55 ? 138 GLY A CA  1 
ATOM   1026 C  C   . GLY A 1 139 ? -9.293  12.773  5.411   1.00 39.80 ? 138 GLY A C   1 
ATOM   1027 O  O   . GLY A 1 139 ? -8.955  11.867  6.182   1.00 39.32 ? 138 GLY A O   1 
ATOM   1028 N  N   . PRO A 1 140 ? -8.438  13.696  4.991   1.00 40.63 ? 139 PRO A N   1 
ATOM   1029 C  CA  . PRO A 1 140 ? -7.048  13.588  5.450   1.00 42.24 ? 139 PRO A CA  1 
ATOM   1030 C  C   . PRO A 1 140 ? -6.774  14.115  6.876   1.00 42.06 ? 139 PRO A C   1 
ATOM   1031 O  O   . PRO A 1 140 ? -5.643  14.070  7.304   1.00 41.51 ? 139 PRO A O   1 
ATOM   1032 C  CB  . PRO A 1 140 ? -6.304  14.464  4.442   1.00 42.80 ? 139 PRO A CB  1 
ATOM   1033 C  CG  . PRO A 1 140 ? -7.288  15.571  4.181   1.00 42.74 ? 139 PRO A CG  1 
ATOM   1034 C  CD  . PRO A 1 140 ? -8.633  14.860  4.116   1.00 42.04 ? 139 PRO A CD  1 
ATOM   1035 N  N   . ASP A 1 141 ? -7.776  14.616  7.598   1.00 41.22 ? 140 ASP A N   1 
ATOM   1036 C  CA  . ASP A 1 141 ? -7.562  15.179  8.957   1.00 40.23 ? 140 ASP A CA  1 
ATOM   1037 C  C   . ASP A 1 141 ? -7.014  14.172  9.993   1.00 38.81 ? 140 ASP A C   1 
ATOM   1038 O  O   . ASP A 1 141 ? -6.393  14.556  10.990  1.00 39.36 ? 140 ASP A O   1 
ATOM   1039 C  CB  . ASP A 1 141 ? -8.854  15.824  9.497   1.00 41.61 ? 140 ASP A CB  1 
ATOM   1040 C  CG  . ASP A 1 141 ? -9.440  16.912  8.565   1.00 42.60 ? 140 ASP A CG  1 
ATOM   1041 O  OD1 . ASP A 1 141 ? -8.748  17.373  7.638   1.00 45.19 ? 140 ASP A OD1 1 
ATOM   1042 O  OD2 . ASP A 1 141 ? -10.607 17.314  8.768   1.00 44.21 ? 140 ASP A OD2 1 
ATOM   1043 N  N   . ILE A 1 142 ? -7.216  12.890  9.751   1.00 36.80 ? 141 ILE A N   1 
ATOM   1044 C  CA  . ILE A 1 142 ? -6.695  11.862  10.643  1.00 36.08 ? 141 ILE A CA  1 
ATOM   1045 C  C   . ILE A 1 142 ? -5.316  11.332  10.236  1.00 36.73 ? 141 ILE A C   1 
ATOM   1046 O  O   . ILE A 1 142 ? -4.798  10.391  10.837  1.00 37.16 ? 141 ILE A O   1 
ATOM   1047 C  CB  . ILE A 1 142 ? -7.690  10.715  10.747  1.00 36.10 ? 141 ILE A CB  1 
ATOM   1048 C  CG1 . ILE A 1 142 ? -8.048  10.169  9.358   1.00 36.61 ? 141 ILE A CG1 1 
ATOM   1049 C  CG2 . ILE A 1 142 ? -8.944  11.223  11.472  1.00 35.71 ? 141 ILE A CG2 1 
ATOM   1050 C  CD1 . ILE A 1 142 ? -8.640  8.757   9.374   1.00 35.90 ? 141 ILE A CD1 1 
ATOM   1051 N  N   . LEU A 1 143 ? -4.706  11.984  9.255   1.00 37.38 ? 142 LEU A N   1 
ATOM   1052 C  CA  . LEU A 1 143 ? -3.416  11.550  8.710   1.00 38.21 ? 142 LEU A CA  1 
ATOM   1053 C  C   . LEU A 1 143 ? -2.225  12.414  9.165   1.00 37.00 ? 142 LEU A C   1 
ATOM   1054 O  O   . LEU A 1 143 ? -2.394  13.586  9.459   1.00 36.55 ? 142 LEU A O   1 
ATOM   1055 C  CB  . LEU A 1 143 ? -3.533  11.532  7.181   1.00 37.88 ? 142 LEU A CB  1 
ATOM   1056 C  CG  . LEU A 1 143 ? -4.668  10.664  6.644   1.00 38.11 ? 142 LEU A CG  1 
ATOM   1057 C  CD1 . LEU A 1 143 ? -4.659  10.721  5.128   1.00 38.96 ? 142 LEU A CD1 1 
ATOM   1058 C  CD2 . LEU A 1 143 ? -4.549  9.257   7.132   1.00 40.09 ? 142 LEU A CD2 1 
ATOM   1059 N  N   . GLU A 1 144 ? -1.048  11.809  9.281   1.00 37.02 ? 143 GLU A N   1 
ATOM   1060 C  CA  . GLU A 1 144 ? 0.200   12.547  9.480   1.00 38.31 ? 143 GLU A CA  1 
ATOM   1061 C  C   . GLU A 1 144 ? 1.206   12.141  8.408   1.00 37.04 ? 143 GLU A C   1 
ATOM   1062 O  O   . GLU A 1 144 ? 1.182   11.041  7.906   1.00 33.32 ? 143 GLU A O   1 
ATOM   1063 C  CB  . GLU A 1 144 ? 0.805   12.314  10.876  1.00 40.64 ? 143 GLU A CB  1 
ATOM   1064 C  CG  . GLU A 1 144 ? 1.879   13.356  11.324  1.00 44.75 ? 143 GLU A CG  1 
ATOM   1065 C  CD  . GLU A 1 144 ? 1.517   14.844  11.003  1.00 47.21 ? 143 GLU A CD  1 
ATOM   1066 O  OE1 . GLU A 1 144 ? 1.784   15.338  9.860   1.00 50.14 ? 143 GLU A OE1 1 
ATOM   1067 O  OE2 . GLU A 1 144 ? 0.955   15.539  11.886  1.00 49.19 ? 143 GLU A OE2 1 
ATOM   1068 N  N   . LEU A 1 145 ? 2.121   13.043  8.115   1.00 37.05 ? 144 LEU A N   1 
ATOM   1069 C  CA  . LEU A 1 145 ? 3.070   12.911  7.014   1.00 39.31 ? 144 LEU A CA  1 
ATOM   1070 C  C   . LEU A 1 145 ? 4.462   13.079  7.594   1.00 39.72 ? 144 LEU A C   1 
ATOM   1071 O  O   . LEU A 1 145 ? 4.662   13.886  8.503   1.00 38.14 ? 144 LEU A O   1 
ATOM   1072 C  CB  . LEU A 1 145 ? 2.841   14.073  6.070   1.00 42.01 ? 144 LEU A CB  1 
ATOM   1073 C  CG  . LEU A 1 145 ? 2.416   14.066  4.625   1.00 43.63 ? 144 LEU A CG  1 
ATOM   1074 C  CD1 . LEU A 1 145 ? 2.368   15.570  4.247   1.00 43.95 ? 144 LEU A CD1 1 
ATOM   1075 C  CD2 . LEU A 1 145 ? 3.388   13.330  3.780   1.00 43.87 ? 144 LEU A CD2 1 
ATOM   1076 N  N   . ARG A 1 146 ? 5.440   12.374  7.063   1.00 39.92 ? 145 ARG A N   1 
ATOM   1077 C  CA  . ARG A 1 146 ? 6.808   12.595  7.490   1.00 40.53 ? 145 ARG A CA  1 
ATOM   1078 C  C   . ARG A 1 146 ? 7.727   12.355  6.321   1.00 38.94 ? 145 ARG A C   1 
ATOM   1079 O  O   . ARG A 1 146 ? 7.537   11.391  5.614   1.00 37.84 ? 145 ARG A O   1 
ATOM   1080 C  CB  . ARG A 1 146 ? 7.150   11.621  8.611   1.00 43.81 ? 145 ARG A CB  1 
ATOM   1081 C  CG  . ARG A 1 146 ? 8.611   11.427  8.809   1.00 47.03 ? 145 ARG A CG  1 
ATOM   1082 C  CD  . ARG A 1 146 ? 8.920   10.966  10.199  1.00 51.16 ? 145 ARG A CD  1 
ATOM   1083 N  NE  . ARG A 1 146 ? 8.415   9.611   10.431  1.00 53.77 ? 145 ARG A NE  1 
ATOM   1084 C  CZ  . ARG A 1 146 ? 7.538   9.259   11.387  1.00 54.29 ? 145 ARG A CZ  1 
ATOM   1085 N  NH1 . ARG A 1 146 ? 7.015   10.140  12.248  1.00 53.90 ? 145 ARG A NH1 1 
ATOM   1086 N  NH2 . ARG A 1 146 ? 7.192   7.979   11.476  1.00 54.57 ? 145 ARG A NH2 1 
ATOM   1087 N  N   . ASN A 1 147 ? 8.702   13.229  6.107   1.00 37.52 ? 146 ASN A N   1 
ATOM   1088 C  CA  . ASN A 1 147 ? 9.756   12.962  5.134   1.00 38.11 ? 146 ASN A CA  1 
ATOM   1089 C  C   . ASN A 1 147 ? 10.618  11.763  5.536   1.00 38.86 ? 146 ASN A C   1 
ATOM   1090 O  O   . ASN A 1 147 ? 11.019  11.626  6.710   1.00 39.44 ? 146 ASN A O   1 
ATOM   1091 C  CB  . ASN A 1 147 ? 10.639  14.204  4.947   1.00 39.66 ? 146 ASN A CB  1 
ATOM   1092 C  CG  . ASN A 1 147 ? 9.856   15.375  4.418   1.00 39.85 ? 146 ASN A CG  1 
ATOM   1093 O  OD1 . ASN A 1 147 ? 8.865   15.177  3.686   1.00 39.98 ? 146 ASN A OD1 1 
ATOM   1094 N  ND2 . ASN A 1 147 ? 10.270  16.598  4.790   1.00 40.88 ? 146 ASN A ND2 1 
ATOM   1095 N  N   . VAL A 1 148 ? 10.909  10.899  4.558   1.00 37.69 ? 147 VAL A N   1 
ATOM   1096 C  CA  . VAL A 1 148 ? 11.745  9.730   4.786   1.00 37.35 ? 147 VAL A CA  1 
ATOM   1097 C  C   . VAL A 1 148 ? 12.771  9.554   3.662   1.00 35.86 ? 147 VAL A C   1 
ATOM   1098 O  O   . VAL A 1 148 ? 12.591  10.055  2.563   1.00 35.21 ? 147 VAL A O   1 
ATOM   1099 C  CB  . VAL A 1 148 ? 10.884  8.427   4.951   1.00 36.96 ? 147 VAL A CB  1 
ATOM   1100 C  CG1 . VAL A 1 148 ? 9.966   8.528   6.163   1.00 37.15 ? 147 VAL A CG1 1 
ATOM   1101 C  CG2 . VAL A 1 148 ? 10.094  8.067   3.659   1.00 36.15 ? 147 VAL A CG2 1 
ATOM   1102 N  N   . LYS A 1 149 ? 13.842  8.833   3.949   1.00 36.20 ? 148 LYS A N   1 
ATOM   1103 C  CA  . LYS A 1 149 ? 14.739  8.338   2.916   1.00 35.37 ? 148 LYS A CA  1 
ATOM   1104 C  C   . LYS A 1 149 ? 14.934  6.835   3.107   1.00 37.06 ? 148 LYS A C   1 
ATOM   1105 O  O   . LYS A 1 149 ? 15.155  6.343   4.215   1.00 35.68 ? 148 LYS A O   1 
ATOM   1106 C  CB  . LYS A 1 149 ? 16.061  9.058   2.970   1.00 35.22 ? 148 LYS A CB  1 
ATOM   1107 C  CG  . LYS A 1 149 ? 17.075  8.637   1.907   1.00 36.41 ? 148 LYS A CG  1 
ATOM   1108 N  N   . LEU A 1 150 ? 14.815  6.097   2.011   1.00 39.06 ? 149 LEU A N   1 
ATOM   1109 C  CA  . LEU A 1 150 ? 14.902  4.654   2.070   1.00 40.42 ? 149 LEU A CA  1 
ATOM   1110 C  C   . LEU A 1 150 ? 16.342  4.200   2.369   1.00 39.68 ? 149 LEU A C   1 
ATOM   1111 O  O   . LEU A 1 150 ? 17.315  4.871   2.017   1.00 38.83 ? 149 LEU A O   1 
ATOM   1112 C  CB  . LEU A 1 150 ? 14.348  4.011   0.783   1.00 42.13 ? 149 LEU A CB  1 
ATOM   1113 C  CG  . LEU A 1 150 ? 12.820  3.915   0.721   1.00 43.52 ? 149 LEU A CG  1 
ATOM   1114 C  CD1 . LEU A 1 150 ? 12.279  2.817   1.646   1.00 44.15 ? 149 LEU A CD1 1 
ATOM   1115 C  CD2 . LEU A 1 150 ? 12.098  5.262   1.045   1.00 44.12 ? 149 LEU A CD2 1 
ATOM   1116 N  N   . LYS A 1 151 ? 16.434  3.068   3.064   1.00 40.82 ? 150 LYS A N   1 
ATOM   1117 C  CA  . LYS A 1 151 ? 17.701  2.367   3.303   1.00 43.50 ? 150 LYS A CA  1 
ATOM   1118 C  C   . LYS A 1 151 ? 18.278  1.892   1.964   1.00 44.75 ? 150 LYS A C   1 
ATOM   1119 O  O   . LYS A 1 151 ? 17.525  1.498   1.094   1.00 45.93 ? 150 LYS A O   1 
ATOM   1120 C  CB  . LYS A 1 151 ? 17.487  1.168   4.259   1.00 43.01 ? 150 LYS A CB  1 
ATOM   1121 C  CG  . LYS A 1 151 ? 17.488  1.539   5.770   1.00 43.11 ? 150 LYS A CG  1 
ATOM   1122 C  CD  . LYS A 1 151 ? 17.093  0.367   6.680   1.00 42.82 ? 150 LYS A CD  1 
ATOM   1123 C  CE  . LYS A 1 151 ? 16.905  0.830   8.145   1.00 43.39 ? 150 LYS A CE  1 
ATOM   1124 N  N   . PRO A 1 152 ? 19.611  1.948   1.793   1.00 46.84 ? 151 PRO A N   1 
ATOM   1125 C  CA  . PRO A 1 152 ? 20.284  1.406   0.591   1.00 47.63 ? 151 PRO A CA  1 
ATOM   1126 C  C   . PRO A 1 152 ? 19.737  0.089   -0.014  1.00 48.94 ? 151 PRO A C   1 
ATOM   1127 O  O   . PRO A 1 152 ? 19.572  0.013   -1.220  1.00 49.55 ? 151 PRO A O   1 
ATOM   1128 C  CB  . PRO A 1 152 ? 21.715  1.232   1.067   1.00 47.41 ? 151 PRO A CB  1 
ATOM   1129 C  CG  . PRO A 1 152 ? 21.919  2.373   2.018   1.00 47.11 ? 151 PRO A CG  1 
ATOM   1130 C  CD  . PRO A 1 152 ? 20.584  2.573   2.716   1.00 47.44 ? 151 PRO A CD  1 
ATOM   1131 N  N   . GLY A 1 153 ? 19.411  -0.914  0.797   1.00 49.77 ? 152 GLY A N   1 
ATOM   1132 C  CA  . GLY A 1 153 ? 18.955  -2.204  0.280   1.00 48.95 ? 152 GLY A CA  1 
ATOM   1133 C  C   . GLY A 1 153 ? 17.686  -2.151  -0.549  1.00 50.17 ? 152 GLY A C   1 
ATOM   1134 O  O   . GLY A 1 153 ? 17.417  -3.061  -1.358  1.00 52.18 ? 152 GLY A O   1 
ATOM   1135 N  N   . PHE A 1 154 ? 16.900  -1.092  -0.375  1.00 48.89 ? 153 PHE A N   1 
ATOM   1136 C  CA  . PHE A 1 154 ? 15.671  -0.929  -1.138  1.00 49.04 ? 153 PHE A CA  1 
ATOM   1137 C  C   . PHE A 1 154 ? 15.866  -0.316  -2.510  1.00 49.04 ? 153 PHE A C   1 
ATOM   1138 O  O   . PHE A 1 154 ? 14.899  -0.171  -3.252  1.00 50.83 ? 153 PHE A O   1 
ATOM   1139 C  CB  . PHE A 1 154 ? 14.646  -0.120  -0.327  1.00 49.08 ? 153 PHE A CB  1 
ATOM   1140 C  CG  . PHE A 1 154 ? 13.985  -0.945  0.711   1.00 49.09 ? 153 PHE A CG  1 
ATOM   1141 C  CD1 . PHE A 1 154 ? 14.637  -1.217  1.909   1.00 49.68 ? 153 PHE A CD1 1 
ATOM   1142 C  CD2 . PHE A 1 154 ? 12.780  -1.558  0.456   1.00 49.10 ? 153 PHE A CD2 1 
ATOM   1143 C  CE1 . PHE A 1 154 ? 14.057  -2.050  2.878   1.00 49.82 ? 153 PHE A CE1 1 
ATOM   1144 C  CE2 . PHE A 1 154 ? 12.217  -2.376  1.407   1.00 49.92 ? 153 PHE A CE2 1 
ATOM   1145 C  CZ  . PHE A 1 154 ? 12.878  -2.633  2.628   1.00 48.78 ? 153 PHE A CZ  1 
ATOM   1146 N  N   . LEU A 1 155 ? 17.097  0.068   -2.829  1.00 47.30 ? 154 LEU A N   1 
ATOM   1147 C  CA  . LEU A 1 155 ? 17.425  0.696   -4.095  1.00 46.69 ? 154 LEU A CA  1 
ATOM   1148 C  C   . LEU A 1 155 ? 18.594  -0.087  -4.707  1.00 47.21 ? 154 LEU A C   1 
ATOM   1149 O  O   . LEU A 1 155 ? 19.460  0.481   -5.381  1.00 47.94 ? 154 LEU A O   1 
ATOM   1150 C  CB  . LEU A 1 155 ? 17.823  2.159   -3.850  1.00 46.37 ? 154 LEU A CB  1 
ATOM   1151 C  CG  . LEU A 1 155 ? 16.908  3.094   -3.042  1.00 45.69 ? 154 LEU A CG  1 
ATOM   1152 C  CD1 . LEU A 1 155 ? 17.667  4.356   -2.667  1.00 44.75 ? 154 LEU A CD1 1 
ATOM   1153 C  CD2 . LEU A 1 155 ? 15.655  3.446   -3.831  1.00 45.49 ? 154 LEU A CD2 1 
ATOM   1154 N  N   . GLU A 1 156 ? 18.652  -1.388  -4.449  1.00 47.55 ? 155 GLU A N   1 
ATOM   1155 C  CA  . GLU A 1 156 ? 19.771  -2.205  -4.957  1.00 48.15 ? 155 GLU A CA  1 
ATOM   1156 C  C   . GLU A 1 156 ? 19.541  -2.495  -6.451  1.00 47.59 ? 155 GLU A C   1 
ATOM   1157 O  O   . GLU A 1 156 ? 18.390  -2.535  -6.917  1.00 45.58 ? 155 GLU A O   1 
ATOM   1158 C  CB  . GLU A 1 156 ? 19.908  -3.520  -4.152  1.00 48.73 ? 155 GLU A CB  1 
ATOM   1159 C  CG  . GLU A 1 156 ? 18.588  -4.317  -3.965  1.00 48.73 ? 155 GLU A CG  1 
ATOM   1160 N  N   . LYS A 1 157 ? 20.626  -2.653  -7.202  1.00 47.44 ? 156 LYS A N   1 
ATOM   1161 C  CA  . LYS A 1 157 ? 20.534  -3.241  -8.538  1.00 47.63 ? 156 LYS A CA  1 
ATOM   1162 C  C   . LYS A 1 157 ? 19.954  -4.667  -8.442  1.00 49.28 ? 156 LYS A C   1 
ATOM   1163 O  O   . LYS A 1 157 ? 20.432  -5.471  -7.661  1.00 49.19 ? 156 LYS A O   1 
ATOM   1164 C  CB  . LYS A 1 157 ? 21.905  -3.235  -9.218  1.00 46.04 ? 156 LYS A CB  1 
ATOM   1165 C  CG  . LYS A 1 157 ? 22.331  -1.844  -9.633  1.00 44.93 ? 156 LYS A CG  1 
ATOM   1166 C  CD  . LYS A 1 157 ? 23.640  -1.833  -10.365 1.00 44.12 ? 156 LYS A CD  1 
ATOM   1167 C  CE  . LYS A 1 157 ? 24.178  -0.416  -10.526 1.00 43.67 ? 156 LYS A CE  1 
ATOM   1168 N  N   . LYS A 1 158 ? 18.895  -4.949  -9.198  1.00 51.15 ? 157 LYS A N   1 
ATOM   1169 C  CA  . LYS A 1 158 ? 18.294  -6.273  -9.235  1.00 53.53 ? 157 LYS A CA  1 
ATOM   1170 C  C   . LYS A 1 158 ? 19.184  -7.195  -10.087 1.00 55.58 ? 157 LYS A C   1 
ATOM   1171 O  O   . LYS A 1 158 ? 19.696  -6.773  -11.130 1.00 55.41 ? 157 LYS A O   1 
ATOM   1172 C  CB  . LYS A 1 158 ? 16.845  -6.202  -9.762  1.00 54.45 ? 157 LYS A CB  1 
ATOM   1173 N  N   . HIS A 1 159 ? 19.398  -8.433  -9.614  1.00 58.09 ? 158 HIS A N   1 
ATOM   1174 C  CA  . HIS A 1 159 ? 20.493  -9.314  -10.107 1.00 59.46 ? 158 HIS A CA  1 
ATOM   1175 C  C   . HIS A 1 159 ? 20.110  -10.037 -11.391 1.00 59.92 ? 158 HIS A C   1 
ATOM   1176 O  O   . HIS A 1 159 ? 19.021  -10.614 -11.471 1.00 59.55 ? 158 HIS A O   1 
ATOM   1177 C  CB  . HIS A 1 159 ? 20.885  -10.352 -9.035  1.00 59.98 ? 158 HIS A CB  1 
ATOM   1178 N  N   . LYS A 1 160 ? 21.015  -10.017 -12.376 1.00 60.55 ? 159 LYS A N   1 
ATOM   1179 C  CA  . LYS A 1 160 ? 20.784  -10.659 -13.686 1.00 61.07 ? 159 LYS A CA  1 
ATOM   1180 C  C   . LYS A 1 160 ? 20.876  -12.192 -13.621 1.00 61.26 ? 159 LYS A C   1 
ATOM   1181 O  O   . LYS A 1 160 ? 21.747  -12.763 -14.273 1.00 62.88 ? 159 LYS A O   1 
ATOM   1182 C  CB  . LYS A 1 160 ? 21.814  -10.159 -14.711 1.00 60.71 ? 159 LYS A CB  1 
ATOM   1183 N  N   . GLY A 1 161 ? 19.973  -12.844 -12.870 1.00 60.81 ? 160 GLY A N   1 
ATOM   1184 C  CA  . GLY A 1 161 ? 20.059  -14.289 -12.541 1.00 59.96 ? 160 GLY A CA  1 
ATOM   1185 C  C   . GLY A 1 161 ? 20.105  -15.286 -13.700 1.00 58.37 ? 160 GLY A C   1 
ATOM   1186 O  O   . GLY A 1 161 ? 19.483  -15.077 -14.744 1.00 59.07 ? 160 GLY A O   1 
ATOM   1187 N  N   . LYS A 1 162 ? 20.868  -16.361 -13.511 1.00 56.40 ? 161 LYS A N   1 
ATOM   1188 C  CA  . LYS A 1 162 ? 20.933  -17.477 -14.456 1.00 54.39 ? 161 LYS A CA  1 
ATOM   1189 C  C   . LYS A 1 162 ? 19.782  -18.465 -14.156 1.00 52.80 ? 161 LYS A C   1 
ATOM   1190 O  O   . LYS A 1 162 ? 19.553  -18.818 -12.991 1.00 53.59 ? 161 LYS A O   1 
ATOM   1191 C  CB  . LYS A 1 162 ? 22.300  -18.171 -14.346 1.00 54.09 ? 161 LYS A CB  1 
ATOM   1192 C  CG  . LYS A 1 162 ? 22.598  -19.193 -15.433 1.00 54.25 ? 161 LYS A CG  1 
ATOM   1193 C  CD  . LYS A 1 162 ? 23.969  -19.858 -15.252 1.00 54.45 ? 161 LYS A CD  1 
ATOM   1194 N  N   . ILE A 1 163 ? 19.055  -18.884 -15.196 1.00 49.76 ? 162 ILE A N   1 
ATOM   1195 C  CA  . ILE A 1 163 ? 17.907  -19.794 -15.054 1.00 47.74 ? 162 ILE A CA  1 
ATOM   1196 C  C   . ILE A 1 163 ? 18.330  -21.238 -15.273 1.00 46.36 ? 162 ILE A C   1 
ATOM   1197 O  O   . ILE A 1 163 ? 18.872  -21.565 -16.307 1.00 46.55 ? 162 ILE A O   1 
ATOM   1198 C  CB  . ILE A 1 163 ? 16.751  -19.434 -16.056 1.00 47.09 ? 162 ILE A CB  1 
ATOM   1199 C  CG1 . ILE A 1 163 ? 16.261  -18.017 -15.793 1.00 46.94 ? 162 ILE A CG1 1 
ATOM   1200 C  CG2 . ILE A 1 163 ? 15.558  -20.415 -15.939 1.00 45.85 ? 162 ILE A CG2 1 
ATOM   1201 C  CD1 . ILE A 1 163 ? 15.776  -17.793 -14.389 1.00 46.80 ? 162 ILE A CD1 1 
ATOM   1202 N  N   . VAL A 1 164 ? 18.095  -22.095 -14.288 1.00 44.62 ? 163 VAL A N   1 
ATOM   1203 C  CA  . VAL A 1 164 ? 18.407  -23.519 -14.398 1.00 43.40 ? 163 VAL A CA  1 
ATOM   1204 C  C   . VAL A 1 164 ? 17.133  -24.366 -14.225 1.00 42.13 ? 163 VAL A C   1 
ATOM   1205 O  O   . VAL A 1 164 ? 16.050  -23.803 -14.005 1.00 41.94 ? 163 VAL A O   1 
ATOM   1206 C  CB  . VAL A 1 164 ? 19.474  -23.918 -13.351 1.00 43.90 ? 163 VAL A CB  1 
ATOM   1207 C  CG1 . VAL A 1 164 ? 20.823  -23.336 -13.735 1.00 43.88 ? 163 VAL A CG1 1 
ATOM   1208 C  CG2 . VAL A 1 164 ? 19.060  -23.453 -11.944 1.00 43.44 ? 163 VAL A CG2 1 
ATOM   1209 N  N   . LEU A 1 165 ? 17.268  -25.693 -14.327 1.00 40.88 ? 164 LEU A N   1 
ATOM   1210 C  CA  . LEU A 1 165 ? 16.137  -26.641 -14.209 1.00 41.32 ? 164 LEU A CA  1 
ATOM   1211 C  C   . LEU A 1 165 ? 16.172  -27.426 -12.893 1.00 41.75 ? 164 LEU A C   1 
ATOM   1212 O  O   . LEU A 1 165 ? 17.145  -28.121 -12.600 1.00 41.56 ? 164 LEU A O   1 
ATOM   1213 C  CB  . LEU A 1 165 ? 16.128  -27.635 -15.381 1.00 41.13 ? 164 LEU A CB  1 
ATOM   1214 C  CG  . LEU A 1 165 ? 14.913  -28.563 -15.561 1.00 41.42 ? 164 LEU A CG  1 
ATOM   1215 C  CD1 . LEU A 1 165 ? 13.642  -27.746 -15.708 1.00 42.47 ? 164 LEU A CD1 1 
ATOM   1216 C  CD2 . LEU A 1 165 ? 15.063  -29.564 -16.730 1.00 41.07 ? 164 LEU A CD2 1 
ATOM   1217 N  N   . CYS A 1 166 ? 15.103  -27.347 -12.111 1.00 42.91 ? 165 CYS A N   1 
ATOM   1218 C  CA  . CYS A 1 166 ? 15.063  -28.080 -10.844 1.00 42.88 ? 165 CYS A CA  1 
ATOM   1219 C  C   . CYS A 1 166 ? 14.978  -29.554 -11.147 1.00 43.07 ? 165 CYS A C   1 
ATOM   1220 O  O   . CYS A 1 166 ? 14.086  -29.969 -11.866 1.00 42.13 ? 165 CYS A O   1 
ATOM   1221 C  CB  . CYS A 1 166 ? 13.876  -27.662 -10.004 1.00 43.60 ? 165 CYS A CB  1 
ATOM   1222 S  SG  . CYS A 1 166 ? 13.801  -28.560 -8.449  1.00 43.82 ? 165 CYS A SG  1 
ATOM   1223 N  N   . PRO A 1 167 ? 15.918  -30.351 -10.604 1.00 44.13 ? 166 PRO A N   1 
ATOM   1224 C  CA  . PRO A 1 167 ? 15.900  -31.778 -10.904 1.00 44.92 ? 166 PRO A CA  1 
ATOM   1225 C  C   . PRO A 1 167 ? 14.697  -32.498 -10.355 1.00 46.50 ? 166 PRO A C   1 
ATOM   1226 O  O   . PRO A 1 167 ? 14.345  -33.553 -10.853 1.00 46.07 ? 166 PRO A O   1 
ATOM   1227 C  CB  . PRO A 1 167 ? 17.149  -32.308 -10.209 1.00 43.48 ? 166 PRO A CB  1 
ATOM   1228 C  CG  . PRO A 1 167 ? 17.540  -31.276 -9.233  1.00 43.32 ? 166 PRO A CG  1 
ATOM   1229 C  CD  . PRO A 1 167 ? 17.046  -29.981 -9.717  1.00 43.68 ? 166 PRO A CD  1 
ATOM   1230 N  N   . GLN A 1 168 ? 14.105  -31.958 -9.296  1.00 46.86 ? 167 GLN A N   1 
ATOM   1231 C  CA  . GLN A 1 168 ? 13.030  -32.641 -8.633  1.00 48.30 ? 167 GLN A CA  1 
ATOM   1232 C  C   . GLN A 1 168 ? 11.679  -32.397 -9.306  1.00 48.44 ? 167 GLN A C   1 
ATOM   1233 O  O   . GLN A 1 168 ? 10.928  -33.358 -9.547  1.00 48.80 ? 167 GLN A O   1 
ATOM   1234 C  CB  . GLN A 1 168 ? 12.993  -32.267 -7.151  1.00 49.49 ? 167 GLN A CB  1 
ATOM   1235 C  CG  . GLN A 1 168 ? 12.125  -33.192 -6.360  1.00 50.74 ? 167 GLN A CG  1 
ATOM   1236 C  CD  . GLN A 1 168 ? 11.879  -32.715 -4.980  1.00 51.77 ? 167 GLN A CD  1 
ATOM   1237 O  OE1 . GLN A 1 168 ? 12.812  -32.409 -4.223  1.00 51.16 ? 167 GLN A OE1 1 
ATOM   1238 N  NE2 . GLN A 1 168 ? 10.605  -32.633 -4.628  1.00 53.08 ? 167 GLN A NE2 1 
ATOM   1239 N  N   . CYS A 1 169 ? 11.368  -31.141 -9.637  1.00 47.30 ? 168 CYS A N   1 
ATOM   1240 C  CA  . CYS A 1 169 ? 10.076  -30.832 -10.262 1.00 47.63 ? 168 CYS A CA  1 
ATOM   1241 C  C   . CYS A 1 169 ? 10.171  -30.482 -11.732 1.00 47.08 ? 168 CYS A C   1 
ATOM   1242 O  O   . CYS A 1 169 ? 9.138   -30.367 -12.391 1.00 47.89 ? 168 CYS A O   1 
ATOM   1243 C  CB  . CYS A 1 169 ? 9.372   -29.696 -9.522  1.00 47.39 ? 168 CYS A CB  1 
ATOM   1244 S  SG  . CYS A 1 169 ? 10.092  -28.073 -9.806  1.00 46.52 ? 168 CYS A SG  1 
ATOM   1245 N  N   . ARG A 1 170 ? 11.402  -30.320 -12.220 1.00 46.70 ? 169 ARG A N   1 
ATOM   1246 C  CA  . ARG A 1 170 ? 11.705  -29.963 -13.606 1.00 46.68 ? 169 ARG A CA  1 
ATOM   1247 C  C   . ARG A 1 170 ? 10.978  -28.726 -14.055 1.00 46.01 ? 169 ARG A C   1 
ATOM   1248 O  O   . ARG A 1 170 ? 10.403  -28.685 -15.155 1.00 46.84 ? 169 ARG A O   1 
ATOM   1249 C  CB  . ARG A 1 170 ? 11.456  -31.140 -14.548 1.00 47.35 ? 169 ARG A CB  1 
ATOM   1250 C  CG  . ARG A 1 170 ? 12.322  -32.349 -14.230 1.00 47.36 ? 169 ARG A CG  1 
ATOM   1251 C  CD  . ARG A 1 170 ? 12.144  -33.478 -15.277 1.00 48.70 ? 169 ARG A CD  1 
ATOM   1252 N  NE  . ARG A 1 170 ? 12.038  -33.029 -16.678 1.00 49.32 ? 169 ARG A NE  1 
ATOM   1253 C  CZ  . ARG A 1 170 ? 13.066  -32.748 -17.483 1.00 49.54 ? 169 ARG A CZ  1 
ATOM   1254 N  NH1 . ARG A 1 170 ? 14.321  -32.852 -17.057 1.00 50.93 ? 169 ARG A NH1 1 
ATOM   1255 N  NH2 . ARG A 1 170 ? 12.830  -32.341 -18.724 1.00 49.22 ? 169 ARG A NH2 1 
ATOM   1256 N  N   . GLU A 1 171 ? 11.037  -27.704 -13.206 1.00 44.53 ? 170 GLU A N   1 
ATOM   1257 C  CA  . GLU A 1 171 ? 10.639  -26.368 -13.577 1.00 44.25 ? 170 GLU A CA  1 
ATOM   1258 C  C   . GLU A 1 171 ? 11.853  -25.441 -13.559 1.00 43.39 ? 170 GLU A C   1 
ATOM   1259 O  O   . GLU A 1 171 ? 12.827  -25.694 -12.858 1.00 42.14 ? 170 GLU A O   1 
ATOM   1260 C  CB  . GLU A 1 171 ? 9.520   -25.883 -12.652 1.00 45.40 ? 170 GLU A CB  1 
ATOM   1261 C  CG  . GLU A 1 171 ? 8.143   -26.440 -13.073 1.00 45.53 ? 170 GLU A CG  1 
ATOM   1262 C  CD  . GLU A 1 171 ? 7.044   -26.162 -12.089 1.00 45.77 ? 170 GLU A CD  1 
ATOM   1263 O  OE1 . GLU A 1 171 ? 6.813   -24.960 -11.796 1.00 47.72 ? 170 GLU A OE1 1 
ATOM   1264 O  OE2 . GLU A 1 171 ? 6.411   -27.140 -11.612 1.00 44.82 ? 170 GLU A OE2 1 
ATOM   1265 N  N   . ALA A 1 172 ? 11.791  -24.379 -14.345 1.00 40.39 ? 171 ALA A N   1 
ATOM   1266 C  CA  . ALA A 1 172 ? 12.846  -23.387 -14.377 1.00 40.98 ? 171 ALA A CA  1 
ATOM   1267 C  C   . ALA A 1 172 ? 12.801  -22.494 -13.120 1.00 40.18 ? 171 ALA A C   1 
ATOM   1268 O  O   . ALA A 1 172 ? 11.738  -22.121 -12.618 1.00 37.89 ? 171 ALA A O   1 
ATOM   1269 C  CB  . ALA A 1 172 ? 12.763  -22.544 -15.641 1.00 39.51 ? 171 ALA A CB  1 
ATOM   1270 N  N   . TYR A 1 173 ? 13.990  -22.199 -12.601 1.00 41.40 ? 172 TYR A N   1 
ATOM   1271 C  CA  . TYR A 1 173 ? 14.157  -21.359 -11.423 1.00 41.56 ? 172 TYR A CA  1 
ATOM   1272 C  C   . TYR A 1 173 ? 15.551  -20.669 -11.449 1.00 42.63 ? 172 TYR A C   1 
ATOM   1273 O  O   . TYR A 1 173 ? 16.429  -21.073 -12.198 1.00 40.97 ? 172 TYR A O   1 
ATOM   1274 C  CB  . TYR A 1 173 ? 13.919  -22.179 -10.129 1.00 41.14 ? 172 TYR A CB  1 
ATOM   1275 C  CG  . TYR A 1 173 ? 15.064  -23.062 -9.752  1.00 40.66 ? 172 TYR A CG  1 
ATOM   1276 C  CD1 . TYR A 1 173 ? 15.325  -24.234 -10.445 1.00 40.64 ? 172 TYR A CD1 1 
ATOM   1277 C  CD2 . TYR A 1 173 ? 15.936  -22.708 -8.732  1.00 41.29 ? 172 TYR A CD2 1 
ATOM   1278 C  CE1 . TYR A 1 173 ? 16.426  -25.043 -10.129 1.00 40.39 ? 172 TYR A CE1 1 
ATOM   1279 C  CE2 . TYR A 1 173 ? 17.039  -23.530 -8.404  1.00 41.49 ? 172 TYR A CE2 1 
ATOM   1280 C  CZ  . TYR A 1 173 ? 17.268  -24.696 -9.104  1.00 40.91 ? 172 TYR A CZ  1 
ATOM   1281 O  OH  . TYR A 1 173 ? 18.352  -25.529 -8.805  1.00 41.30 ? 172 TYR A OH  1 
ATOM   1282 N  N   . PRO A 1 174 ? 15.729  -19.594 -10.664 1.00 44.26 ? 173 PRO A N   1 
ATOM   1283 C  CA  . PRO A 1 174 ? 17.034  -18.948 -10.492 1.00 44.32 ? 173 PRO A CA  1 
ATOM   1284 C  C   . PRO A 1 174 ? 18.058  -19.853 -9.790  1.00 44.90 ? 173 PRO A C   1 
ATOM   1285 O  O   . PRO A 1 174 ? 17.776  -20.403 -8.716  1.00 43.41 ? 173 PRO A O   1 
ATOM   1286 C  CB  . PRO A 1 174 ? 16.714  -17.749 -9.605  1.00 45.12 ? 173 PRO A CB  1 
ATOM   1287 C  CG  . PRO A 1 174 ? 15.233  -17.572 -9.667  1.00 44.77 ? 173 PRO A CG  1 
ATOM   1288 C  CD  . PRO A 1 174 ? 14.668  -18.910 -9.900  1.00 44.95 ? 173 PRO A CD  1 
ATOM   1289 N  N   . ALA A 1 175 ? 19.234  -20.008 -10.409 1.00 46.21 ? 174 ALA A N   1 
ATOM   1290 C  CA  . ALA A 1 175 ? 20.303  -20.881 -9.891  1.00 46.78 ? 174 ALA A CA  1 
ATOM   1291 C  C   . ALA A 1 175 ? 20.789  -20.485 -8.495  1.00 47.51 ? 174 ALA A C   1 
ATOM   1292 O  O   . ALA A 1 175 ? 21.269  -21.334 -7.724  1.00 46.04 ? 174 ALA A O   1 
ATOM   1293 C  CB  . ALA A 1 175 ? 21.482  -20.898 -10.852 1.00 47.26 ? 174 ALA A CB  1 
ATOM   1294 N  N   . GLN A 1 176 ? 20.650  -19.206 -8.175  1.00 48.52 ? 175 GLN A N   1 
ATOM   1295 C  CA  . GLN A 1 176 ? 21.065  -18.707 -6.874  1.00 50.90 ? 175 GLN A CA  1 
ATOM   1296 C  C   . GLN A 1 176 ? 20.267  -19.342 -5.737  1.00 50.51 ? 175 GLN A C   1 
ATOM   1297 O  O   . GLN A 1 176 ? 20.767  -19.471 -4.631  1.00 51.16 ? 175 GLN A O   1 
ATOM   1298 C  CB  . GLN A 1 176 ? 20.979  -17.176 -6.829  1.00 52.30 ? 175 GLN A CB  1 
ATOM   1299 C  CG  . GLN A 1 176 ? 19.584  -16.643 -6.730  1.00 54.67 ? 175 GLN A CG  1 
ATOM   1300 C  CD  . GLN A 1 176 ? 19.292  -15.469 -7.670  1.00 56.46 ? 175 GLN A CD  1 
ATOM   1301 O  OE1 . GLN A 1 176 ? 19.988  -15.260 -8.680  1.00 58.64 ? 175 GLN A OE1 1 
ATOM   1302 N  NE2 . GLN A 1 176 ? 18.226  -14.727 -7.365  1.00 56.83 ? 175 GLN A NE2 1 
ATOM   1303 N  N   . ASP A 1 177 ? 19.044  -19.768 -6.014  1.00 50.40 ? 176 ASP A N   1 
ATOM   1304 C  CA  . ASP A 1 177 ? 18.184  -20.300 -4.965  1.00 50.77 ? 176 ASP A CA  1 
ATOM   1305 C  C   . ASP A 1 177 ? 18.671  -21.637 -4.390  1.00 50.63 ? 176 ASP A C   1 
ATOM   1306 O  O   . ASP A 1 177 ? 18.192  -22.048 -3.325  1.00 49.80 ? 176 ASP A O   1 
ATOM   1307 C  CB  . ASP A 1 177 ? 16.730  -20.462 -5.473  1.00 50.71 ? 176 ASP A CB  1 
ATOM   1308 C  CG  . ASP A 1 177 ? 16.047  -19.149 -5.761  1.00 49.73 ? 176 ASP A CG  1 
ATOM   1309 O  OD1 . ASP A 1 177 ? 16.614  -18.113 -5.413  1.00 50.31 ? 176 ASP A OD1 1 
ATOM   1310 O  OD2 . ASP A 1 177 ? 14.940  -19.146 -6.355  1.00 49.79 ? 176 ASP A OD2 1 
ATOM   1311 N  N   . GLY A 1 178 ? 19.571  -22.324 -5.109  1.00 51.22 ? 177 GLY A N   1 
ATOM   1312 C  CA  . GLY A 1 178 ? 20.097  -23.620 -4.692  1.00 51.60 ? 177 GLY A CA  1 
ATOM   1313 C  C   . GLY A 1 178 ? 20.005  -24.740 -5.712  1.00 52.40 ? 177 GLY A C   1 
ATOM   1314 O  O   . GLY A 1 178 ? 19.726  -24.512 -6.870  1.00 52.43 ? 177 GLY A O   1 
ATOM   1315 N  N   . GLU A 1 179 ? 20.252  -25.963 -5.241  1.00 54.08 ? 178 GLU A N   1 
ATOM   1316 C  CA  . GLU A 1 179 ? 20.304  -27.159 -6.074  1.00 54.16 ? 178 GLU A CA  1 
ATOM   1317 C  C   . GLU A 1 179 ? 18.913  -27.701 -6.349  1.00 53.03 ? 178 GLU A C   1 
ATOM   1318 O  O   . GLU A 1 179 ? 18.738  -28.586 -7.190  1.00 53.37 ? 178 GLU A O   1 
ATOM   1319 C  CB  . GLU A 1 179 ? 21.110  -28.267 -5.405  1.00 55.96 ? 178 GLU A CB  1 
ATOM   1320 C  CG  . GLU A 1 179 ? 22.323  -27.833 -4.610  1.00 57.08 ? 178 GLU A CG  1 
ATOM   1321 C  CD  . GLU A 1 179 ? 22.866  -28.996 -3.799  1.00 57.91 ? 178 GLU A CD  1 
ATOM   1322 O  OE1 . GLU A 1 179 ? 23.245  -30.019 -4.420  1.00 58.73 ? 178 GLU A OE1 1 
ATOM   1323 O  OE2 . GLU A 1 179 ? 22.871  -28.896 -2.551  1.00 58.28 ? 178 GLU A OE2 1 
ATOM   1324 N  N   . LEU A 1 180 ? 17.942  -27.231 -5.579  1.00 50.26 ? 179 LEU A N   1 
ATOM   1325 C  CA  . LEU A 1 180 ? 16.552  -27.369 -5.940  1.00 48.91 ? 179 LEU A CA  1 
ATOM   1326 C  C   . LEU A 1 180 ? 15.959  -25.987 -5.883  1.00 45.80 ? 179 LEU A C   1 
ATOM   1327 O  O   . LEU A 1 180 ? 16.566  -25.034 -5.396  1.00 45.37 ? 179 LEU A O   1 
ATOM   1328 C  CB  . LEU A 1 180 ? 15.790  -28.285 -4.982  1.00 49.63 ? 179 LEU A CB  1 
ATOM   1329 C  CG  . LEU A 1 180 ? 16.279  -29.691 -4.691  1.00 48.95 ? 179 LEU A CG  1 
ATOM   1330 C  CD1 . LEU A 1 180 ? 15.671  -30.154 -3.387  1.00 49.03 ? 179 LEU A CD1 1 
ATOM   1331 C  CD2 . LEU A 1 180 ? 15.952  -30.666 -5.828  1.00 49.72 ? 179 LEU A CD2 1 
ATOM   1332 N  N   . CYS A 1 181 ? 14.765  -25.867 -6.413  1.00 44.49 ? 180 CYS A N   1 
ATOM   1333 C  CA  . CYS A 1 181 ? 14.041  -24.638 -6.307  1.00 43.48 ? 180 CYS A CA  1 
ATOM   1334 C  C   . CYS A 1 181 ? 13.472  -24.548 -4.907  1.00 43.85 ? 180 CYS A C   1 
ATOM   1335 O  O   . CYS A 1 181 ? 13.436  -25.532 -4.136  1.00 45.73 ? 180 CYS A O   1 
ATOM   1336 C  CB  . CYS A 1 181 ? 12.923  -24.567 -7.329  1.00 42.29 ? 180 CYS A CB  1 
ATOM   1337 S  SG  . CYS A 1 181 ? 11.586  -25.650 -6.940  1.00 43.28 ? 180 CYS A SG  1 
ATOM   1338 N  N   . LEU A 1 182 ? 13.043  -23.337 -4.588  1.00 44.33 ? 181 LEU A N   1 
ATOM   1339 C  CA  . LEU A 1 182 ? 12.616  -22.994 -3.241  1.00 42.60 ? 181 LEU A CA  1 
ATOM   1340 C  C   . LEU A 1 182 ? 11.356  -23.760 -2.876  1.00 42.89 ? 181 LEU A C   1 
ATOM   1341 O  O   . LEU A 1 182 ? 11.118  -24.033 -1.721  1.00 41.42 ? 181 LEU A O   1 
ATOM   1342 C  CB  . LEU A 1 182 ? 12.426  -21.492 -3.112  1.00 41.95 ? 181 LEU A CB  1 
ATOM   1343 C  CG  . LEU A 1 182 ? 13.706  -20.625 -3.062  1.00 41.58 ? 181 LEU A CG  1 
ATOM   1344 C  CD1 . LEU A 1 182 ? 13.414  -19.123 -3.097  1.00 40.73 ? 181 LEU A CD1 1 
ATOM   1345 C  CD2 . LEU A 1 182 ? 14.598  -20.968 -1.826  1.00 41.35 ? 181 LEU A CD2 1 
ATOM   1346 N  N   . SER A 1 183 ? 10.559  -24.145 -3.872  1.00 43.36 ? 182 SER A N   1 
ATOM   1347 C  CA  . SER A 1 183 ? 9.386   -24.959 -3.604  1.00 43.72 ? 182 SER A CA  1 
ATOM   1348 C  C   . SER A 1 183 ? 9.830   -26.341 -3.141  1.00 45.76 ? 182 SER A C   1 
ATOM   1349 O  O   . SER A 1 183 ? 9.423   -26.816 -2.075  1.00 45.40 ? 182 SER A O   1 
ATOM   1350 C  CB  . SER A 1 183 ? 8.461   -25.048 -4.829  1.00 43.12 ? 182 SER A CB  1 
ATOM   1351 O  OG  . SER A 1 183 ? 7.316   -25.825 -4.531  1.00 43.25 ? 182 SER A OG  1 
ATOM   1352 N  N   . CYS A 1 184 ? 10.691  -26.977 -3.933  1.00 45.93 ? 183 CYS A N   1 
ATOM   1353 C  CA  . CYS A 1 184 ? 11.186  -28.319 -3.630  1.00 46.40 ? 183 CYS A CA  1 
ATOM   1354 C  C   . CYS A 1 184 ? 12.055  -28.359 -2.372  1.00 47.31 ? 183 CYS A C   1 
ATOM   1355 O  O   . CYS A 1 184 ? 12.161  -29.402 -1.700  1.00 48.07 ? 183 CYS A O   1 
ATOM   1356 C  CB  . CYS A 1 184 ? 11.919  -28.895 -4.863  1.00 46.14 ? 183 CYS A CB  1 
ATOM   1357 S  SG  . CYS A 1 184 ? 10.762  -29.432 -6.134  1.00 46.20 ? 183 CYS A SG  1 
ATOM   1358 N  N   . GLN A 1 185 ? 12.686  -27.235 -2.062  1.00 48.28 ? 184 GLN A N   1 
ATOM   1359 C  CA  . GLN A 1 185 ? 13.408  -27.100 -0.813  1.00 49.16 ? 184 GLN A CA  1 
ATOM   1360 C  C   . GLN A 1 185 ? 12.450  -27.129 0.396   1.00 50.12 ? 184 GLN A C   1 
ATOM   1361 O  O   . GLN A 1 185 ? 12.868  -27.445 1.475   1.00 50.55 ? 184 GLN A O   1 
ATOM   1362 C  CB  . GLN A 1 185 ? 14.224  -25.803 -0.777  1.00 49.44 ? 184 GLN A CB  1 
ATOM   1363 C  CG  . GLN A 1 185 ? 15.435  -25.786 -1.686  1.00 49.62 ? 184 GLN A CG  1 
ATOM   1364 C  CD  . GLN A 1 185 ? 16.166  -24.452 -1.685  1.00 49.98 ? 184 GLN A CD  1 
ATOM   1365 O  OE1 . GLN A 1 185 ? 16.229  -23.770 -0.658  1.00 51.99 ? 184 GLN A OE1 1 
ATOM   1366 N  NE2 . GLN A 1 185 ? 16.734  -24.081 -2.823  1.00 48.42 ? 184 GLN A NE2 1 
ATOM   1367 N  N   . GLY A 1 186 ? 11.165  -26.819 0.209   1.00 50.20 ? 185 GLY A N   1 
ATOM   1368 C  CA  . GLY A 1 186 ? 10.204  -26.841 1.317   1.00 50.16 ? 185 GLY A CA  1 
ATOM   1369 C  C   . GLY A 1 186 ? 9.180   -25.727 1.306   1.00 49.79 ? 185 GLY A C   1 
ATOM   1370 O  O   . GLY A 1 186 ? 8.243   -25.740 2.098   1.00 49.71 ? 185 GLY A O   1 
ATOM   1371 N  N   . GLY A 1 187 ? 9.339   -24.762 0.406   1.00 48.77 ? 186 GLY A N   1 
ATOM   1372 C  CA  . GLY A 1 187 ? 8.390   -23.682 0.295   1.00 48.05 ? 186 GLY A CA  1 
ATOM   1373 C  C   . GLY A 1 187 ? 7.061   -24.074 -0.342  1.00 47.59 ? 186 GLY A C   1 
ATOM   1374 O  O   . GLY A 1 187 ? 6.135   -23.275 -0.327  1.00 47.79 ? 186 GLY A O   1 
ATOM   1375 N  N   . SER A 1 188 ? 6.973   -25.269 -0.937  1.00 46.34 ? 187 SER A N   1 
ATOM   1376 C  CA  . SER A 1 188 ? 5.748   -25.728 -1.544  1.00 45.51 ? 187 SER A CA  1 
ATOM   1377 C  C   . SER A 1 188 ? 4.561   -25.537 -0.614  1.00 44.69 ? 187 SER A C   1 
ATOM   1378 O  O   . SER A 1 188 ? 4.565   -26.022 0.509   1.00 46.10 ? 187 SER A O   1 
ATOM   1379 C  CB  . SER A 1 188 ? 5.807   -27.201 -1.943  1.00 46.28 ? 187 SER A CB  1 
ATOM   1380 O  OG  . SER A 1 188 ? 4.600   -27.552 -2.604  1.00 46.44 ? 187 SER A OG  1 
ATOM   1381 N  N   . PRO A 1 189 ? 3.528   -24.829 -1.082  1.00 43.31 ? 188 PRO A N   1 
ATOM   1382 C  CA  . PRO A 1 189 ? 2.276   -24.775 -0.368  1.00 43.49 ? 188 PRO A CA  1 
ATOM   1383 C  C   . PRO A 1 189 ? 1.357   -25.997 -0.548  1.00 43.48 ? 188 PRO A C   1 
ATOM   1384 O  O   . PRO A 1 189 ? 0.291   -26.018 0.055   1.00 44.56 ? 188 PRO A O   1 
ATOM   1385 C  CB  . PRO A 1 189 ? 1.624   -23.540 -0.978  1.00 44.69 ? 188 PRO A CB  1 
ATOM   1386 C  CG  . PRO A 1 189 ? 2.100   -23.525 -2.337  1.00 43.69 ? 188 PRO A CG  1 
ATOM   1387 C  CD  . PRO A 1 189 ? 3.497   -23.989 -2.294  1.00 44.38 ? 188 PRO A CD  1 
ATOM   1388 N  N   . TYR A 1 190 ? 1.743   -26.985 -1.355  1.00 42.01 ? 189 TYR A N   1 
ATOM   1389 C  CA  . TYR A 1 190 ? 0.817   -28.031 -1.771  1.00 41.74 ? 189 TYR A CA  1 
ATOM   1390 C  C   . TYR A 1 190 ? 1.184   -29.297 -1.067  1.00 44.30 ? 189 TYR A C   1 
ATOM   1391 O  O   . TYR A 1 190 ? 2.342   -29.493 -0.697  1.00 46.70 ? 189 TYR A O   1 
ATOM   1392 C  CB  . TYR A 1 190 ? 0.876   -28.262 -3.271  1.00 40.83 ? 189 TYR A CB  1 
ATOM   1393 C  CG  . TYR A 1 190 ? 0.841   -26.981 -4.072  1.00 39.98 ? 189 TYR A CG  1 
ATOM   1394 C  CD1 . TYR A 1 190 ? -0.272  -26.175 -4.045  1.00 41.10 ? 189 TYR A CD1 1 
ATOM   1395 C  CD2 . TYR A 1 190 ? 1.924   -26.576 -4.823  1.00 40.43 ? 189 TYR A CD2 1 
ATOM   1396 C  CE1 . TYR A 1 190 ? -0.310  -24.940 -4.765  1.00 40.50 ? 189 TYR A CE1 1 
ATOM   1397 C  CE2 . TYR A 1 190 ? 1.892   -25.351 -5.552  1.00 41.11 ? 189 TYR A CE2 1 
ATOM   1398 C  CZ  . TYR A 1 190 ? 0.759   -24.547 -5.507  1.00 40.43 ? 189 TYR A CZ  1 
ATOM   1399 O  OH  . TYR A 1 190 ? 0.669   -23.318 -6.199  1.00 38.86 ? 189 TYR A OH  1 
ATOM   1400 N  N   . LEU A 1 191 ? 0.191   -30.156 -0.883  1.00 46.02 ? 190 LEU A N   1 
ATOM   1401 C  CA  . LEU A 1 191 ? 0.397   -31.443 -0.234  1.00 46.26 ? 190 LEU A CA  1 
ATOM   1402 C  C   . LEU A 1 191 ? 1.089   -32.411 -1.180  1.00 47.48 ? 190 LEU A C   1 
ATOM   1403 O  O   . LEU A 1 191 ? 1.002   -32.312 -2.418  1.00 44.85 ? 190 LEU A O   1 
ATOM   1404 C  CB  . LEU A 1 191 ? -0.929  -32.070 0.201   1.00 47.08 ? 190 LEU A CB  1 
ATOM   1405 C  CG  . LEU A 1 191 ? -1.742  -31.427 1.320   1.00 46.60 ? 190 LEU A CG  1 
ATOM   1406 C  CD1 . LEU A 1 191 ? -3.065  -32.173 1.398   1.00 46.57 ? 190 LEU A CD1 1 
ATOM   1407 C  CD2 . LEU A 1 191 ? -1.008  -31.428 2.659   1.00 46.85 ? 190 LEU A CD2 1 
ATOM   1408 O  OXT . LEU A 1 191 ? 1.731   -33.357 -0.680  1.00 49.35 ? 190 LEU A OXT 1 
HETATM 1409 ZN ZN  . ZN  B 2 .   ? 11.606  -27.857 -7.862  1.00 38.46 ? 200 ZN  A ZN  1 
HETATM 1410 CL CL  . CL  C 3 .   ? 0.880   -6.892  7.627   1.00 42.26 ? 201 CL  A CL  1 
HETATM 1411 O  O   . HOH D 4 .   ? 8.980   -0.269  -3.475  1.00 33.69 ? 202 HOH A O   1 
HETATM 1412 O  O   . HOH D 4 .   ? -4.015  -8.734  2.506   1.00 37.15 ? 203 HOH A O   1 
HETATM 1413 O  O   . HOH D 4 .   ? 2.133   0.913   -14.112 1.00 43.83 ? 204 HOH A O   1 
HETATM 1414 O  O   . HOH D 4 .   ? 8.974   4.200   -11.335 1.00 55.17 ? 205 HOH A O   1 
HETATM 1415 O  O   . HOH D 4 .   ? 6.407   -6.397  -5.635  1.00 35.48 ? 206 HOH A O   1 
HETATM 1416 O  O   . HOH D 4 .   ? 6.474   -6.869  -1.814  1.00 33.67 ? 207 HOH A O   1 
HETATM 1417 O  O   . HOH D 4 .   ? 13.341  13.673  -5.236  1.00 41.92 ? 208 HOH A O   1 
HETATM 1418 O  O   . HOH D 4 .   ? 5.532   7.381   13.896  1.00 40.83 ? 209 HOH A O   1 
HETATM 1419 O  O   . HOH D 4 .   ? -10.421 9.404   6.413   1.00 42.71 ? 210 HOH A O   1 
HETATM 1420 O  O   . HOH D 4 .   ? 9.433   -21.390 -13.521 1.00 29.63 ? 211 HOH A O   1 
HETATM 1421 O  O   . HOH D 4 .   ? -18.071 19.872  0.129   1.00 45.53 ? 212 HOH A O   1 
HETATM 1422 O  O   . HOH D 4 .   ? -9.089  14.417  -0.031  1.00 55.68 ? 213 HOH A O   1 
HETATM 1423 O  O   . HOH D 4 .   ? -10.265 -5.407  2.726   1.00 39.92 ? 214 HOH A O   1 
HETATM 1424 O  O   . HOH D 4 .   ? -10.880 -2.261  6.399   1.00 42.14 ? 215 HOH A O   1 
HETATM 1425 O  O   . HOH D 4 .   ? -0.318  18.435  1.979   1.00 50.68 ? 216 HOH A O   1 
HETATM 1426 O  O   . HOH D 4 .   ? 5.150   13.276  -8.857  1.00 47.85 ? 217 HOH A O   1 
HETATM 1427 O  O   . HOH D 4 .   ? 11.508  10.380  -10.523 1.00 59.51 ? 218 HOH A O   1 
HETATM 1428 O  O   . HOH D 4 .   ? -3.089  -3.224  9.022   1.00 48.47 ? 219 HOH A O   1 
HETATM 1429 O  O   . HOH D 4 .   ? 0.652   3.509   11.675  1.00 38.33 ? 220 HOH A O   1 
HETATM 1430 O  O   . HOH D 4 .   ? -0.715  4.574   13.920  1.00 38.05 ? 221 HOH A O   1 
HETATM 1431 O  O   . HOH D 4 .   ? 10.870  2.838   -13.239 1.00 45.30 ? 222 HOH A O   1 
HETATM 1432 O  O   . HOH D 4 .   ? 15.524  13.339  -3.936  1.00 52.88 ? 223 HOH A O   1 
HETATM 1433 O  O   . HOH D 4 .   ? 5.412   13.235  11.766  1.00 50.38 ? 224 HOH A O   1 
HETATM 1434 O  O   . HOH D 4 .   ? 9.352   6.985   9.634   1.00 44.53 ? 225 HOH A O   1 
HETATM 1435 O  O   . HOH D 4 .   ? 12.434  10.052  8.437   1.00 42.00 ? 226 HOH A O   1 
HETATM 1436 O  O   . HOH D 4 .   ? 14.251  8.296   6.889   1.00 41.97 ? 227 HOH A O   1 
HETATM 1437 O  O   . HOH D 4 .   ? 20.180  -17.233 -10.420 1.00 62.49 ? 228 HOH A O   1 
HETATM 1438 O  O   . HOH D 4 .   ? 13.344  -21.195 -6.549  1.00 33.92 ? 229 HOH A O   1 
HETATM 1439 O  O   . HOH D 4 .   ? 2.868   -31.245 -4.284  1.00 48.96 ? 230 HOH A O   1 
HETATM 1440 O  O   . HOH D 4 .   ? -18.620 14.222  5.314   1.00 51.73 ? 231 HOH A O   1 
HETATM 1441 O  O   . HOH D 4 .   ? -10.506 18.609  5.773   1.00 55.45 ? 232 HOH A O   1 
HETATM 1442 O  O   . HOH D 4 .   ? -11.258 -0.292  -10.658 1.00 51.26 ? 233 HOH A O   1 
HETATM 1443 O  O   . HOH D 4 .   ? 0.606   9.502   -9.793  1.00 44.45 ? 234 HOH A O   1 
HETATM 1444 O  O   . HOH D 4 .   ? 4.899   6.661   -10.250 1.00 47.49 ? 235 HOH A O   1 
HETATM 1445 O  O   . HOH D 4 .   ? 20.445  -26.492 -10.690 1.00 53.58 ? 236 HOH A O   1 
HETATM 1446 O  O   . HOH D 4 .   ? 7.207   -27.025 -8.564  1.00 44.09 ? 237 HOH A O   1 
HETATM 1447 O  O   . HOH D 4 .   ? 5.716   -21.155 1.027   1.00 50.32 ? 238 HOH A O   1 
HETATM 1448 O  O   . HOH D 4 .   ? 11.372  8.135   9.593   1.00 52.80 ? 239 HOH A O   1 
HETATM 1449 O  O   . HOH D 4 .   ? 9.329   4.496   10.190  1.00 39.27 ? 240 HOH A O   1 
HETATM 1450 O  O   . HOH D 4 .   ? 8.158   1.931   9.330   1.00 50.71 ? 241 HOH A O   1 
HETATM 1451 O  O   . HOH D 4 .   ? -4.781  16.008  1.621   1.00 59.11 ? 242 HOH A O   1 
HETATM 1452 O  O   . HOH D 4 .   ? -5.820  13.444  1.269   1.00 47.41 ? 243 HOH A O   1 
# 
